data_4NQA
#
_entry.id   4NQA
#
_cell.length_a   85.783
_cell.length_b   85.783
_cell.length_c   238.577
_cell.angle_alpha   90.00
_cell.angle_beta   90.00
_cell.angle_gamma   90.00
#
_symmetry.space_group_name_H-M   'P 43'
#
loop_
_entity.id
_entity.type
_entity.pdbx_description
1 polymer 'Retinoic acid receptor RXR-alpha'
2 polymer 'Liver X nuclear receptor beta'
3 polymer 'Nuclear receptor coactivator 2'
4 polymer "5'-D(*TP*AP*AP*GP*GP*TP*CP*AP*CP*TP*TP*CP*AP*GP*GP*TP*CP*A)-3'"
5 polymer "5'-D(*TP*AP*TP*GP*AP*CP*CP*TP*GP*AP*AP*GP*TP*GP*AP*CP*CP*T)-3'"
6 non-polymer '(9cis)-retinoic acid'
7 non-polymer 'ZINC ION'
8 non-polymer '[3-(3-{[2-chloro-3-(trifluoromethyl)benzyl](2,2-diphenylethyl)amino}propoxy)phenyl]acetic acid'
#
loop_
_entity_poly.entity_id
_entity_poly.type
_entity_poly.pdbx_seq_one_letter_code
_entity_poly.pdbx_strand_id
1 'polypeptide(L)'
;MNPVSSSEDIKPPLGLNGVLKVPAHPSGNMASFTKHICAICGDRSSGKHYGVYSCEGCKGFFKRTVRKDLTYTCRDNKDC
LIDKRQRNRCQYCRYQKCLAMGMKREAVQEERQRGKDRNENEVESTSSANEDMPVERILEAELAVEPKTETYVEANMGLN
PSSPNDPVTNICQAADKQLFTLVEWAKRIPHFSELPLDDQVILLRAGWNELLIASFSHRSIAVKDGILLATGLHVHRNSA
HSAGVGAIFDRVLTELVSKMRDMQMDKTELGCLRAIVLFNPDSKGLSNPAEVEALREKVYASLEAYCKHKYPEQPGRFAK
LLLRLPALRSIGLKCLEHLFFFKLIGDTPIDTFLMEMLEAPHQMT
;
A,H
2 'polypeptide(L)'
;MKRKKGPAPKMLGHELCRVCGDKASGFHYNVLSCEGCKGFFRRSVVRGGARRYACRGGGTCQMDAFMRRKCQQCRLRKCK
EAGMREQCVLSEEQIRKKKIRKQQQQESQSQSQSPVGPQGSSSSASGPGASPGGSEAGSQGSGEGEGVQLTAAQELMIQQ
LVAAQLQCNKRSFSDQPKVTPWPLGADPQSRDARQQRFAHFTELAIISVQEIVDFAKQVPGFLQLGREDQIALLKASTIE
IMLLETARRYNHETECITFLKDFTYSKDDFHRAGLQVEFINPIFEFSRAMRRLGLDDAEYALLIAINIFSADRPNVQEPG
RVEALQQPYVEALLSYTRIKRPQDQLRFPRMLMKLVSLRTLSSVHSEQVFALRLQDKKLPPLLSEIWDVHE
;
B,I
3 'polypeptide(L)' KHKILHRLLQDSS C,D,J,K
4 'polydeoxyribonucleotide' (DT)(DA)(DA)(DG)(DG)(DT)(DC)(DA)(DC)(DT)(DT)(DC)(DA)(DG)(DG)(DT)(DC)(DA) E,L
5 'polydeoxyribonucleotide' (DT)(DA)(DT)(DG)(DA)(DC)(DC)(DT)(DG)(DA)(DA)(DG)(DT)(DG)(DA)(DC)(DC)(DT) F,M
#
# COMPACT_ATOMS: atom_id res chain seq x y z
N ALA A 31 27.60 32.56 24.43
CA ALA A 31 28.46 31.47 24.88
C ALA A 31 29.51 31.13 23.83
N SER A 32 30.69 31.74 23.96
CA SER A 32 31.77 31.52 23.00
C SER A 32 32.73 30.42 23.47
N PHE A 33 32.49 29.88 24.65
CA PHE A 33 33.32 28.80 25.18
C PHE A 33 32.97 27.47 24.49
N THR A 34 31.73 27.36 24.03
CA THR A 34 31.26 26.18 23.33
C THR A 34 32.03 25.94 22.03
N LYS A 35 32.75 26.97 21.60
CA LYS A 35 33.61 26.88 20.42
C LYS A 35 34.73 25.87 20.65
N HIS A 36 35.09 25.67 21.92
CA HIS A 36 36.19 24.79 22.26
C HIS A 36 35.74 23.36 22.57
N ILE A 37 34.45 23.09 22.44
CA ILE A 37 33.92 21.76 22.72
C ILE A 37 33.18 21.16 21.53
N CYS A 38 32.98 19.85 21.58
CA CYS A 38 32.21 19.15 20.55
C CYS A 38 30.72 19.43 20.73
N ALA A 39 30.04 19.70 19.62
CA ALA A 39 28.63 20.07 19.67
C ALA A 39 27.70 18.86 19.76
N ILE A 40 28.27 17.67 19.68
CA ILE A 40 27.47 16.44 19.72
C ILE A 40 27.66 15.67 21.02
N CYS A 41 28.82 15.03 21.16
CA CYS A 41 29.09 14.19 22.33
C CYS A 41 29.51 15.02 23.54
N GLY A 42 29.75 16.30 23.32
CA GLY A 42 30.12 17.21 24.40
C GLY A 42 31.54 16.98 24.89
N ASP A 43 32.42 16.57 23.99
CA ASP A 43 33.83 16.38 24.32
C ASP A 43 34.62 17.60 23.85
N ARG A 44 35.91 17.61 24.12
CA ARG A 44 36.79 18.68 23.65
C ARG A 44 37.02 18.48 22.16
N SER A 45 36.80 19.54 21.37
CA SER A 45 36.89 19.41 19.92
C SER A 45 38.19 19.96 19.34
N SER A 46 38.37 19.75 18.05
CA SER A 46 39.50 20.31 17.31
C SER A 46 39.11 21.55 16.52
N GLY A 47 37.85 21.95 16.63
CA GLY A 47 37.31 23.02 15.82
C GLY A 47 36.37 22.50 14.75
N LYS A 48 35.90 23.40 13.88
CA LYS A 48 34.95 23.03 12.83
C LYS A 48 35.48 21.96 11.90
N HIS A 49 34.61 21.05 11.50
CA HIS A 49 34.94 20.05 10.50
C HIS A 49 33.88 20.02 9.40
N TYR A 50 32.70 19.53 9.74
CA TYR A 50 31.61 19.38 8.77
C TYR A 50 30.64 20.57 8.73
N GLY A 51 31.02 21.65 9.40
CA GLY A 51 30.18 22.83 9.53
C GLY A 51 29.75 23.08 10.96
N VAL A 52 30.05 22.13 11.84
CA VAL A 52 29.90 22.36 13.27
C VAL A 52 31.20 22.02 13.99
N TYR A 53 31.33 22.50 15.23
CA TYR A 53 32.51 22.19 16.02
C TYR A 53 32.36 20.81 16.65
N SER A 54 33.27 19.91 16.32
CA SER A 54 33.21 18.54 16.81
C SER A 54 34.60 17.92 16.93
N CYS A 55 34.71 16.91 17.78
CA CYS A 55 35.99 16.23 17.99
C CYS A 55 36.33 15.32 16.82
N GLU A 56 37.48 14.66 16.90
CA GLU A 56 37.94 13.78 15.83
C GLU A 56 37.08 12.51 15.74
N GLY A 57 36.46 12.15 16.86
CA GLY A 57 35.60 10.98 16.90
C GLY A 57 34.37 11.14 16.04
N CYS A 58 33.62 12.21 16.28
CA CYS A 58 32.42 12.51 15.51
C CYS A 58 32.78 12.84 14.06
N LYS A 59 33.95 13.43 13.88
CA LYS A 59 34.46 13.75 12.56
C LYS A 59 34.65 12.49 11.72
N GLY A 60 35.45 11.57 12.24
CA GLY A 60 35.70 10.31 11.57
C GLY A 60 34.45 9.47 11.43
N PHE A 61 33.55 9.58 12.40
CA PHE A 61 32.30 8.84 12.38
C PHE A 61 31.40 9.32 11.25
N PHE A 62 31.21 10.64 11.16
CA PHE A 62 30.39 11.23 10.11
C PHE A 62 31.03 10.99 8.75
N LYS A 63 32.35 11.01 8.72
CA LYS A 63 33.11 10.74 7.50
C LYS A 63 32.85 9.33 6.99
N ARG A 64 33.14 8.35 7.83
CA ARG A 64 32.98 6.94 7.49
C ARG A 64 31.53 6.59 7.21
N THR A 65 30.62 7.33 7.84
CA THR A 65 29.20 7.09 7.64
C THR A 65 28.76 7.59 6.28
N VAL A 66 28.85 8.92 6.10
CA VAL A 66 28.44 9.56 4.84
C VAL A 66 29.13 8.97 3.62
N ARG A 67 30.39 8.55 3.78
CA ARG A 67 31.14 7.94 2.67
C ARG A 67 30.39 6.74 2.07
N LYS A 68 30.04 5.77 2.89
CA LYS A 68 29.27 4.62 2.42
C LYS A 68 27.76 4.88 2.51
N ASP A 69 27.39 5.90 3.28
CA ASP A 69 25.99 6.24 3.56
C ASP A 69 25.13 5.02 3.93
N LEU A 70 25.66 4.20 4.82
CA LEU A 70 24.95 3.02 5.30
C LEU A 70 23.86 3.38 6.30
N THR A 71 22.66 2.85 6.08
CA THR A 71 21.52 3.16 6.94
C THR A 71 21.54 2.34 8.22
N TYR A 72 21.62 3.04 9.35
CA TYR A 72 21.66 2.40 10.66
C TYR A 72 20.28 1.98 11.16
N THR A 73 20.25 0.96 12.01
CA THR A 73 19.03 0.55 12.67
C THR A 73 19.23 0.47 14.18
N CYS A 74 18.55 1.36 14.91
CA CYS A 74 18.66 1.40 16.36
C CYS A 74 17.43 0.80 17.01
N ARG A 75 17.63 -0.23 17.83
CA ARG A 75 16.51 -0.78 18.58
C ARG A 75 16.61 -0.29 20.01
N ASP A 76 15.80 0.72 20.31
CA ASP A 76 15.64 1.24 21.68
C ASP A 76 14.17 1.52 22.07
N ASN A 77 13.49 2.47 21.39
CA ASN A 77 13.98 3.12 20.18
C ASN A 77 13.90 4.66 20.16
N LYS A 78 14.94 5.26 19.60
CA LYS A 78 15.04 6.71 19.38
C LYS A 78 14.97 7.55 20.66
N ASP A 79 15.25 6.92 21.81
CA ASP A 79 15.34 7.66 23.06
C ASP A 79 16.79 7.93 23.45
N CYS A 80 17.72 7.44 22.63
CA CYS A 80 19.14 7.45 22.98
C CYS A 80 19.71 8.86 23.19
N LEU A 81 20.35 9.05 24.34
CA LEU A 81 21.01 10.31 24.65
C LEU A 81 22.52 10.11 24.48
N ILE A 82 23.11 10.82 23.52
CA ILE A 82 24.52 10.66 23.22
C ILE A 82 25.40 11.61 24.02
N ASP A 83 26.33 11.05 24.76
CA ASP A 83 27.28 11.84 25.54
C ASP A 83 28.71 11.41 25.19
N LYS A 84 29.68 11.98 25.89
CA LYS A 84 31.09 11.71 25.64
C LYS A 84 31.46 10.23 25.81
N ARG A 85 30.96 9.63 26.89
CA ARG A 85 31.35 8.26 27.25
C ARG A 85 30.69 7.17 26.40
N GLN A 86 29.37 7.26 26.24
CA GLN A 86 28.59 6.18 25.63
C GLN A 86 28.35 6.32 24.12
N ARG A 87 28.98 7.32 23.51
CA ARG A 87 28.70 7.68 22.11
C ARG A 87 28.83 6.54 21.09
N ASN A 88 29.64 5.52 21.41
CA ASN A 88 29.86 4.42 20.48
C ASN A 88 28.89 3.26 20.63
N ARG A 89 28.01 3.34 21.62
CA ARG A 89 27.05 2.27 21.87
C ARG A 89 25.96 2.24 20.81
N CYS A 90 25.46 3.42 20.45
CA CYS A 90 24.43 3.53 19.42
C CYS A 90 24.89 4.50 18.33
N GLN A 91 25.12 3.96 17.14
CA GLN A 91 25.64 4.76 16.02
C GLN A 91 24.54 5.55 15.33
N TYR A 92 23.34 4.98 15.29
CA TYR A 92 22.19 5.61 14.65
C TYR A 92 21.90 6.99 15.23
N CYS A 93 21.53 7.02 16.50
CA CYS A 93 21.17 8.26 17.18
C CYS A 93 22.34 9.25 17.22
N ARG A 94 23.56 8.72 17.19
CA ARG A 94 24.74 9.57 17.13
C ARG A 94 24.79 10.29 15.79
N TYR A 95 24.54 9.56 14.72
CA TYR A 95 24.51 10.14 13.38
C TYR A 95 23.35 11.14 13.25
N GLN A 96 22.22 10.81 13.87
CA GLN A 96 21.05 11.67 13.83
C GLN A 96 21.32 12.98 14.57
N LYS A 97 22.06 12.89 15.68
CA LYS A 97 22.41 14.09 16.43
C LYS A 97 23.46 14.91 15.68
N CYS A 98 24.36 14.22 15.00
CA CYS A 98 25.36 14.89 14.16
C CYS A 98 24.68 15.68 13.06
N LEU A 99 23.67 15.07 12.44
CA LEU A 99 22.94 15.71 11.36
C LEU A 99 22.04 16.82 11.90
N ALA A 100 21.60 16.66 13.14
CA ALA A 100 20.73 17.64 13.78
C ALA A 100 21.49 18.91 14.17
N MET A 101 22.79 18.78 14.39
CA MET A 101 23.62 19.92 14.78
C MET A 101 23.95 20.81 13.59
N GLY A 102 23.59 20.36 12.38
CA GLY A 102 23.86 21.14 11.18
C GLY A 102 25.02 20.66 10.33
N MET A 103 25.51 19.45 10.60
CA MET A 103 26.54 18.85 9.76
C MET A 103 25.99 18.58 8.34
N LYS A 104 26.84 18.81 7.34
CA LYS A 104 26.42 18.64 5.96
C LYS A 104 27.03 17.39 5.34
N ARG A 105 26.21 16.63 4.60
CA ARG A 105 26.70 15.47 3.88
C ARG A 105 27.39 15.90 2.59
N GLU A 106 27.15 17.14 2.19
CA GLU A 106 27.78 17.70 0.99
C GLU A 106 29.21 18.16 1.31
N ALA A 107 29.48 18.41 2.58
CA ALA A 107 30.80 18.84 3.02
C ALA A 107 31.79 17.69 2.99
N VAL A 108 31.26 16.47 3.13
CA VAL A 108 32.09 15.28 3.08
C VAL A 108 32.57 15.03 1.66
N GLN A 109 33.89 14.90 1.51
CA GLN A 109 34.49 14.68 0.20
C GLN A 109 34.40 13.21 -0.20
N GLU A 110 35.14 12.84 -1.24
CA GLU A 110 35.15 11.48 -1.78
C GLU A 110 33.82 11.05 -2.42
N GLU A 111 33.25 11.94 -3.22
CA GLU A 111 32.27 11.60 -4.26
C GLU A 111 30.87 11.10 -3.86
N ARG A 112 30.66 10.77 -2.59
CA ARG A 112 29.41 10.09 -2.23
C ARG A 112 28.46 10.86 -1.30
N GLN A 113 27.19 10.90 -1.70
CA GLN A 113 26.11 11.39 -0.84
C GLN A 113 24.84 10.57 -1.09
N ARG A 114 24.17 10.17 0.00
CA ARG A 114 22.90 9.44 -0.06
C ARG A 114 23.03 8.02 -0.63
N GLY A 115 24.17 7.72 -1.26
CA GLY A 115 24.38 6.44 -1.89
C GLY A 115 23.47 6.24 -3.08
N SER A 127 17.01 -19.69 12.59
CA SER A 127 17.70 -20.19 13.78
C SER A 127 16.71 -20.71 14.80
N SER A 128 17.21 -21.42 15.81
CA SER A 128 16.35 -22.01 16.82
C SER A 128 16.41 -21.28 18.17
N ALA A 129 15.56 -21.74 19.09
CA ALA A 129 15.67 -21.42 20.50
C ALA A 129 15.46 -22.75 21.20
N ASN A 130 16.49 -23.26 21.88
CA ASN A 130 16.45 -24.66 22.30
C ASN A 130 16.91 -24.95 23.73
N GLU A 131 16.78 -26.22 24.10
CA GLU A 131 17.24 -26.78 25.38
C GLU A 131 16.39 -26.37 26.59
N ASP A 132 15.60 -25.31 26.43
CA ASP A 132 14.58 -24.97 27.42
C ASP A 132 13.35 -25.82 27.14
N MET A 133 13.02 -25.94 25.86
CA MET A 133 11.94 -26.80 25.40
C MET A 133 12.42 -27.56 24.17
N PRO A 134 13.28 -28.57 24.38
CA PRO A 134 13.89 -29.31 23.27
C PRO A 134 12.90 -30.23 22.57
N VAL A 135 13.00 -30.30 21.24
CA VAL A 135 12.11 -31.14 20.44
C VAL A 135 12.54 -32.60 20.48
N GLU A 136 13.78 -32.84 20.89
CA GLU A 136 14.32 -34.19 20.96
C GLU A 136 13.69 -34.99 22.10
N ARG A 137 13.45 -34.32 23.22
CA ARG A 137 12.80 -34.96 24.36
C ARG A 137 11.32 -35.23 24.06
N ILE A 138 10.71 -34.34 23.30
CA ILE A 138 9.33 -34.50 22.86
C ILE A 138 9.23 -35.71 21.93
N LEU A 139 10.19 -35.79 21.00
CA LEU A 139 10.29 -36.92 20.09
C LEU A 139 10.47 -38.21 20.89
N GLU A 140 11.30 -38.14 21.93
CA GLU A 140 11.51 -39.28 22.81
C GLU A 140 10.22 -39.70 23.50
N ALA A 141 9.39 -38.70 23.85
CA ALA A 141 8.11 -38.98 24.47
C ALA A 141 7.17 -39.70 23.50
N GLU A 142 7.07 -39.18 22.29
CA GLU A 142 6.23 -39.79 21.26
C GLU A 142 6.67 -41.20 20.91
N LEU A 143 7.98 -41.40 20.82
CA LEU A 143 8.54 -42.72 20.52
C LEU A 143 8.31 -43.68 21.68
N ALA A 144 8.36 -43.15 22.90
CA ALA A 144 8.13 -43.95 24.10
C ALA A 144 6.69 -44.43 24.15
N VAL A 145 5.75 -43.52 23.93
CA VAL A 145 4.34 -43.85 24.04
C VAL A 145 3.82 -44.67 22.87
N GLU A 146 4.23 -44.33 21.65
CA GLU A 146 3.80 -45.06 20.47
C GLU A 146 4.93 -45.93 19.91
N PRO A 147 4.85 -47.25 20.15
CA PRO A 147 5.79 -48.23 19.59
C PRO A 147 5.55 -48.49 18.12
N LYS A 148 4.35 -48.18 17.63
CA LYS A 148 3.94 -48.58 16.29
C LYS A 148 4.49 -47.68 15.19
N THR A 149 5.28 -48.27 14.30
CA THR A 149 5.77 -47.59 13.10
C THR A 149 5.87 -48.60 11.97
N GLU A 150 6.27 -48.15 10.80
CA GLU A 150 6.47 -49.04 9.66
C GLU A 150 7.59 -48.55 8.75
N THR A 151 8.36 -49.49 8.21
CA THR A 151 9.47 -49.16 7.32
C THR A 151 9.34 -49.94 6.02
N TYR A 152 10.35 -49.81 5.15
CA TYR A 152 10.36 -50.53 3.88
C TYR A 152 10.57 -52.03 4.10
N GLU A 154 7.85 -55.84 3.58
CA GLU A 154 6.76 -56.21 2.69
C GLU A 154 5.85 -57.27 3.33
N ALA A 155 4.55 -57.11 3.12
CA ALA A 155 3.54 -58.02 3.65
C ALA A 155 3.59 -58.17 5.17
N ASN A 156 3.63 -57.04 5.88
CA ASN A 156 3.58 -57.06 7.34
C ASN A 156 3.06 -55.76 7.97
N MET A 157 2.51 -55.90 9.17
CA MET A 157 2.05 -54.78 10.00
C MET A 157 1.54 -55.36 11.30
N GLY A 158 1.48 -54.55 12.36
CA GLY A 158 1.20 -55.08 13.68
C GLY A 158 -0.20 -55.60 13.95
N LEU A 159 -1.19 -54.73 13.88
CA LEU A 159 -2.58 -55.15 14.06
C LEU A 159 -3.61 -54.35 13.26
N ASN A 160 -4.47 -55.05 12.53
CA ASN A 160 -5.73 -54.45 12.07
C ASN A 160 -6.92 -55.43 11.97
N PRO A 161 -7.37 -55.97 13.11
CA PRO A 161 -8.59 -56.79 13.04
C PRO A 161 -9.80 -55.87 13.04
N SER A 162 -11.00 -56.41 12.90
CA SER A 162 -12.20 -55.57 12.91
C SER A 162 -13.47 -56.27 13.37
N SER A 163 -14.52 -55.47 13.49
CA SER A 163 -15.90 -55.89 13.69
C SER A 163 -16.69 -54.61 13.90
N PRO A 164 -17.85 -54.46 13.26
CA PRO A 164 -18.55 -53.21 13.54
C PRO A 164 -19.47 -53.29 14.75
N ASN A 165 -18.98 -53.87 15.84
CA ASN A 165 -19.65 -53.78 17.14
C ASN A 165 -18.65 -53.81 18.29
N ASP A 166 -18.74 -52.86 19.23
CA ASP A 166 -19.52 -51.65 19.05
C ASP A 166 -18.51 -50.50 18.98
N PRO A 167 -18.53 -49.74 17.87
CA PRO A 167 -17.53 -48.70 17.61
C PRO A 167 -17.35 -47.71 18.77
N VAL A 168 -18.45 -47.22 19.32
CA VAL A 168 -18.40 -46.24 20.40
C VAL A 168 -17.76 -46.84 21.66
N THR A 169 -18.21 -48.04 22.01
CA THR A 169 -17.70 -48.75 23.19
C THR A 169 -16.22 -49.06 23.05
N ASN A 170 -15.81 -49.50 21.87
CA ASN A 170 -14.40 -49.80 21.60
C ASN A 170 -13.52 -48.55 21.63
N ILE A 171 -14.08 -47.44 21.15
CA ILE A 171 -13.35 -46.18 21.14
C ILE A 171 -13.19 -45.62 22.56
N CYS A 172 -14.25 -45.75 23.37
CA CYS A 172 -14.18 -45.35 24.77
C CYS A 172 -13.20 -46.23 25.54
N GLN A 173 -13.21 -47.52 25.21
CA GLN A 173 -12.29 -48.48 25.82
C GLN A 173 -10.85 -48.14 25.49
N ALA A 174 -10.60 -47.82 24.22
CA ALA A 174 -9.26 -47.44 23.78
C ALA A 174 -8.82 -46.12 24.41
N ALA A 175 -9.78 -45.21 24.61
CA ALA A 175 -9.50 -43.93 25.23
C ALA A 175 -9.07 -44.10 26.67
N ASP A 176 -9.87 -44.87 27.42
CA ASP A 176 -9.54 -45.19 28.80
C ASP A 176 -8.21 -45.90 28.88
N LYS A 177 -7.94 -46.75 27.91
CA LYS A 177 -6.65 -47.44 27.81
C LYS A 177 -5.51 -46.45 27.63
N GLN A 178 -5.76 -45.39 26.86
CA GLN A 178 -4.70 -44.47 26.49
C GLN A 178 -4.57 -43.24 27.39
N LEU A 179 -5.44 -43.12 28.39
CA LEU A 179 -5.31 -42.04 29.37
C LEU A 179 -4.05 -42.22 30.22
N PHE A 180 -3.75 -43.47 30.56
CA PHE A 180 -2.56 -43.79 31.35
C PHE A 180 -1.30 -43.47 30.56
N THR A 181 -1.30 -43.83 29.28
CA THR A 181 -0.20 -43.52 28.39
C THR A 181 -0.18 -42.02 28.10
N LEU A 182 -1.29 -41.36 28.37
CA LEU A 182 -1.38 -39.92 28.18
C LEU A 182 -0.68 -39.18 29.32
N VAL A 183 -0.90 -39.61 30.55
CA VAL A 183 -0.15 -39.05 31.67
C VAL A 183 1.34 -39.43 31.55
N GLU A 184 1.59 -40.68 31.19
CA GLU A 184 2.97 -41.14 30.98
C GLU A 184 3.65 -40.37 29.84
N TRP A 185 2.87 -39.87 28.90
CA TRP A 185 3.39 -39.02 27.83
C TRP A 185 3.65 -37.62 28.38
N ALA A 186 2.74 -37.16 29.23
CA ALA A 186 2.81 -35.81 29.79
C ALA A 186 4.04 -35.62 30.66
N LYS A 187 4.41 -36.66 31.40
CA LYS A 187 5.57 -36.58 32.29
C LYS A 187 6.88 -36.41 31.54
N ARG A 188 6.97 -37.04 30.36
CA ARG A 188 8.18 -37.00 29.56
C ARG A 188 8.32 -35.67 28.80
N ILE A 189 7.24 -34.90 28.78
CA ILE A 189 7.26 -33.58 28.17
C ILE A 189 7.94 -32.59 29.12
N PRO A 190 8.96 -31.87 28.62
CA PRO A 190 9.77 -30.94 29.42
C PRO A 190 8.95 -29.93 30.21
N HIS A 191 9.41 -29.66 31.44
CA HIS A 191 8.86 -28.60 32.29
C HIS A 191 7.44 -28.83 32.82
N PHE A 192 6.77 -29.87 32.31
CA PHE A 192 5.42 -30.18 32.77
C PHE A 192 5.43 -30.77 34.17
N SER A 193 6.41 -31.63 34.44
CA SER A 193 6.53 -32.29 35.73
C SER A 193 6.96 -31.30 36.82
N GLU A 194 7.54 -30.18 36.40
CA GLU A 194 7.99 -29.16 37.33
C GLU A 194 6.82 -28.30 37.81
N LEU A 195 5.74 -28.29 37.03
CA LEU A 195 4.54 -27.54 37.38
C LEU A 195 3.88 -28.10 38.63
N PRO A 196 3.10 -27.27 39.34
CA PRO A 196 2.33 -27.76 40.49
C PRO A 196 1.39 -28.89 40.09
N LEU A 197 1.17 -29.82 41.00
CA LEU A 197 0.42 -31.04 40.71
C LEU A 197 -1.02 -30.77 40.27
N ASP A 198 -1.68 -29.86 40.99
CA ASP A 198 -3.07 -29.52 40.69
C ASP A 198 -3.23 -28.92 39.29
N ASP A 199 -2.28 -28.08 38.90
CA ASP A 199 -2.29 -27.49 37.56
C ASP A 199 -2.08 -28.56 36.49
N GLN A 200 -1.22 -29.54 36.79
CA GLN A 200 -1.01 -30.67 35.89
C GLN A 200 -2.33 -31.42 35.69
N VAL A 201 -3.01 -31.68 36.80
CA VAL A 201 -4.32 -32.32 36.79
C VAL A 201 -5.30 -31.54 35.91
N ILE A 202 -5.39 -30.24 36.15
CA ILE A 202 -6.30 -29.38 35.38
C ILE A 202 -6.00 -29.40 33.88
N LEU A 203 -4.73 -29.26 33.52
CA LEU A 203 -4.31 -29.24 32.13
C LEU A 203 -4.62 -30.57 31.43
N LEU A 204 -4.36 -31.68 32.13
CA LEU A 204 -4.67 -32.99 31.57
C LEU A 204 -6.18 -33.18 31.38
N ARG A 205 -6.95 -32.80 32.40
CA ARG A 205 -8.40 -32.90 32.33
C ARG A 205 -8.98 -32.02 31.21
N ALA A 206 -8.28 -30.93 30.91
CA ALA A 206 -8.72 -30.01 29.88
C ALA A 206 -8.37 -30.48 28.47
N GLY A 207 -7.16 -31.01 28.29
CA GLY A 207 -6.66 -31.32 26.96
C GLY A 207 -6.67 -32.78 26.53
N TRP A 208 -7.00 -33.68 27.44
CA TRP A 208 -6.93 -35.12 27.19
C TRP A 208 -7.63 -35.55 25.90
N ASN A 209 -8.78 -34.95 25.63
CA ASN A 209 -9.57 -35.29 24.45
C ASN A 209 -8.82 -35.03 23.15
N GLU A 210 -8.36 -33.78 22.99
CA GLU A 210 -7.64 -33.40 21.78
C GLU A 210 -6.30 -34.13 21.68
N LEU A 211 -5.70 -34.40 22.83
CA LEU A 211 -4.45 -35.17 22.86
C LEU A 211 -4.64 -36.57 22.27
N LEU A 212 -5.60 -37.31 22.84
CA LEU A 212 -5.92 -38.64 22.35
C LEU A 212 -6.34 -38.61 20.88
N ILE A 213 -7.12 -37.59 20.51
CA ILE A 213 -7.59 -37.44 19.15
C ILE A 213 -6.45 -37.29 18.14
N ALA A 214 -5.53 -36.38 18.44
CA ALA A 214 -4.35 -36.19 17.59
C ALA A 214 -3.53 -37.47 17.54
N SER A 215 -3.45 -38.15 18.68
CA SER A 215 -2.70 -39.41 18.77
C SER A 215 -3.23 -40.46 17.81
N PHE A 216 -4.52 -40.78 17.92
CA PHE A 216 -5.08 -41.83 17.07
C PHE A 216 -5.22 -41.38 15.62
N SER A 217 -5.31 -40.07 15.41
CA SER A 217 -5.33 -39.53 14.06
C SER A 217 -4.00 -39.82 13.37
N HIS A 218 -2.91 -39.48 14.03
CA HIS A 218 -1.59 -39.73 13.47
C HIS A 218 -1.26 -41.22 13.44
N ARG A 219 -1.92 -42.00 14.29
CA ARG A 219 -1.78 -43.44 14.27
C ARG A 219 -2.49 -44.01 13.04
N SER A 220 -3.58 -43.37 12.66
CA SER A 220 -4.41 -43.83 11.55
C SER A 220 -4.00 -43.18 10.24
N ILE A 221 -2.90 -42.43 10.27
CA ILE A 221 -2.40 -41.70 9.11
C ILE A 221 -2.15 -42.61 7.90
N ALA A 222 -1.96 -43.90 8.15
CA ALA A 222 -1.64 -44.85 7.10
C ALA A 222 -2.88 -45.60 6.57
N VAL A 223 -4.05 -45.29 7.10
CA VAL A 223 -5.26 -46.00 6.71
C VAL A 223 -6.44 -45.05 6.41
N LYS A 224 -7.07 -45.26 5.26
CA LYS A 224 -8.27 -44.51 4.89
C LYS A 224 -9.27 -45.44 4.20
N ASP A 225 -10.49 -45.54 4.72
CA ASP A 225 -10.89 -44.99 6.01
C ASP A 225 -11.65 -46.12 6.71
N GLY A 226 -11.39 -46.32 8.01
CA GLY A 226 -10.92 -45.28 8.90
C GLY A 226 -10.24 -45.82 10.14
N ILE A 227 -10.17 -44.98 11.17
CA ILE A 227 -9.16 -45.06 12.23
C ILE A 227 -8.88 -46.41 12.90
N LEU A 228 -7.60 -46.61 13.21
CA LEU A 228 -7.14 -47.76 13.99
C LEU A 228 -7.12 -47.42 15.47
N LEU A 229 -7.75 -48.26 16.28
CA LEU A 229 -7.76 -48.06 17.73
C LEU A 229 -6.47 -48.54 18.37
N ALA A 230 -6.14 -47.97 19.53
CA ALA A 230 -4.94 -48.37 20.27
C ALA A 230 -5.09 -49.77 20.85
N THR A 231 -6.33 -50.23 20.97
CA THR A 231 -6.60 -51.60 21.38
C THR A 231 -6.34 -52.56 20.22
N GLY A 232 -6.10 -51.99 19.04
CA GLY A 232 -5.78 -52.76 17.86
C GLY A 232 -6.96 -52.92 16.92
N LEU A 233 -8.16 -52.79 17.47
CA LEU A 233 -9.38 -52.97 16.68
C LEU A 233 -9.61 -51.83 15.69
N HIS A 234 -10.43 -52.11 14.68
CA HIS A 234 -10.67 -51.15 13.61
C HIS A 234 -12.10 -50.61 13.65
N VAL A 235 -12.28 -49.39 13.16
CA VAL A 235 -13.59 -48.73 13.20
C VAL A 235 -14.37 -48.84 11.88
N HIS A 236 -13.78 -48.35 10.78
CA HIS A 236 -14.45 -48.41 9.48
C HIS A 236 -15.76 -47.61 9.38
N ARG A 237 -15.61 -46.33 9.05
CA ARG A 237 -16.63 -45.28 9.22
C ARG A 237 -18.08 -45.68 8.90
N ASN A 238 -18.28 -46.63 7.99
CA ASN A 238 -19.61 -47.21 7.79
C ASN A 238 -20.23 -47.60 9.14
N SER A 239 -19.41 -48.20 9.99
CA SER A 239 -19.83 -48.58 11.34
C SER A 239 -20.16 -47.35 12.17
N ALA A 240 -19.43 -46.26 11.93
CA ALA A 240 -19.68 -45.01 12.63
C ALA A 240 -20.99 -44.38 12.18
N HIS A 241 -21.29 -44.51 10.89
CA HIS A 241 -22.55 -44.01 10.34
C HIS A 241 -23.73 -44.81 10.87
N SER A 242 -23.55 -46.13 10.97
CA SER A 242 -24.61 -46.99 11.49
C SER A 242 -24.79 -46.78 13.00
N ALA A 243 -23.81 -46.16 13.64
CA ALA A 243 -23.87 -45.87 15.06
C ALA A 243 -24.39 -44.47 15.35
N GLY A 244 -24.63 -43.70 14.30
CA GLY A 244 -25.16 -42.35 14.44
C GLY A 244 -24.11 -41.29 14.72
N VAL A 245 -22.88 -41.73 14.94
CA VAL A 245 -21.78 -40.82 15.24
C VAL A 245 -20.98 -40.43 13.99
N GLY A 246 -21.45 -40.89 12.83
CA GLY A 246 -20.74 -40.72 11.57
C GLY A 246 -20.30 -39.32 11.21
N ALA A 247 -21.04 -38.31 11.65
CA ALA A 247 -20.73 -36.92 11.32
C ALA A 247 -19.37 -36.47 11.87
N ILE A 248 -19.22 -36.55 13.19
CA ILE A 248 -17.99 -36.14 13.84
C ILE A 248 -16.83 -37.05 13.42
N PHE A 249 -17.14 -38.31 13.17
CA PHE A 249 -16.13 -39.28 12.74
C PHE A 249 -15.56 -38.90 11.39
N ASP A 250 -16.43 -38.69 10.42
CA ASP A 250 -16.01 -38.27 9.08
C ASP A 250 -15.37 -36.90 9.11
N ARG A 251 -15.74 -36.08 10.10
CA ARG A 251 -15.10 -34.79 10.29
C ARG A 251 -13.64 -35.01 10.68
N VAL A 252 -13.41 -35.96 11.59
CA VAL A 252 -12.06 -36.35 11.99
C VAL A 252 -11.28 -36.90 10.81
N LEU A 253 -11.94 -37.73 10.01
CA LEU A 253 -11.31 -38.32 8.83
C LEU A 253 -10.87 -37.25 7.84
N THR A 254 -11.75 -36.29 7.59
CA THR A 254 -11.48 -35.25 6.60
C THR A 254 -10.43 -34.25 7.07
N GLU A 255 -10.63 -33.69 8.25
CA GLU A 255 -9.81 -32.56 8.70
C GLU A 255 -8.49 -32.90 9.40
N LEU A 256 -8.33 -34.15 9.80
CA LEU A 256 -7.13 -34.52 10.57
C LEU A 256 -6.21 -35.50 9.84
N VAL A 257 -6.59 -36.77 9.80
CA VAL A 257 -5.76 -37.82 9.24
C VAL A 257 -5.42 -37.57 7.77
N SER A 258 -6.41 -37.07 7.04
CA SER A 258 -6.22 -36.74 5.63
C SER A 258 -5.11 -35.71 5.44
N LYS A 259 -5.25 -34.57 6.11
CA LYS A 259 -4.27 -33.50 6.02
C LYS A 259 -2.89 -33.92 6.54
N MET A 260 -2.89 -34.67 7.65
CA MET A 260 -1.66 -35.18 8.22
C MET A 260 -0.90 -36.06 7.23
N ARG A 261 -1.65 -36.89 6.51
CA ARG A 261 -1.07 -37.77 5.51
C ARG A 261 -0.62 -36.99 4.28
N ASP A 262 -1.37 -35.94 3.94
CA ASP A 262 -1.04 -35.12 2.78
C ASP A 262 0.26 -34.34 2.99
N MET A 263 0.45 -33.81 4.19
CA MET A 263 1.65 -33.06 4.49
C MET A 263 2.75 -33.94 5.10
N GLN A 264 2.42 -35.20 5.34
CA GLN A 264 3.36 -36.17 5.91
C GLN A 264 3.99 -35.67 7.21
N MET A 265 3.17 -35.50 8.24
CA MET A 265 3.63 -35.00 9.53
C MET A 265 4.35 -36.09 10.31
N ASP A 266 5.54 -35.76 10.81
CA ASP A 266 6.35 -36.72 11.56
C ASP A 266 6.05 -36.68 13.06
N LYS A 267 6.84 -37.42 13.84
CA LYS A 267 6.63 -37.54 15.28
C LYS A 267 6.93 -36.25 16.04
N THR A 268 7.96 -35.53 15.60
CA THR A 268 8.37 -34.29 16.26
C THR A 268 7.26 -33.24 16.21
N GLU A 269 6.74 -33.00 15.01
CA GLU A 269 5.69 -32.01 14.79
C GLU A 269 4.40 -32.40 15.52
N LEU A 270 4.09 -33.69 15.50
CA LEU A 270 2.92 -34.20 16.22
C LEU A 270 3.05 -33.95 17.71
N GLY A 271 4.24 -34.23 18.25
CA GLY A 271 4.51 -34.03 19.67
C GLY A 271 4.47 -32.57 20.05
N CYS A 272 4.94 -31.71 19.15
CA CYS A 272 4.93 -30.27 19.39
C CYS A 272 3.51 -29.72 19.39
N LEU A 273 2.71 -30.15 18.43
CA LEU A 273 1.31 -29.74 18.37
C LEU A 273 0.57 -30.23 19.61
N ARG A 274 0.83 -31.48 19.99
CA ARG A 274 0.26 -32.05 21.20
C ARG A 274 0.74 -31.31 22.44
N ALA A 275 1.90 -30.68 22.35
CA ALA A 275 2.42 -29.87 23.45
C ALA A 275 1.70 -28.54 23.52
N ILE A 276 1.41 -27.97 22.35
CA ILE A 276 0.64 -26.72 22.28
C ILE A 276 -0.76 -26.95 22.84
N VAL A 277 -1.34 -28.10 22.51
CA VAL A 277 -2.63 -28.48 23.05
C VAL A 277 -2.53 -28.75 24.55
N LEU A 278 -1.41 -29.33 24.97
CA LEU A 278 -1.19 -29.70 26.36
C LEU A 278 -1.16 -28.49 27.28
N PHE A 279 -0.41 -27.46 26.88
CA PHE A 279 -0.32 -26.27 27.71
C PHE A 279 -1.38 -25.28 27.29
N ASN A 280 -2.41 -25.12 28.11
CA ASN A 280 -3.44 -24.12 27.89
C ASN A 280 -3.53 -23.13 29.05
N PRO A 281 -3.12 -21.88 28.82
CA PRO A 281 -3.20 -20.84 29.84
C PRO A 281 -4.64 -20.45 30.17
N ASP A 282 -5.57 -20.83 29.29
CA ASP A 282 -6.96 -20.44 29.43
C ASP A 282 -7.79 -21.44 30.24
N SER A 283 -7.14 -22.48 30.76
CA SER A 283 -7.84 -23.45 31.59
C SER A 283 -8.25 -22.82 32.93
N LYS A 284 -9.32 -23.33 33.53
CA LYS A 284 -9.85 -22.76 34.75
C LYS A 284 -9.24 -23.37 36.01
N GLY A 285 -8.82 -22.51 36.92
CA GLY A 285 -8.25 -22.95 38.18
C GLY A 285 -6.74 -22.94 38.19
N LEU A 286 -6.14 -22.37 37.15
CA LEU A 286 -4.69 -22.32 37.03
C LEU A 286 -4.07 -21.39 38.08
N SER A 287 -2.95 -21.82 38.65
CA SER A 287 -2.23 -21.04 39.65
C SER A 287 -1.46 -19.90 38.99
N ASN A 288 -0.74 -20.23 37.93
CA ASN A 288 0.03 -19.23 37.18
C ASN A 288 -0.03 -19.47 35.67
N PRO A 289 -1.13 -19.05 35.02
CA PRO A 289 -1.37 -19.25 33.59
C PRO A 289 -0.28 -18.67 32.70
N ALA A 290 0.42 -17.65 33.19
CA ALA A 290 1.47 -16.99 32.41
C ALA A 290 2.64 -17.93 32.13
N GLU A 291 2.91 -18.84 33.06
CA GLU A 291 3.96 -19.83 32.90
C GLU A 291 3.60 -20.80 31.79
N VAL A 292 2.36 -21.26 31.81
CA VAL A 292 1.84 -22.16 30.80
C VAL A 292 1.88 -21.52 29.42
N GLU A 293 1.43 -20.27 29.34
CA GLU A 293 1.46 -19.51 28.09
C GLU A 293 2.89 -19.35 27.59
N ALA A 294 3.81 -19.07 28.50
CA ALA A 294 5.22 -18.91 28.16
C ALA A 294 5.81 -20.20 27.60
N LEU A 295 5.50 -21.32 28.25
CA LEU A 295 5.94 -22.62 27.78
C LEU A 295 5.38 -22.91 26.39
N ARG A 296 4.12 -22.50 26.18
CA ARG A 296 3.48 -22.65 24.90
C ARG A 296 4.24 -21.87 23.83
N GLU A 297 4.65 -20.65 24.17
CA GLU A 297 5.45 -19.82 23.28
C GLU A 297 6.78 -20.52 22.96
N LYS A 298 7.38 -21.14 23.97
CA LYS A 298 8.60 -21.90 23.79
C LYS A 298 8.39 -23.02 22.77
N VAL A 299 7.23 -23.66 22.86
CA VAL A 299 6.88 -24.71 21.91
C VAL A 299 6.69 -24.14 20.50
N TYR A 300 6.15 -22.93 20.41
CA TYR A 300 6.01 -22.25 19.13
C TYR A 300 7.39 -22.06 18.48
N ALA A 301 8.30 -21.48 19.25
CA ALA A 301 9.66 -21.21 18.77
C ALA A 301 10.39 -22.49 18.37
N SER A 302 10.30 -23.51 19.22
CA SER A 302 10.97 -24.77 18.97
C SER A 302 10.43 -25.47 17.73
N LEU A 303 9.10 -25.51 17.60
CA LEU A 303 8.45 -26.14 16.45
C LEU A 303 8.79 -25.40 15.16
N GLU A 304 8.70 -24.08 15.19
CA GLU A 304 9.04 -23.26 14.03
C GLU A 304 10.50 -23.49 13.63
N ALA A 305 11.35 -23.67 14.63
CA ALA A 305 12.76 -23.97 14.40
C ALA A 305 12.92 -25.30 13.68
N TYR A 306 12.28 -26.33 14.22
CA TYR A 306 12.34 -27.67 13.61
C TYR A 306 11.80 -27.67 12.19
N CYS A 307 10.80 -26.82 11.93
CA CYS A 307 10.24 -26.70 10.60
C CYS A 307 11.21 -25.99 9.65
N LYS A 308 11.90 -24.98 10.17
CA LYS A 308 12.87 -24.25 9.37
C LYS A 308 14.16 -25.05 9.17
N HIS A 309 14.30 -26.14 9.92
CA HIS A 309 15.45 -27.03 9.76
C HIS A 309 15.15 -28.23 8.87
N LYS A 310 14.25 -29.09 9.34
CA LYS A 310 13.91 -30.32 8.65
C LYS A 310 13.28 -30.08 7.27
N TYR A 311 12.39 -29.10 7.19
CA TYR A 311 11.71 -28.80 5.93
C TYR A 311 11.93 -27.36 5.47
N PRO A 312 13.12 -27.08 4.89
CA PRO A 312 13.40 -25.77 4.32
C PRO A 312 12.61 -25.53 3.05
N GLU A 313 12.12 -26.61 2.45
CA GLU A 313 11.36 -26.53 1.21
C GLU A 313 10.03 -25.80 1.39
N GLN A 314 9.37 -26.05 2.51
CA GLN A 314 8.03 -25.52 2.75
C GLN A 314 8.03 -24.40 3.77
N PRO A 315 7.80 -23.16 3.31
CA PRO A 315 7.68 -21.99 4.20
C PRO A 315 6.38 -22.04 5.01
N GLY A 316 5.36 -22.67 4.46
CA GLY A 316 4.05 -22.71 5.09
C GLY A 316 3.79 -23.97 5.89
N ARG A 317 4.85 -24.71 6.20
CA ARG A 317 4.74 -25.94 6.98
C ARG A 317 4.28 -25.63 8.40
N PHE A 318 5.01 -24.72 9.06
CA PHE A 318 4.72 -24.31 10.42
C PHE A 318 3.31 -23.73 10.54
N ALA A 319 2.97 -22.84 9.62
CA ALA A 319 1.65 -22.22 9.57
C ALA A 319 0.55 -23.25 9.38
N LYS A 320 0.84 -24.26 8.57
CA LYS A 320 -0.11 -25.35 8.33
C LYS A 320 -0.34 -26.13 9.62
N LEU A 321 0.76 -26.49 10.28
CA LEU A 321 0.70 -27.22 11.54
C LEU A 321 -0.10 -26.46 12.59
N LEU A 322 0.09 -25.14 12.63
CA LEU A 322 -0.66 -24.30 13.55
C LEU A 322 -2.13 -24.24 13.15
N LEU A 323 -2.39 -24.25 11.84
CA LEU A 323 -3.75 -24.16 11.32
C LEU A 323 -4.51 -25.46 11.47
N ARG A 324 -3.81 -26.54 11.80
CA ARG A 324 -4.48 -27.80 12.10
C ARG A 324 -5.13 -27.75 13.48
N LEU A 325 -4.66 -26.85 14.32
CA LEU A 325 -5.16 -26.71 15.68
C LEU A 325 -6.60 -26.20 15.85
N PRO A 326 -7.00 -25.13 15.14
CA PRO A 326 -8.39 -24.68 15.29
C PRO A 326 -9.39 -25.72 14.83
N ALA A 327 -9.01 -26.53 13.85
CA ALA A 327 -9.86 -27.62 13.39
C ALA A 327 -9.99 -28.68 14.48
N LEU A 328 -8.93 -28.84 15.26
CA LEU A 328 -8.89 -29.84 16.33
C LEU A 328 -9.80 -29.44 17.49
N ARG A 329 -9.79 -28.16 17.84
CA ARG A 329 -10.58 -27.65 18.96
C ARG A 329 -12.08 -27.88 18.75
N SER A 330 -12.55 -27.55 17.55
CA SER A 330 -13.97 -27.73 17.22
C SER A 330 -14.35 -29.20 17.25
N ILE A 331 -13.40 -30.06 16.90
CA ILE A 331 -13.61 -31.50 16.94
C ILE A 331 -13.57 -32.03 18.38
N GLY A 332 -12.57 -31.57 19.14
CA GLY A 332 -12.41 -31.98 20.52
C GLY A 332 -13.61 -31.62 21.39
N LEU A 333 -14.22 -30.47 21.11
CA LEU A 333 -15.39 -30.02 21.86
C LEU A 333 -16.63 -30.81 21.48
N LYS A 334 -16.78 -31.08 20.19
CA LYS A 334 -17.94 -31.80 19.68
C LYS A 334 -17.98 -33.23 20.21
N CYS A 335 -16.80 -33.81 20.41
CA CYS A 335 -16.69 -35.16 20.96
C CYS A 335 -17.13 -35.21 22.42
N LEU A 336 -16.84 -34.13 23.15
CA LEU A 336 -17.25 -34.04 24.54
C LEU A 336 -18.78 -34.00 24.66
N GLU A 337 -19.43 -33.38 23.69
CA GLU A 337 -20.88 -33.29 23.66
C GLU A 337 -21.51 -34.67 23.50
N HIS A 338 -20.86 -35.53 22.73
CA HIS A 338 -21.31 -36.91 22.57
C HIS A 338 -20.93 -37.74 23.79
N LEU A 339 -19.79 -37.43 24.38
CA LEU A 339 -19.34 -38.11 25.59
C LEU A 339 -20.26 -37.80 26.76
N PHE A 340 -20.70 -36.54 26.84
CA PHE A 340 -21.66 -36.13 27.86
C PHE A 340 -23.00 -36.79 27.58
N PHE A 341 -23.25 -37.10 26.31
CA PHE A 341 -24.50 -37.73 25.89
C PHE A 341 -24.55 -39.21 26.26
N PHE A 342 -23.67 -40.00 25.65
CA PHE A 342 -23.63 -41.44 25.88
C PHE A 342 -23.44 -41.81 27.36
N LYS A 343 -22.79 -40.92 28.11
CA LYS A 343 -22.64 -41.11 29.55
C LYS A 343 -23.98 -40.96 30.25
N LEU A 344 -24.73 -39.94 29.87
CA LEU A 344 -26.00 -39.64 30.51
C LEU A 344 -27.09 -40.61 30.11
N ILE A 345 -26.96 -41.20 28.93
CA ILE A 345 -27.92 -42.19 28.44
C ILE A 345 -27.81 -43.49 29.25
N GLY A 346 -26.58 -43.88 29.56
CA GLY A 346 -26.34 -45.08 30.33
C GLY A 346 -26.50 -46.36 29.54
N ASP A 347 -25.92 -46.39 28.35
CA ASP A 347 -25.94 -47.59 27.52
C ASP A 347 -24.53 -48.15 27.34
N THR A 348 -23.69 -47.39 26.64
CA THR A 348 -22.30 -47.80 26.43
C THR A 348 -21.52 -47.76 27.73
N PRO A 349 -20.93 -48.91 28.12
CA PRO A 349 -20.18 -49.02 29.37
C PRO A 349 -18.96 -48.10 29.37
N ILE A 350 -18.81 -47.33 30.45
CA ILE A 350 -17.68 -46.42 30.58
C ILE A 350 -16.81 -46.83 31.75
N ASP A 351 -15.50 -46.90 31.53
CA ASP A 351 -14.57 -47.34 32.55
C ASP A 351 -14.38 -46.25 33.61
N THR A 352 -13.59 -46.55 34.64
CA THR A 352 -13.46 -45.66 35.79
C THR A 352 -12.69 -44.37 35.50
N PHE A 353 -11.55 -44.49 34.82
CA PHE A 353 -10.71 -43.33 34.52
C PHE A 353 -11.44 -42.38 33.56
N LEU A 354 -11.99 -42.93 32.49
CA LEU A 354 -12.75 -42.15 31.53
C LEU A 354 -13.93 -41.46 32.21
N MET A 355 -14.55 -42.18 33.14
CA MET A 355 -15.65 -41.63 33.94
C MET A 355 -15.15 -40.42 34.72
N GLU A 356 -13.97 -40.56 35.32
CA GLU A 356 -13.36 -39.48 36.09
C GLU A 356 -13.10 -38.25 35.23
N MET A 357 -12.61 -38.48 34.01
CA MET A 357 -12.34 -37.39 33.09
C MET A 357 -13.63 -36.70 32.65
N LEU A 358 -14.70 -37.49 32.51
CA LEU A 358 -16.00 -36.94 32.12
C LEU A 358 -16.74 -36.29 33.27
N GLU A 359 -16.71 -36.93 34.44
CA GLU A 359 -17.38 -36.38 35.62
C GLU A 359 -16.71 -35.08 36.07
N LYS B 4 50.65 11.37 25.53
CA LYS B 4 49.77 11.23 24.38
C LYS B 4 48.56 10.35 24.73
N LYS B 5 47.39 10.75 24.25
CA LYS B 5 46.16 10.03 24.55
C LYS B 5 46.05 8.72 23.75
N GLY B 6 45.57 7.67 24.40
CA GLY B 6 45.36 6.40 23.74
C GLY B 6 44.21 6.45 22.76
N PRO B 7 44.43 5.96 21.54
CA PRO B 7 43.42 6.00 20.48
C PRO B 7 42.44 4.83 20.54
N ALA B 8 41.72 4.70 21.65
CA ALA B 8 40.73 3.64 21.79
C ALA B 8 39.49 4.10 22.57
N PRO B 9 38.30 3.65 22.15
CA PRO B 9 37.08 3.89 22.92
C PRO B 9 37.13 3.22 24.29
N LYS B 10 37.51 1.93 24.31
CA LYS B 10 37.82 1.20 25.54
C LYS B 10 36.78 1.30 26.68
N MET B 11 35.64 0.64 26.52
CA MET B 11 34.66 0.59 27.60
C MET B 11 34.77 -0.72 28.36
N LEU B 12 35.28 -0.63 29.59
CA LEU B 12 35.73 -1.78 30.37
C LEU B 12 35.85 -1.41 31.84
N GLY B 13 36.58 -2.21 32.63
CA GLY B 13 36.66 -1.98 34.06
C GLY B 13 35.99 -2.99 34.98
N HIS B 14 35.75 -4.19 34.47
CA HIS B 14 35.30 -5.32 35.29
C HIS B 14 33.95 -5.11 35.96
N GLU B 15 32.90 -5.13 35.14
CA GLU B 15 31.52 -5.02 35.60
C GLU B 15 30.96 -6.42 35.88
N LEU B 16 31.86 -7.40 35.86
CA LEU B 16 31.58 -8.83 36.08
C LEU B 16 30.53 -9.45 35.15
N CYS B 17 29.72 -10.36 35.69
CA CYS B 17 28.85 -11.18 34.84
C CYS B 17 27.43 -11.29 35.39
N ARG B 18 26.47 -11.18 34.49
CA ARG B 18 25.05 -11.20 34.85
C ARG B 18 24.53 -12.61 35.04
N VAL B 19 25.31 -13.60 34.59
CA VAL B 19 24.93 -15.00 34.72
C VAL B 19 25.54 -15.60 35.98
N CYS B 20 26.85 -15.78 35.94
CA CYS B 20 27.61 -16.33 37.07
C CYS B 20 28.10 -15.22 38.00
N GLY B 21 28.84 -14.27 37.44
CA GLY B 21 29.53 -13.26 38.23
C GLY B 21 31.04 -13.39 38.21
N ASP B 22 31.55 -14.23 37.30
CA ASP B 22 32.97 -14.27 37.02
C ASP B 22 33.37 -13.02 36.22
N LYS B 23 34.64 -12.93 35.84
CA LYS B 23 35.13 -11.76 35.13
C LYS B 23 34.77 -11.79 33.64
N ALA B 24 34.04 -10.77 33.20
CA ALA B 24 33.61 -10.67 31.81
C ALA B 24 34.68 -10.09 30.89
N SER B 25 34.73 -10.58 29.66
CA SER B 25 35.61 -10.01 28.64
C SER B 25 34.88 -8.94 27.84
N GLY B 26 33.58 -8.81 28.07
CA GLY B 26 32.76 -7.83 27.36
C GLY B 26 31.33 -8.30 27.17
N PHE B 27 30.60 -7.61 26.31
CA PHE B 27 29.21 -7.99 26.04
C PHE B 27 29.10 -9.12 25.03
N HIS B 28 28.31 -10.13 25.38
CA HIS B 28 28.09 -11.27 24.49
C HIS B 28 26.60 -11.63 24.44
N TYR B 29 26.04 -11.57 23.23
CA TYR B 29 24.63 -11.83 22.99
C TYR B 29 23.73 -10.93 23.86
N ASN B 30 23.80 -9.63 23.61
CA ASN B 30 22.99 -8.63 24.29
C ASN B 30 23.16 -8.58 25.82
N VAL B 31 24.29 -9.09 26.30
CA VAL B 31 24.65 -8.95 27.72
C VAL B 31 26.14 -9.15 27.93
N LEU B 32 26.65 -8.66 29.04
CA LEU B 32 28.06 -8.84 29.38
C LEU B 32 28.29 -10.14 30.16
N SER B 33 29.29 -10.90 29.75
CA SER B 33 29.60 -12.17 30.42
C SER B 33 31.03 -12.62 30.12
N CYS B 34 31.40 -13.75 30.73
CA CYS B 34 32.74 -14.30 30.55
C CYS B 34 32.79 -15.25 29.36
N GLU B 35 33.95 -15.87 29.15
CA GLU B 35 34.14 -16.78 28.03
C GLU B 35 33.34 -18.07 28.21
N GLY B 36 33.28 -18.53 29.46
CA GLY B 36 32.55 -19.75 29.79
C GLY B 36 31.08 -19.67 29.45
N CYS B 37 30.42 -18.62 29.94
CA CYS B 37 29.00 -18.42 29.68
C CYS B 37 28.71 -18.23 28.20
N LYS B 38 29.61 -17.52 27.52
CA LYS B 38 29.46 -17.27 26.09
C LYS B 38 29.52 -18.56 25.28
N GLY B 39 30.58 -19.33 25.50
CA GLY B 39 30.75 -20.60 24.82
C GLY B 39 29.63 -21.57 25.13
N PHE B 40 29.23 -21.61 26.40
CA PHE B 40 28.13 -22.45 26.84
C PHE B 40 26.84 -22.10 26.12
N PHE B 41 26.57 -20.79 26.03
CA PHE B 41 25.36 -20.32 25.36
C PHE B 41 25.39 -20.65 23.87
N ARG B 42 26.55 -20.47 23.26
CA ARG B 42 26.71 -20.77 21.83
C ARG B 42 26.46 -22.24 21.55
N ARG B 43 27.16 -23.11 22.27
CA ARG B 43 27.00 -24.55 22.09
C ARG B 43 25.61 -25.02 22.50
N SER B 44 24.93 -24.21 23.31
CA SER B 44 23.55 -24.53 23.70
C SER B 44 22.57 -24.19 22.59
N VAL B 45 22.82 -23.08 21.89
CA VAL B 45 21.95 -22.66 20.80
C VAL B 45 22.17 -23.49 19.54
N VAL B 46 23.43 -23.71 19.16
CA VAL B 46 23.73 -24.47 17.96
C VAL B 46 23.36 -25.96 18.12
N ARG B 47 23.57 -26.49 19.32
CA ARG B 47 23.12 -27.84 19.63
C ARG B 47 22.13 -27.79 20.80
N GLY B 48 20.86 -28.03 20.49
CA GLY B 48 19.83 -28.05 21.51
C GLY B 48 19.40 -29.45 21.87
N GLY B 49 19.81 -30.41 21.05
CA GLY B 49 19.44 -31.80 21.25
C GLY B 49 20.43 -32.53 22.15
N ALA B 50 21.42 -31.80 22.64
CA ALA B 50 22.41 -32.36 23.54
C ALA B 50 21.75 -32.78 24.85
N ARG B 51 22.28 -33.83 25.47
CA ARG B 51 21.70 -34.34 26.71
C ARG B 51 22.03 -33.43 27.87
N ARG B 52 20.99 -32.95 28.55
CA ARG B 52 21.17 -32.17 29.76
C ARG B 52 20.50 -32.89 30.92
N TYR B 53 21.06 -32.74 32.11
CA TYR B 53 20.48 -33.37 33.30
C TYR B 53 19.38 -32.50 33.87
N ALA B 54 18.25 -33.12 34.19
CA ALA B 54 17.14 -32.41 34.79
C ALA B 54 17.55 -31.90 36.16
N CYS B 55 16.87 -30.87 36.65
CA CYS B 55 17.27 -30.26 37.90
C CYS B 55 16.55 -30.93 39.07
N ARG B 56 17.30 -31.70 39.84
CA ARG B 56 16.75 -32.45 40.96
C ARG B 56 16.87 -31.69 42.28
N GLY B 57 17.59 -30.57 42.25
CA GLY B 57 17.85 -29.81 43.45
C GLY B 57 16.97 -28.57 43.55
N GLY B 58 15.98 -28.49 42.67
CA GLY B 58 15.06 -27.36 42.67
C GLY B 58 15.64 -26.14 41.97
N GLY B 59 14.76 -25.21 41.59
CA GLY B 59 15.15 -24.03 40.84
C GLY B 59 15.92 -23.02 41.68
N THR B 60 16.28 -23.42 42.89
CA THR B 60 17.00 -22.56 43.82
C THR B 60 18.52 -22.68 43.63
N CYS B 61 18.93 -23.41 42.59
CA CYS B 61 20.35 -23.61 42.29
C CYS B 61 21.09 -22.28 42.26
N GLN B 62 22.20 -22.21 43.01
CA GLN B 62 22.99 -21.00 43.10
C GLN B 62 24.08 -20.97 42.03
N MET B 63 24.24 -19.83 41.38
CA MET B 63 25.21 -19.69 40.31
C MET B 63 26.46 -18.93 40.76
N ASP B 64 27.62 -19.49 40.42
CA ASP B 64 28.91 -18.91 40.74
C ASP B 64 29.94 -19.40 39.74
N ALA B 65 31.21 -19.19 40.03
CA ALA B 65 32.28 -19.57 39.12
C ALA B 65 32.61 -21.07 39.23
N PHE B 66 31.88 -21.77 40.11
CA PHE B 66 32.11 -23.19 40.32
C PHE B 66 30.88 -24.06 39.99
N MET B 67 29.78 -23.84 40.70
CA MET B 67 28.58 -24.67 40.56
C MET B 67 27.92 -24.59 39.18
N ARG B 68 28.41 -23.68 38.34
CA ARG B 68 27.88 -23.52 36.99
C ARG B 68 27.99 -24.79 36.16
N ARG B 69 28.92 -25.67 36.53
CA ARG B 69 29.13 -26.92 35.82
C ARG B 69 28.19 -28.02 36.30
N LYS B 70 27.52 -27.77 37.43
CA LYS B 70 26.60 -28.76 38.00
C LYS B 70 25.31 -28.86 37.20
N CYS B 71 24.51 -27.79 37.26
CA CYS B 71 23.22 -27.76 36.58
C CYS B 71 23.29 -26.87 35.36
N GLN B 72 23.19 -27.47 34.18
CA GLN B 72 23.27 -26.73 32.93
C GLN B 72 21.94 -26.04 32.60
N GLN B 73 20.84 -26.64 33.03
CA GLN B 73 19.52 -26.09 32.79
C GLN B 73 19.34 -24.76 33.51
N CYS B 74 19.79 -24.70 34.76
CA CYS B 74 19.70 -23.47 35.54
C CYS B 74 20.67 -22.42 35.03
N ARG B 75 21.81 -22.88 34.53
CA ARG B 75 22.81 -21.98 33.95
C ARG B 75 22.25 -21.30 32.71
N LEU B 76 21.62 -22.08 31.85
CA LEU B 76 20.99 -21.56 30.65
C LEU B 76 19.79 -20.68 30.99
N ARG B 77 19.06 -21.07 32.03
CA ARG B 77 17.90 -20.31 32.47
C ARG B 77 18.30 -18.94 33.00
N LYS B 78 19.46 -18.88 33.66
CA LYS B 78 19.99 -17.60 34.12
C LYS B 78 20.68 -16.84 32.99
N CYS B 79 21.04 -17.56 31.94
CA CYS B 79 21.51 -16.91 30.71
C CYS B 79 20.34 -16.20 30.05
N LYS B 80 19.16 -16.80 30.17
CA LYS B 80 17.93 -16.17 29.70
C LYS B 80 17.57 -15.00 30.60
N GLU B 81 17.76 -15.19 31.91
CA GLU B 81 17.52 -14.15 32.90
C GLU B 81 18.47 -12.99 32.66
N ALA B 82 19.66 -13.30 32.15
CA ALA B 82 20.64 -12.27 31.82
C ALA B 82 20.22 -11.48 30.60
N GLY B 83 19.26 -12.01 29.84
CA GLY B 83 18.76 -11.32 28.67
C GLY B 83 19.46 -11.68 27.38
N MET B 84 20.06 -12.86 27.33
CA MET B 84 20.73 -13.31 26.11
C MET B 84 19.72 -13.73 25.06
N ARG B 85 19.79 -13.09 23.89
CA ARG B 85 18.88 -13.38 22.80
C ARG B 85 19.37 -14.56 21.96
N GLU B 86 18.41 -15.35 21.45
CA GLU B 86 18.73 -16.50 20.63
C GLU B 86 19.07 -16.10 19.20
N GLN B 87 18.54 -14.95 18.78
CA GLN B 87 18.75 -14.47 17.41
C GLN B 87 20.11 -13.81 17.23
N CYS B 88 20.83 -13.62 18.32
CA CYS B 88 22.17 -13.05 18.27
C CYS B 88 23.21 -14.09 17.89
N VAL B 89 22.81 -15.36 17.94
CA VAL B 89 23.67 -16.45 17.50
C VAL B 89 23.49 -16.67 16.00
N LEU B 90 24.59 -16.54 15.26
CA LEU B 90 24.54 -16.64 13.80
C LEU B 90 24.18 -18.05 13.34
N SER B 91 23.23 -18.14 12.43
CA SER B 91 22.80 -19.43 11.90
C SER B 91 23.83 -19.97 10.90
N GLU B 92 23.51 -21.11 10.30
CA GLU B 92 24.44 -21.76 9.36
C GLU B 92 24.41 -21.10 7.99
N GLU B 93 23.23 -20.63 7.58
CA GLU B 93 23.08 -19.94 6.30
C GLU B 93 23.53 -18.49 6.43
N GLN B 94 23.54 -17.98 7.66
CA GLN B 94 24.03 -16.63 7.92
C GLN B 94 25.55 -16.60 8.02
N ILE B 95 26.13 -17.66 8.55
CA ILE B 95 27.57 -17.73 8.79
C ILE B 95 28.36 -18.05 7.51
N ARG B 96 27.68 -18.61 6.51
CA ARG B 96 28.34 -18.98 5.26
C ARG B 96 28.79 -17.73 4.50
N LYS B 97 28.02 -16.65 4.63
CA LYS B 97 28.32 -15.40 3.94
C LYS B 97 29.30 -14.55 4.74
N LYS B 98 29.51 -14.93 6.00
CA LYS B 98 30.45 -14.25 6.87
C LYS B 98 31.81 -14.95 6.80
N LYS B 99 31.88 -15.95 5.92
CA LYS B 99 33.11 -16.71 5.72
C LYS B 99 33.65 -16.50 4.31
N ILE B 100 32.87 -16.91 3.31
CA ILE B 100 33.27 -16.85 1.91
C ILE B 100 33.76 -15.48 1.45
N ARG B 101 33.23 -14.42 2.06
CA ARG B 101 33.63 -13.07 1.72
C ARG B 101 35.00 -12.75 2.31
N LYS B 102 35.31 -13.37 3.44
CA LYS B 102 36.52 -13.05 4.19
C LYS B 102 37.67 -14.00 3.87
N GLN B 103 37.40 -15.01 3.04
CA GLN B 103 38.38 -16.05 2.77
C GLN B 103 38.84 -16.06 1.31
N GLN B 104 37.90 -16.34 0.41
CA GLN B 104 38.20 -16.54 -1.01
C GLN B 104 38.95 -15.38 -1.66
N GLN B 105 38.48 -14.15 -1.44
CA GLN B 105 39.13 -13.00 -2.06
C GLN B 105 39.43 -11.86 -1.08
N GLN B 106 38.38 -11.23 -0.56
CA GLN B 106 38.52 -9.99 0.20
C GLN B 106 39.30 -10.09 1.50
N GLU B 107 40.19 -9.12 1.71
CA GLU B 107 40.91 -8.91 2.97
C GLU B 107 41.94 -9.98 3.35
N SER B 108 41.94 -11.11 2.64
CA SER B 108 42.95 -12.13 2.88
C SER B 108 43.49 -12.74 1.60
N GLN B 109 44.80 -12.60 1.39
CA GLN B 109 45.56 -13.31 0.37
C GLN B 109 45.33 -12.81 -1.07
N SER B 110 44.24 -12.09 -1.30
CA SER B 110 43.94 -11.63 -2.65
C SER B 110 43.44 -10.20 -2.77
N GLN B 111 44.21 -9.37 -3.47
CA GLN B 111 43.69 -8.10 -3.98
C GLN B 111 44.20 -7.86 -5.40
N SER B 112 43.28 -7.82 -6.36
CA SER B 112 43.61 -7.53 -7.75
C SER B 112 42.53 -6.69 -8.42
N GLN B 113 42.93 -5.56 -9.01
CA GLN B 113 42.00 -4.71 -9.74
C GLN B 113 42.64 -4.06 -10.95
N SER B 114 41.84 -3.31 -11.70
CA SER B 114 42.35 -2.50 -12.81
C SER B 114 43.19 -1.29 -12.37
N PRO B 115 42.73 -0.52 -11.36
CA PRO B 115 43.61 0.54 -10.82
C PRO B 115 44.71 -0.02 -9.92
N VAL B 116 45.70 0.82 -9.61
CA VAL B 116 46.68 0.57 -8.54
C VAL B 116 47.77 -0.46 -8.91
N GLY B 117 47.52 -1.23 -9.95
CA GLY B 117 48.24 -2.47 -10.16
C GLY B 117 49.75 -2.44 -10.20
N PRO B 118 50.39 -3.17 -9.27
CA PRO B 118 51.78 -3.61 -9.30
C PRO B 118 51.80 -5.04 -9.81
N GLN B 119 51.34 -5.24 -11.04
CA GLN B 119 51.06 -6.58 -11.55
C GLN B 119 52.32 -7.34 -11.96
N GLY B 120 53.46 -6.67 -11.94
CA GLY B 120 54.71 -7.33 -12.25
C GLY B 120 55.11 -8.39 -11.23
N SER B 121 55.27 -9.61 -11.72
CA SER B 121 55.94 -10.68 -10.98
C SER B 121 55.34 -11.03 -9.62
N SER B 122 54.00 -10.90 -9.51
CA SER B 122 53.14 -11.27 -8.36
C SER B 122 51.95 -10.33 -8.21
N SER B 139 27.40 -5.00 -11.81
CA SER B 139 26.29 -4.16 -11.38
C SER B 139 25.86 -4.52 -9.96
N GLN B 140 26.13 -3.60 -9.02
CA GLN B 140 25.90 -3.85 -7.60
C GLN B 140 24.45 -3.73 -7.14
N GLY B 141 23.77 -2.67 -7.56
CA GLY B 141 22.54 -2.26 -6.90
C GLY B 141 21.31 -3.16 -6.96
N SER B 142 20.79 -3.42 -8.16
CA SER B 142 19.60 -4.26 -8.27
C SER B 142 19.51 -5.03 -9.58
N GLY B 143 19.11 -6.30 -9.51
CA GLY B 143 18.74 -7.03 -10.71
C GLY B 143 17.38 -6.67 -11.29
N GLU B 144 16.34 -6.87 -10.48
CA GLU B 144 14.95 -6.65 -10.93
C GLU B 144 14.29 -5.35 -10.46
N GLY B 145 14.98 -4.54 -9.67
CA GLY B 145 14.30 -3.50 -8.93
C GLY B 145 13.79 -4.05 -7.61
N GLU B 146 14.58 -4.97 -7.06
CA GLU B 146 14.28 -5.71 -5.83
C GLU B 146 14.53 -4.89 -4.56
N GLY B 147 14.82 -5.55 -3.44
CA GLY B 147 14.43 -5.08 -2.13
C GLY B 147 13.55 -6.12 -1.45
N VAL B 148 13.59 -7.31 -2.03
CA VAL B 148 13.21 -8.57 -1.37
C VAL B 148 11.74 -8.69 -0.95
N GLN B 149 11.50 -8.92 0.35
CA GLN B 149 10.23 -9.46 0.81
C GLN B 149 9.08 -8.47 0.71
N LEU B 150 7.88 -8.93 1.07
CA LEU B 150 6.67 -8.13 0.97
C LEU B 150 6.44 -7.58 -0.44
N THR B 151 6.05 -8.45 -1.37
CA THR B 151 5.90 -8.05 -2.77
C THR B 151 4.71 -7.11 -2.95
N ALA B 152 4.49 -6.69 -4.19
CA ALA B 152 3.49 -5.67 -4.48
C ALA B 152 2.06 -6.18 -4.32
N ALA B 153 1.77 -7.33 -4.91
CA ALA B 153 0.43 -7.90 -4.90
C ALA B 153 -0.10 -8.12 -3.48
N GLN B 154 0.80 -8.50 -2.58
CA GLN B 154 0.44 -8.73 -1.18
C GLN B 154 -0.02 -7.43 -0.52
N GLU B 155 0.75 -6.36 -0.69
CA GLU B 155 0.40 -5.07 -0.12
C GLU B 155 -0.86 -4.52 -0.75
N LEU B 156 -1.05 -4.81 -2.03
CA LEU B 156 -2.27 -4.42 -2.74
C LEU B 156 -3.49 -5.10 -2.12
N MET B 157 -3.35 -6.39 -1.84
CA MET B 157 -4.41 -7.16 -1.21
C MET B 157 -4.70 -6.66 0.19
N ILE B 158 -3.65 -6.38 0.96
CA ILE B 158 -3.79 -5.87 2.32
C ILE B 158 -4.52 -4.53 2.33
N GLN B 159 -4.05 -3.60 1.51
CA GLN B 159 -4.65 -2.27 1.41
C GLN B 159 -6.10 -2.37 0.94
N GLN B 160 -6.36 -3.31 0.05
CA GLN B 160 -7.71 -3.54 -0.45
C GLN B 160 -8.62 -4.04 0.68
N LEU B 161 -8.08 -4.92 1.51
CA LEU B 161 -8.84 -5.46 2.64
C LEU B 161 -9.14 -4.39 3.68
N VAL B 162 -8.15 -3.54 3.95
CA VAL B 162 -8.34 -2.44 4.89
C VAL B 162 -9.38 -1.45 4.38
N ALA B 163 -9.22 -1.03 3.13
CA ALA B 163 -10.14 -0.09 2.50
C ALA B 163 -11.56 -0.65 2.46
N ALA B 164 -11.68 -1.94 2.20
CA ALA B 164 -12.97 -2.62 2.18
C ALA B 164 -13.57 -2.66 3.57
N GLN B 165 -12.71 -2.86 4.57
CA GLN B 165 -13.13 -2.91 5.96
C GLN B 165 -13.71 -1.56 6.38
N LEU B 166 -13.01 -0.49 6.06
CA LEU B 166 -13.49 0.86 6.36
C LEU B 166 -14.77 1.19 5.61
N GLN B 167 -14.78 0.88 4.31
CA GLN B 167 -15.92 1.16 3.45
C GLN B 167 -17.18 0.44 3.92
N CYS B 168 -17.02 -0.78 4.41
CA CYS B 168 -18.16 -1.54 4.93
C CYS B 168 -18.48 -1.12 6.36
N ASN B 169 -17.52 -0.48 7.03
CA ASN B 169 -17.74 0.00 8.38
C ASN B 169 -18.53 1.31 8.40
N LYS B 170 -18.39 2.10 7.35
CA LYS B 170 -19.08 3.39 7.28
C LYS B 170 -20.58 3.24 7.08
N ARG B 171 -21.00 2.10 6.55
CA ARG B 171 -22.42 1.86 6.28
C ARG B 171 -23.21 1.62 7.55
N SER B 172 -22.51 1.23 8.62
CA SER B 172 -23.15 0.95 9.90
C SER B 172 -23.31 2.21 10.73
N PHE B 173 -22.72 3.31 10.27
CA PHE B 173 -22.73 4.56 11.02
C PHE B 173 -24.04 5.33 10.85
N SER B 174 -24.78 5.01 9.79
CA SER B 174 -26.05 5.69 9.53
C SER B 174 -27.22 4.92 10.12
N ASP B 175 -26.94 3.77 10.71
CA ASP B 175 -27.96 2.93 11.31
C ASP B 175 -28.12 3.23 12.81
N GLN B 176 -27.39 4.22 13.29
CA GLN B 176 -27.36 4.51 14.73
C GLN B 176 -28.74 4.87 15.32
N PRO B 177 -29.40 5.93 14.81
CA PRO B 177 -30.72 6.08 15.41
C PRO B 177 -31.79 5.30 14.64
N LYS B 178 -31.47 4.06 14.28
CA LYS B 178 -32.47 3.12 13.78
C LYS B 178 -32.85 2.12 14.86
N VAL B 179 -32.20 2.24 16.02
CA VAL B 179 -32.27 1.21 17.05
C VAL B 179 -32.91 1.68 18.34
N THR B 180 -33.40 0.72 19.12
CA THR B 180 -34.03 0.97 20.42
C THR B 180 -33.08 1.72 21.36
N PRO B 181 -33.56 2.83 21.94
CA PRO B 181 -32.77 3.62 22.90
C PRO B 181 -32.42 2.81 24.15
N TRP B 182 -31.29 3.15 24.77
CA TRP B 182 -30.84 2.47 25.97
C TRP B 182 -31.59 2.98 27.20
N PRO B 183 -32.22 2.07 27.95
CA PRO B 183 -33.02 2.44 29.12
C PRO B 183 -32.18 2.70 30.37
N LEU B 184 -31.59 3.89 30.47
CA LEU B 184 -30.87 4.27 31.68
C LEU B 184 -31.85 4.64 32.78
N GLY B 185 -31.47 4.39 34.03
CA GLY B 185 -32.35 4.64 35.16
C GLY B 185 -33.56 3.74 35.12
N ALA B 186 -33.32 2.47 34.84
CA ALA B 186 -34.39 1.49 34.68
C ALA B 186 -34.55 0.63 35.93
N ASP B 187 -35.79 0.22 36.21
CA ASP B 187 -36.10 -0.65 37.32
C ASP B 187 -35.24 -1.91 37.28
N PRO B 188 -34.45 -2.14 38.34
CA PRO B 188 -33.50 -3.27 38.39
C PRO B 188 -34.19 -4.63 38.31
N GLN B 189 -35.42 -4.72 38.81
CA GLN B 189 -36.15 -5.97 38.80
C GLN B 189 -37.06 -6.10 37.59
N SER B 190 -37.02 -5.12 36.71
CA SER B 190 -37.86 -5.11 35.51
C SER B 190 -37.39 -6.13 34.48
N ARG B 191 -38.30 -7.00 34.06
CA ARG B 191 -37.98 -8.03 33.07
C ARG B 191 -37.93 -7.43 31.67
N ASP B 192 -38.84 -6.50 31.39
CA ASP B 192 -38.91 -5.88 30.07
C ASP B 192 -37.76 -4.91 29.84
N ALA B 193 -37.07 -4.53 30.90
CA ALA B 193 -35.87 -3.71 30.78
C ALA B 193 -34.74 -4.57 30.24
N ARG B 194 -34.56 -5.74 30.84
CA ARG B 194 -33.59 -6.73 30.38
C ARG B 194 -33.92 -7.15 28.96
N GLN B 195 -35.21 -7.29 28.67
CA GLN B 195 -35.66 -7.64 27.33
C GLN B 195 -35.34 -6.51 26.35
N GLN B 196 -35.43 -5.27 26.83
CA GLN B 196 -35.14 -4.09 26.02
C GLN B 196 -33.66 -4.06 25.64
N ARG B 197 -32.80 -4.20 26.64
CA ARG B 197 -31.36 -4.23 26.41
C ARG B 197 -30.99 -5.37 25.48
N PHE B 198 -31.60 -6.52 25.70
CA PHE B 198 -31.38 -7.70 24.87
C PHE B 198 -31.72 -7.42 23.42
N ALA B 199 -32.90 -6.84 23.20
CA ALA B 199 -33.34 -6.47 21.85
C ALA B 199 -32.35 -5.51 21.20
N HIS B 200 -31.89 -4.53 21.99
CA HIS B 200 -30.91 -3.56 21.54
C HIS B 200 -29.64 -4.24 21.03
N PHE B 201 -29.04 -5.07 21.89
CA PHE B 201 -27.82 -5.79 21.54
C PHE B 201 -28.01 -6.71 20.33
N THR B 202 -29.19 -7.31 20.20
CA THR B 202 -29.48 -8.16 19.05
C THR B 202 -29.54 -7.35 17.77
N GLU B 203 -30.08 -6.13 17.86
CA GLU B 203 -30.12 -5.24 16.71
C GLU B 203 -28.71 -4.82 16.30
N LEU B 204 -27.89 -4.48 17.29
CA LEU B 204 -26.48 -4.19 17.04
C LEU B 204 -25.80 -5.37 16.37
N ALA B 205 -26.21 -6.57 16.77
CA ALA B 205 -25.69 -7.80 16.18
C ALA B 205 -26.14 -7.95 14.73
N ILE B 206 -27.35 -7.50 14.43
CA ILE B 206 -27.85 -7.51 13.05
C ILE B 206 -27.00 -6.60 12.19
N ILE B 207 -26.79 -5.37 12.65
CA ILE B 207 -25.92 -4.43 11.96
C ILE B 207 -24.55 -5.04 11.72
N SER B 208 -24.03 -5.69 12.76
CA SER B 208 -22.74 -6.38 12.69
C SER B 208 -22.73 -7.43 11.58
N VAL B 209 -23.78 -8.26 11.53
CA VAL B 209 -23.87 -9.33 10.55
C VAL B 209 -23.92 -8.79 9.13
N GLN B 210 -24.75 -7.78 8.89
CA GLN B 210 -24.82 -7.16 7.57
C GLN B 210 -23.46 -6.59 7.16
N GLU B 211 -22.80 -5.94 8.12
CA GLU B 211 -21.47 -5.39 7.92
C GLU B 211 -20.47 -6.47 7.48
N ILE B 212 -20.51 -7.60 8.19
CA ILE B 212 -19.65 -8.73 7.89
C ILE B 212 -19.92 -9.29 6.49
N VAL B 213 -21.20 -9.42 6.15
CA VAL B 213 -21.61 -9.90 4.83
C VAL B 213 -21.06 -8.99 3.73
N ASP B 214 -21.21 -7.69 3.90
CA ASP B 214 -20.67 -6.74 2.93
C ASP B 214 -19.15 -6.84 2.81
N PHE B 215 -18.48 -6.93 3.95
CA PHE B 215 -17.03 -7.07 3.98
C PHE B 215 -16.56 -8.30 3.20
N ALA B 216 -17.13 -9.45 3.52
CA ALA B 216 -16.79 -10.70 2.86
C ALA B 216 -17.15 -10.64 1.37
N LYS B 217 -18.17 -9.84 1.06
CA LYS B 217 -18.57 -9.64 -0.33
C LYS B 217 -17.48 -8.89 -1.08
N GLN B 218 -16.85 -7.93 -0.40
CA GLN B 218 -15.76 -7.17 -1.03
C GLN B 218 -14.41 -7.89 -0.95
N VAL B 219 -14.39 -9.05 -0.30
CA VAL B 219 -13.16 -9.85 -0.22
C VAL B 219 -12.92 -10.59 -1.53
N PRO B 220 -11.72 -10.42 -2.12
CA PRO B 220 -11.36 -11.07 -3.38
C PRO B 220 -11.25 -12.58 -3.24
N GLY B 221 -11.71 -13.31 -4.26
CA GLY B 221 -11.65 -14.76 -4.25
C GLY B 221 -12.89 -15.39 -3.63
N PHE B 222 -13.61 -14.61 -2.84
CA PHE B 222 -14.80 -15.11 -2.16
C PHE B 222 -15.95 -15.35 -3.12
N LEU B 223 -15.93 -14.64 -4.25
CA LEU B 223 -17.00 -14.74 -5.24
C LEU B 223 -16.79 -15.96 -6.14
N GLN B 224 -15.69 -16.67 -5.92
CA GLN B 224 -15.34 -17.83 -6.75
C GLN B 224 -15.95 -19.12 -6.20
N LEU B 225 -16.71 -19.00 -5.11
CA LEU B 225 -17.34 -20.16 -4.50
C LEU B 225 -18.81 -20.27 -4.90
N GLY B 226 -19.47 -21.32 -4.42
CA GLY B 226 -20.87 -21.53 -4.69
C GLY B 226 -21.75 -20.77 -3.71
N ARG B 227 -23.06 -20.79 -3.94
CA ARG B 227 -24.00 -20.09 -3.08
C ARG B 227 -23.99 -20.64 -1.66
N GLU B 228 -24.26 -21.94 -1.53
CA GLU B 228 -24.30 -22.59 -0.23
C GLU B 228 -22.93 -22.66 0.43
N ASP B 229 -21.88 -22.59 -0.38
CA ASP B 229 -20.51 -22.54 0.16
C ASP B 229 -20.30 -21.23 0.91
N GLN B 230 -20.57 -20.13 0.21
CA GLN B 230 -20.46 -18.80 0.80
C GLN B 230 -21.36 -18.66 2.01
N ILE B 231 -22.59 -19.15 1.88
CA ILE B 231 -23.56 -19.08 2.96
C ILE B 231 -23.11 -19.86 4.20
N ALA B 232 -22.61 -21.07 3.99
CA ALA B 232 -22.12 -21.90 5.10
C ALA B 232 -20.92 -21.26 5.78
N LEU B 233 -19.96 -20.81 4.96
CA LEU B 233 -18.76 -20.14 5.48
C LEU B 233 -19.12 -18.92 6.32
N LEU B 234 -20.04 -18.11 5.80
CA LEU B 234 -20.47 -16.90 6.50
C LEU B 234 -21.18 -17.24 7.81
N LYS B 235 -22.14 -18.15 7.75
CA LYS B 235 -22.90 -18.56 8.93
C LYS B 235 -22.00 -19.15 10.01
N ALA B 236 -20.92 -19.81 9.58
CA ALA B 236 -20.00 -20.43 10.52
C ALA B 236 -19.01 -19.42 11.14
N SER B 237 -18.52 -18.50 10.31
CA SER B 237 -17.47 -17.58 10.75
C SER B 237 -18.00 -16.27 11.35
N THR B 238 -19.31 -16.05 11.23
CA THR B 238 -19.94 -14.79 11.66
C THR B 238 -19.63 -14.42 13.11
N ILE B 239 -19.92 -15.35 14.03
CA ILE B 239 -19.73 -15.11 15.45
C ILE B 239 -18.28 -14.80 15.81
N GLU B 240 -17.35 -15.55 15.21
CA GLU B 240 -15.92 -15.35 15.49
C GLU B 240 -15.43 -14.01 14.96
N ILE B 241 -15.91 -13.63 13.77
CA ILE B 241 -15.59 -12.31 13.21
C ILE B 241 -16.14 -11.22 14.13
N MET B 242 -17.33 -11.45 14.68
CA MET B 242 -17.91 -10.53 15.65
C MET B 242 -17.03 -10.41 16.90
N LEU B 243 -16.47 -11.54 17.32
CA LEU B 243 -15.57 -11.56 18.47
C LEU B 243 -14.31 -10.75 18.20
N LEU B 244 -13.79 -10.88 16.98
CA LEU B 244 -12.60 -10.14 16.58
C LEU B 244 -12.88 -8.63 16.53
N GLU B 245 -13.99 -8.26 15.89
CA GLU B 245 -14.37 -6.85 15.78
C GLU B 245 -14.65 -6.24 17.15
N THR B 246 -15.17 -7.05 18.06
CA THR B 246 -15.46 -6.62 19.41
C THR B 246 -14.16 -6.41 20.19
N ALA B 247 -13.23 -7.34 20.03
CA ALA B 247 -11.92 -7.25 20.67
C ALA B 247 -11.13 -6.06 20.13
N ARG B 248 -11.45 -5.67 18.90
CA ARG B 248 -10.81 -4.53 18.27
C ARG B 248 -11.41 -3.23 18.80
N ARG B 249 -12.68 -3.28 19.19
CA ARG B 249 -13.39 -2.12 19.72
C ARG B 249 -13.31 -2.03 21.24
N TYR B 250 -12.56 -2.95 21.85
CA TYR B 250 -12.40 -2.97 23.30
C TYR B 250 -11.47 -1.87 23.77
N ASN B 251 -11.82 -1.25 24.89
CA ASN B 251 -10.98 -0.21 25.48
C ASN B 251 -10.29 -0.73 26.74
N HIS B 252 -8.96 -0.70 26.73
CA HIS B 252 -8.16 -1.30 27.80
C HIS B 252 -8.31 -0.61 29.16
N GLU B 253 -8.07 0.70 29.18
CA GLU B 253 -8.08 1.47 30.42
C GLU B 253 -9.45 1.52 31.08
N THR B 254 -10.47 1.91 30.32
CA THR B 254 -11.81 2.04 30.86
C THR B 254 -12.50 0.69 31.03
N GLU B 255 -11.90 -0.34 30.44
CA GLU B 255 -12.43 -1.70 30.48
C GLU B 255 -13.85 -1.79 29.93
N CYS B 256 -14.09 -1.06 28.84
CA CYS B 256 -15.41 -1.06 28.20
C CYS B 256 -15.27 -1.29 26.69
N ILE B 257 -16.37 -1.68 26.06
CA ILE B 257 -16.38 -1.94 24.62
C ILE B 257 -17.28 -0.94 23.90
N THR B 258 -16.75 -0.29 22.87
CA THR B 258 -17.48 0.75 22.17
C THR B 258 -17.96 0.31 20.80
N PHE B 259 -19.28 0.16 20.64
CA PHE B 259 -19.87 -0.22 19.36
C PHE B 259 -20.42 1.00 18.61
N LEU B 260 -20.25 0.99 17.30
CA LEU B 260 -20.65 2.10 16.41
C LEU B 260 -19.97 3.41 16.82
N LYS B 261 -18.89 3.29 17.56
CA LYS B 261 -18.00 4.39 17.94
C LYS B 261 -18.63 5.43 18.86
N ASP B 262 -19.96 5.53 18.86
CA ASP B 262 -20.65 6.40 19.82
C ASP B 262 -21.35 5.67 20.97
N PHE B 263 -21.37 4.35 20.92
CA PHE B 263 -22.06 3.57 21.95
C PHE B 263 -21.08 2.73 22.76
N THR B 264 -20.91 3.10 24.02
CA THR B 264 -20.01 2.36 24.90
C THR B 264 -20.78 1.54 25.93
N TYR B 265 -20.29 0.34 26.22
CA TYR B 265 -20.93 -0.55 27.18
C TYR B 265 -19.89 -1.22 28.06
N SER B 266 -20.22 -1.36 29.35
CA SER B 266 -19.35 -2.06 30.28
C SER B 266 -19.84 -3.49 30.47
N LYS B 267 -19.12 -4.25 31.30
CA LYS B 267 -19.45 -5.65 31.53
C LYS B 267 -20.81 -5.81 32.22
N ASP B 268 -21.08 -4.94 33.18
CA ASP B 268 -22.33 -4.98 33.92
C ASP B 268 -23.53 -4.64 33.03
N ASP B 269 -23.27 -3.90 31.96
CA ASP B 269 -24.30 -3.61 30.98
C ASP B 269 -24.70 -4.89 30.26
N PHE B 270 -23.72 -5.75 30.01
CA PHE B 270 -23.99 -7.07 29.43
C PHE B 270 -24.65 -7.96 30.48
N HIS B 271 -24.34 -7.70 31.75
CA HIS B 271 -24.96 -8.42 32.85
C HIS B 271 -26.45 -8.07 32.97
N ARG B 272 -26.80 -6.83 32.64
CA ARG B 272 -28.18 -6.38 32.68
C ARG B 272 -28.92 -6.80 31.42
N ALA B 273 -28.17 -7.22 30.41
CA ALA B 273 -28.75 -7.64 29.14
C ALA B 273 -29.43 -9.00 29.28
N GLY B 274 -29.06 -9.75 30.32
CA GLY B 274 -29.64 -11.05 30.58
C GLY B 274 -28.71 -12.18 30.19
N LEU B 275 -27.52 -11.83 29.73
CA LEU B 275 -26.54 -12.83 29.31
C LEU B 275 -25.86 -13.46 30.52
N GLN B 276 -25.59 -14.76 30.42
CA GLN B 276 -24.98 -15.50 31.53
C GLN B 276 -23.51 -15.11 31.72
N VAL B 277 -23.01 -15.34 32.93
CA VAL B 277 -21.64 -14.96 33.28
C VAL B 277 -20.60 -15.77 32.48
N GLU B 278 -20.91 -17.04 32.24
CA GLU B 278 -20.00 -17.92 31.52
C GLU B 278 -19.89 -17.55 30.03
N PHE B 279 -20.88 -16.83 29.52
CA PHE B 279 -20.80 -16.29 28.17
C PHE B 279 -20.02 -14.99 28.13
N ILE B 280 -20.27 -14.12 29.11
CA ILE B 280 -19.70 -12.78 29.13
C ILE B 280 -18.21 -12.77 29.48
N ASN B 281 -17.83 -13.49 30.53
CA ASN B 281 -16.45 -13.47 31.02
C ASN B 281 -15.35 -13.83 30.01
N PRO B 282 -15.46 -15.02 29.35
CA PRO B 282 -14.38 -15.41 28.44
C PRO B 282 -14.20 -14.45 27.26
N ILE B 283 -15.29 -13.79 26.86
CA ILE B 283 -15.21 -12.80 25.78
C ILE B 283 -14.33 -11.63 26.21
N PHE B 284 -14.51 -11.19 27.45
CA PHE B 284 -13.68 -10.12 28.01
C PHE B 284 -12.24 -10.58 28.22
N GLU B 285 -12.07 -11.87 28.50
CA GLU B 285 -10.75 -12.46 28.62
C GLU B 285 -10.07 -12.44 27.25
N PHE B 286 -10.85 -12.80 26.23
CA PHE B 286 -10.36 -12.82 24.85
C PHE B 286 -10.01 -11.43 24.36
N SER B 287 -10.84 -10.46 24.71
CA SER B 287 -10.66 -9.09 24.25
C SER B 287 -9.41 -8.44 24.86
N ARG B 288 -9.18 -8.69 26.15
CA ARG B 288 -8.03 -8.11 26.84
C ARG B 288 -6.75 -8.87 26.51
N ALA B 289 -6.89 -10.08 25.98
CA ALA B 289 -5.74 -10.89 25.61
C ALA B 289 -5.15 -10.46 24.26
N MET B 290 -5.98 -9.83 23.43
CA MET B 290 -5.55 -9.43 22.09
C MET B 290 -4.88 -8.06 22.05
N ARG B 291 -4.99 -7.30 23.14
CA ARG B 291 -4.38 -5.97 23.18
C ARG B 291 -2.88 -6.08 23.45
N ARG B 292 -2.46 -7.21 23.99
CA ARG B 292 -1.04 -7.48 24.19
C ARG B 292 -0.35 -7.78 22.87
N LEU B 293 -1.15 -8.14 21.87
CA LEU B 293 -0.63 -8.39 20.53
C LEU B 293 -0.37 -7.07 19.81
N GLY B 294 -1.23 -6.08 20.05
CA GLY B 294 -1.09 -4.78 19.44
C GLY B 294 -1.24 -4.83 17.93
N LEU B 295 -2.34 -5.42 17.47
CA LEU B 295 -2.57 -5.60 16.04
C LEU B 295 -3.12 -4.35 15.39
N ASP B 296 -2.71 -4.12 14.14
CA ASP B 296 -3.24 -3.01 13.36
C ASP B 296 -4.39 -3.48 12.47
N ASP B 297 -4.97 -2.56 11.71
CA ASP B 297 -6.12 -2.88 10.86
C ASP B 297 -5.79 -3.93 9.81
N ALA B 298 -4.54 -3.93 9.36
CA ALA B 298 -4.08 -4.89 8.35
C ALA B 298 -4.11 -6.31 8.89
N GLU B 299 -3.53 -6.50 10.07
CA GLU B 299 -3.47 -7.83 10.69
C GLU B 299 -4.85 -8.33 11.09
N TYR B 300 -5.71 -7.42 11.54
CA TYR B 300 -7.09 -7.76 11.86
C TYR B 300 -7.82 -8.22 10.60
N ALA B 301 -7.69 -7.44 9.53
CA ALA B 301 -8.35 -7.75 8.27
C ALA B 301 -7.87 -9.10 7.72
N LEU B 302 -6.57 -9.36 7.82
CA LEU B 302 -6.01 -10.63 7.37
C LEU B 302 -6.51 -11.79 8.23
N LEU B 303 -6.61 -11.56 9.53
CA LEU B 303 -7.12 -12.57 10.45
C LEU B 303 -8.56 -12.95 10.13
N ILE B 304 -9.39 -11.93 9.89
CA ILE B 304 -10.79 -12.15 9.51
C ILE B 304 -10.85 -12.89 8.18
N ALA B 305 -10.07 -12.43 7.22
CA ALA B 305 -10.03 -13.04 5.88
C ALA B 305 -9.67 -14.52 5.94
N ILE B 306 -8.68 -14.85 6.78
CA ILE B 306 -8.30 -16.24 6.99
C ILE B 306 -9.42 -17.02 7.68
N ASN B 307 -10.06 -16.36 8.65
CA ASN B 307 -11.13 -16.98 9.43
C ASN B 307 -12.35 -17.37 8.59
N ILE B 308 -12.66 -16.55 7.59
CA ILE B 308 -13.74 -16.87 6.66
C ILE B 308 -13.37 -18.10 5.84
N PHE B 309 -12.10 -18.22 5.51
CA PHE B 309 -11.60 -19.24 4.59
C PHE B 309 -11.19 -20.55 5.26
N SER B 310 -11.43 -20.68 6.56
CA SER B 310 -11.25 -21.95 7.25
C SER B 310 -12.11 -23.02 6.58
N ALA B 311 -11.49 -24.13 6.20
CA ALA B 311 -12.18 -25.15 5.43
C ALA B 311 -12.81 -26.23 6.31
N ASP B 312 -12.60 -26.13 7.61
CA ASP B 312 -13.10 -27.12 8.55
C ASP B 312 -14.53 -26.82 8.98
N ARG B 313 -15.10 -25.76 8.43
CA ARG B 313 -16.47 -25.37 8.72
C ARG B 313 -17.45 -26.45 8.31
N PRO B 314 -18.60 -26.54 9.00
CA PRO B 314 -19.63 -27.51 8.62
C PRO B 314 -20.36 -27.10 7.34
N ASN B 315 -20.98 -28.07 6.67
CA ASN B 315 -21.77 -27.82 5.47
C ASN B 315 -20.99 -27.20 4.32
N VAL B 316 -19.73 -27.61 4.16
CA VAL B 316 -18.91 -27.11 3.06
C VAL B 316 -18.72 -28.18 1.99
N GLN B 317 -19.22 -27.90 0.78
CA GLN B 317 -19.17 -28.86 -0.31
C GLN B 317 -17.80 -28.96 -0.95
N GLU B 318 -17.12 -27.81 -1.08
CA GLU B 318 -15.81 -27.77 -1.71
C GLU B 318 -14.76 -27.16 -0.78
N PRO B 319 -14.30 -27.94 0.21
CA PRO B 319 -13.31 -27.46 1.17
C PRO B 319 -11.94 -27.22 0.54
N GLY B 320 -11.68 -27.87 -0.59
CA GLY B 320 -10.42 -27.72 -1.30
C GLY B 320 -10.25 -26.31 -1.85
N ARG B 321 -11.31 -25.79 -2.46
CA ARG B 321 -11.30 -24.44 -3.00
C ARG B 321 -11.12 -23.42 -1.88
N VAL B 322 -11.76 -23.70 -0.75
CA VAL B 322 -11.71 -22.81 0.41
C VAL B 322 -10.31 -22.79 1.04
N GLU B 323 -9.70 -23.95 1.14
CA GLU B 323 -8.35 -24.06 1.69
C GLU B 323 -7.35 -23.39 0.77
N ALA B 324 -7.49 -23.66 -0.54
CA ALA B 324 -6.63 -23.05 -1.55
C ALA B 324 -6.78 -21.53 -1.53
N LEU B 325 -7.98 -21.05 -1.21
CA LEU B 325 -8.23 -19.62 -1.08
C LEU B 325 -7.65 -19.09 0.23
N GLN B 326 -7.52 -19.96 1.22
CA GLN B 326 -6.97 -19.58 2.51
C GLN B 326 -5.46 -19.46 2.43
N GLN B 327 -4.87 -20.21 1.50
CA GLN B 327 -3.43 -20.24 1.31
C GLN B 327 -2.74 -18.87 1.15
N PRO B 328 -3.20 -18.01 0.23
CA PRO B 328 -2.48 -16.75 0.02
C PRO B 328 -2.53 -15.81 1.22
N TYR B 329 -3.66 -15.80 1.94
CA TYR B 329 -3.82 -14.90 3.07
C TYR B 329 -2.93 -15.26 4.25
N VAL B 330 -2.65 -16.56 4.40
CA VAL B 330 -1.79 -17.03 5.48
C VAL B 330 -0.36 -16.53 5.30
N GLU B 331 0.22 -16.79 4.13
CA GLU B 331 1.59 -16.40 3.84
C GLU B 331 1.74 -14.88 3.74
N ALA B 332 0.70 -14.21 3.27
CA ALA B 332 0.71 -12.75 3.19
C ALA B 332 0.75 -12.14 4.59
N LEU B 333 0.10 -12.82 5.53
CA LEU B 333 0.12 -12.40 6.93
C LEU B 333 1.49 -12.65 7.53
N LEU B 334 2.17 -13.68 7.04
CA LEU B 334 3.49 -14.03 7.52
C LEU B 334 4.52 -12.99 7.13
N SER B 335 4.55 -12.65 5.84
CA SER B 335 5.51 -11.67 5.33
C SER B 335 5.29 -10.29 5.93
N TYR B 336 4.03 -9.97 6.23
CA TYR B 336 3.68 -8.69 6.84
C TYR B 336 4.13 -8.65 8.29
N THR B 337 4.05 -9.78 8.97
CA THR B 337 4.40 -9.87 10.38
C THR B 337 5.91 -9.83 10.60
N ARG B 338 6.64 -10.59 9.78
CA ARG B 338 8.09 -10.70 9.92
C ARG B 338 8.81 -9.40 9.58
N ILE B 339 8.34 -8.71 8.55
CA ILE B 339 8.96 -7.45 8.12
C ILE B 339 8.68 -6.32 9.11
N LYS B 340 7.42 -6.16 9.48
CA LYS B 340 7.01 -5.10 10.41
C LYS B 340 7.69 -5.24 11.77
N ARG B 341 7.53 -6.40 12.40
CA ARG B 341 8.11 -6.63 13.71
C ARG B 341 9.01 -7.87 13.72
N PRO B 342 10.27 -7.71 13.26
CA PRO B 342 11.25 -8.80 13.31
C PRO B 342 11.66 -9.11 14.74
N GLN B 343 11.48 -8.14 15.63
CA GLN B 343 11.84 -8.32 17.03
C GLN B 343 10.94 -9.33 17.74
N ASP B 344 9.65 -9.30 17.41
CA ASP B 344 8.70 -10.24 17.99
C ASP B 344 8.35 -11.33 16.98
N GLN B 345 8.88 -12.53 17.21
CA GLN B 345 8.65 -13.66 16.31
C GLN B 345 7.48 -14.53 16.76
N LEU B 346 6.99 -14.27 17.95
CA LEU B 346 5.91 -15.07 18.52
C LEU B 346 4.53 -14.49 18.18
N ARG B 347 4.55 -13.30 17.58
CA ARG B 347 3.31 -12.62 17.22
C ARG B 347 2.50 -13.43 16.22
N PHE B 348 3.17 -14.00 15.23
CA PHE B 348 2.50 -14.80 14.20
C PHE B 348 1.85 -16.08 14.75
N PRO B 349 2.61 -16.91 15.49
CA PRO B 349 1.94 -18.10 16.05
C PRO B 349 0.88 -17.74 17.09
N ARG B 350 1.09 -16.66 17.84
CA ARG B 350 0.09 -16.22 18.80
C ARG B 350 -1.16 -15.70 18.10
N MET B 351 -1.00 -15.24 16.86
CA MET B 351 -2.13 -14.77 16.06
C MET B 351 -2.91 -15.93 15.46
N LEU B 352 -2.19 -16.93 14.95
CA LEU B 352 -2.84 -18.11 14.39
C LEU B 352 -3.51 -18.94 15.47
N MET B 353 -3.11 -18.73 16.72
CA MET B 353 -3.64 -19.49 17.84
C MET B 353 -4.93 -18.89 18.39
N LYS B 354 -5.24 -17.67 17.97
CA LYS B 354 -6.45 -16.99 18.43
C LYS B 354 -7.69 -17.63 17.80
N LEU B 355 -7.49 -18.31 16.68
CA LEU B 355 -8.58 -18.97 15.98
C LEU B 355 -9.19 -20.07 16.85
N VAL B 356 -8.33 -20.75 17.61
CA VAL B 356 -8.77 -21.78 18.54
C VAL B 356 -9.68 -21.19 19.62
N SER B 357 -9.23 -20.07 20.18
CA SER B 357 -10.03 -19.33 21.16
C SER B 357 -11.35 -18.91 20.55
N LEU B 358 -11.32 -18.57 19.26
CA LEU B 358 -12.54 -18.22 18.53
C LEU B 358 -13.47 -19.42 18.42
N ARG B 359 -12.91 -20.61 18.30
CA ARG B 359 -13.70 -21.84 18.25
C ARG B 359 -14.36 -22.11 19.61
N THR B 360 -13.57 -21.99 20.67
CA THR B 360 -14.08 -22.22 22.03
C THR B 360 -15.19 -21.23 22.34
N LEU B 361 -14.94 -19.96 22.08
CA LEU B 361 -15.92 -18.90 22.29
C LEU B 361 -17.13 -19.07 21.36
N SER B 362 -16.93 -19.76 20.25
CA SER B 362 -18.03 -20.08 19.35
C SER B 362 -18.94 -21.14 19.98
N SER B 363 -18.31 -22.12 20.62
CA SER B 363 -19.06 -23.14 21.35
C SER B 363 -19.85 -22.50 22.50
N VAL B 364 -19.17 -21.64 23.25
CA VAL B 364 -19.80 -20.89 24.33
C VAL B 364 -20.97 -20.06 23.81
N HIS B 365 -20.78 -19.46 22.65
CA HIS B 365 -21.83 -18.68 22.00
C HIS B 365 -23.04 -19.54 21.66
N SER B 366 -22.79 -20.72 21.09
CA SER B 366 -23.87 -21.65 20.76
C SER B 366 -24.62 -22.08 22.02
N GLU B 367 -23.88 -22.24 23.12
CA GLU B 367 -24.49 -22.58 24.39
C GLU B 367 -25.34 -21.43 24.93
N GLN B 368 -24.93 -20.20 24.61
CA GLN B 368 -25.72 -19.03 24.96
C GLN B 368 -27.02 -19.01 24.15
N VAL B 369 -26.90 -19.36 22.87
CA VAL B 369 -28.07 -19.45 22.00
C VAL B 369 -29.07 -20.48 22.53
N PHE B 370 -28.55 -21.65 22.89
CA PHE B 370 -29.39 -22.70 23.46
C PHE B 370 -30.00 -22.23 24.78
N ALA B 371 -29.24 -21.45 25.54
CA ALA B 371 -29.72 -20.89 26.79
C ALA B 371 -30.93 -20.00 26.53
N LEU B 372 -30.83 -19.16 25.50
CA LEU B 372 -31.93 -18.28 25.11
C LEU B 372 -33.13 -19.10 24.62
N ARG B 373 -32.85 -20.22 23.97
CA ARG B 373 -33.91 -21.11 23.49
C ARG B 373 -34.62 -21.78 24.65
N LEU B 374 -33.90 -21.97 25.76
CA LEU B 374 -34.44 -22.64 26.94
C LEU B 374 -35.56 -21.82 27.60
N GLN B 375 -35.41 -20.51 27.61
CA GLN B 375 -36.40 -19.62 28.21
C GLN B 375 -37.47 -19.20 27.20
N ASP B 376 -37.40 -19.78 26.01
CA ASP B 376 -38.34 -19.50 24.93
C ASP B 376 -38.23 -18.05 24.46
N LYS B 377 -37.01 -17.52 24.51
CA LYS B 377 -36.73 -16.18 24.04
C LYS B 377 -36.58 -16.18 22.52
N LYS B 378 -36.98 -15.07 21.89
CA LYS B 378 -36.91 -14.98 20.44
C LYS B 378 -35.81 -14.02 19.98
N LEU B 379 -35.06 -14.45 18.96
CA LEU B 379 -34.02 -13.62 18.37
C LEU B 379 -34.38 -13.30 16.92
N PRO B 380 -33.87 -12.17 16.39
CA PRO B 380 -34.19 -11.71 15.03
C PRO B 380 -34.02 -12.79 13.96
N PRO B 381 -34.90 -12.78 12.94
CA PRO B 381 -34.96 -13.78 11.87
C PRO B 381 -33.61 -14.08 11.22
N LEU B 382 -32.75 -13.06 11.10
CA LEU B 382 -31.42 -13.25 10.54
C LEU B 382 -30.53 -14.03 11.50
N LEU B 383 -30.47 -13.56 12.74
CA LEU B 383 -29.69 -14.20 13.78
C LEU B 383 -30.26 -15.58 14.09
N SER B 384 -31.57 -15.71 13.96
CA SER B 384 -32.24 -16.99 14.16
C SER B 384 -32.01 -17.91 12.96
N GLU B 385 -31.63 -17.31 11.83
CA GLU B 385 -31.30 -18.10 10.65
C GLU B 385 -29.89 -18.65 10.76
N ILE B 386 -28.97 -17.82 11.25
CA ILE B 386 -27.56 -18.20 11.35
C ILE B 386 -27.27 -19.21 12.47
N TRP B 387 -27.70 -18.90 13.68
CA TRP B 387 -27.27 -19.65 14.86
C TRP B 387 -28.19 -20.78 15.31
N ASP B 388 -29.27 -21.01 14.55
CA ASP B 388 -30.17 -22.12 14.87
C ASP B 388 -29.96 -23.30 13.93
N HIS C 2 -10.67 -37.08 40.25
CA HIS C 2 -10.88 -36.86 41.67
C HIS C 2 -9.79 -37.54 42.50
N LYS C 3 -9.45 -38.76 42.12
CA LYS C 3 -8.49 -39.56 42.87
C LYS C 3 -7.36 -40.11 41.98
N ILE C 4 -7.75 -40.93 41.01
CA ILE C 4 -6.80 -41.68 40.19
C ILE C 4 -5.70 -40.83 39.55
N LEU C 5 -6.08 -39.77 38.85
CA LEU C 5 -5.12 -38.93 38.13
C LEU C 5 -4.05 -38.34 39.05
N HIS C 6 -4.45 -37.94 40.24
CA HIS C 6 -3.52 -37.38 41.22
C HIS C 6 -2.46 -38.41 41.61
N ARG C 7 -2.92 -39.63 41.90
CA ARG C 7 -2.02 -40.70 42.30
C ARG C 7 -1.12 -41.16 41.17
N LEU C 8 -1.62 -41.09 39.95
CA LEU C 8 -0.83 -41.45 38.78
C LEU C 8 0.22 -40.38 38.50
N LEU C 9 -0.10 -39.13 38.81
CA LEU C 9 0.82 -38.03 38.62
C LEU C 9 1.85 -37.95 39.74
N GLN C 10 1.53 -38.51 40.89
CA GLN C 10 2.44 -38.51 42.03
C GLN C 10 3.76 -39.23 41.73
N ASP C 11 3.65 -40.50 41.34
CA ASP C 11 4.83 -41.29 40.98
C ASP C 11 4.83 -41.65 39.51
N HIS D 2 -32.01 -19.65 5.32
CA HIS D 2 -31.15 -19.67 4.15
C HIS D 2 -31.56 -18.56 3.18
N LYS D 3 -32.78 -18.07 3.33
CA LYS D 3 -33.35 -17.08 2.42
C LYS D 3 -32.80 -15.66 2.59
N ILE D 4 -32.82 -15.15 3.82
CA ILE D 4 -32.47 -13.76 4.07
C ILE D 4 -30.99 -13.46 3.84
N LEU D 5 -30.12 -14.40 4.19
CA LEU D 5 -28.69 -14.24 3.93
C LEU D 5 -28.46 -14.22 2.43
N HIS D 6 -29.16 -15.10 1.73
CA HIS D 6 -29.09 -15.18 0.27
C HIS D 6 -29.54 -13.87 -0.38
N ARG D 7 -30.61 -13.28 0.12
CA ARG D 7 -31.09 -12.02 -0.42
C ARG D 7 -30.17 -10.87 -0.01
N LEU D 8 -29.38 -11.08 1.04
CA LEU D 8 -28.37 -10.12 1.44
C LEU D 8 -27.12 -10.26 0.57
N LEU D 9 -26.98 -11.40 -0.08
CA LEU D 9 -25.80 -11.69 -0.89
C LEU D 9 -25.77 -10.96 -2.23
N GLN D 10 -26.74 -11.27 -3.09
CA GLN D 10 -26.74 -10.80 -4.48
C GLN D 10 -26.62 -9.29 -4.68
N ASP D 11 -27.09 -8.50 -3.72
CA ASP D 11 -27.01 -7.05 -3.85
C ASP D 11 -26.64 -6.37 -2.53
N SER D 12 -26.53 -5.04 -2.57
CA SER D 12 -26.13 -4.26 -1.40
C SER D 12 -27.30 -4.08 -0.42
N SER D 13 -27.00 -4.18 0.86
CA SER D 13 -28.01 -4.02 1.90
C SER D 13 -28.11 -2.57 2.35
N MET G 30 -27.71 -27.78 -17.10
CA MET G 30 -28.98 -28.33 -17.55
C MET G 30 -28.96 -28.65 -19.04
N ALA G 31 -27.76 -28.78 -19.59
CA ALA G 31 -27.59 -29.08 -21.00
C ALA G 31 -26.59 -30.21 -21.21
N SER G 32 -27.06 -31.32 -21.78
CA SER G 32 -26.22 -32.49 -21.99
C SER G 32 -25.56 -32.50 -23.37
N PHE G 33 -25.96 -31.58 -24.24
CA PHE G 33 -25.39 -31.50 -25.58
C PHE G 33 -24.07 -30.73 -25.57
N THR G 34 -23.82 -30.03 -24.46
CA THR G 34 -22.58 -29.28 -24.28
C THR G 34 -21.37 -30.20 -24.27
N LYS G 35 -21.63 -31.50 -24.12
CA LYS G 35 -20.59 -32.52 -24.22
C LYS G 35 -19.95 -32.48 -25.60
N HIS G 36 -20.73 -32.14 -26.61
CA HIS G 36 -20.26 -32.12 -27.99
C HIS G 36 -19.72 -30.75 -28.40
N ILE G 37 -19.71 -29.80 -27.46
CA ILE G 37 -19.27 -28.45 -27.75
C ILE G 37 -18.12 -28.03 -26.83
N CYS G 38 -17.12 -27.37 -27.41
CA CYS G 38 -15.99 -26.85 -26.64
C CYS G 38 -16.47 -25.81 -25.63
N ALA G 39 -16.02 -25.95 -24.38
CA ALA G 39 -16.47 -25.08 -23.30
C ALA G 39 -15.79 -23.72 -23.32
N ILE G 40 -14.66 -23.63 -24.01
CA ILE G 40 -13.88 -22.40 -24.04
C ILE G 40 -14.10 -21.58 -25.32
N CYS G 41 -13.73 -22.14 -26.47
CA CYS G 41 -13.88 -21.41 -27.74
C CYS G 41 -15.19 -21.69 -28.46
N GLY G 42 -15.95 -22.65 -27.95
CA GLY G 42 -17.25 -22.98 -28.54
C GLY G 42 -17.15 -23.79 -29.82
N ASP G 43 -15.97 -24.34 -30.08
CA ASP G 43 -15.76 -25.19 -31.26
C ASP G 43 -16.40 -26.56 -31.01
N ARG G 44 -16.31 -27.44 -31.99
CA ARG G 44 -16.80 -28.80 -31.82
C ARG G 44 -15.80 -29.56 -30.97
N SER G 45 -16.27 -30.09 -29.85
CA SER G 45 -15.37 -30.72 -28.87
C SER G 45 -15.07 -32.18 -29.18
N SER G 46 -13.83 -32.58 -28.94
CA SER G 46 -13.41 -33.96 -29.11
C SER G 46 -13.58 -34.74 -27.81
N GLY G 47 -14.15 -34.09 -26.80
CA GLY G 47 -14.36 -34.70 -25.50
C GLY G 47 -13.43 -34.17 -24.44
N LYS G 48 -13.51 -34.76 -23.25
CA LYS G 48 -12.67 -34.34 -22.12
C LYS G 48 -11.19 -34.44 -22.42
N HIS G 49 -10.45 -33.39 -22.11
CA HIS G 49 -9.00 -33.38 -22.27
C HIS G 49 -8.32 -33.06 -20.95
N TYR G 50 -8.43 -31.81 -20.53
CA TYR G 50 -7.83 -31.36 -19.27
C TYR G 50 -8.75 -31.41 -18.05
N GLY G 51 -9.90 -32.05 -18.23
CA GLY G 51 -10.92 -32.11 -17.20
C GLY G 51 -12.18 -31.36 -17.61
N VAL G 52 -12.11 -30.66 -18.73
CA VAL G 52 -13.28 -30.07 -19.34
C VAL G 52 -13.38 -30.51 -20.80
N TYR G 53 -14.59 -30.48 -21.35
CA TYR G 53 -14.77 -30.80 -22.77
C TYR G 53 -14.22 -29.66 -23.62
N SER G 54 -13.31 -30.01 -24.53
CA SER G 54 -12.67 -29.00 -25.37
C SER G 54 -12.15 -29.60 -26.68
N CYS G 55 -11.88 -28.74 -27.64
CA CYS G 55 -11.34 -29.17 -28.93
C CYS G 55 -9.82 -29.32 -28.85
N GLU G 56 -9.22 -29.70 -29.98
CA GLU G 56 -7.77 -29.92 -30.03
C GLU G 56 -7.00 -28.61 -30.00
N GLY G 57 -7.68 -27.52 -30.37
CA GLY G 57 -7.06 -26.21 -30.36
C GLY G 57 -6.75 -25.74 -28.95
N CYS G 58 -7.75 -25.79 -28.08
CA CYS G 58 -7.58 -25.38 -26.69
C CYS G 58 -6.75 -26.40 -25.91
N LYS G 59 -6.84 -27.66 -26.33
CA LYS G 59 -6.03 -28.71 -25.73
C LYS G 59 -4.55 -28.44 -25.99
N GLY G 60 -4.21 -28.21 -27.25
CA GLY G 60 -2.85 -27.89 -27.62
C GLY G 60 -2.38 -26.59 -27.02
N PHE G 61 -3.27 -25.61 -26.96
CA PHE G 61 -2.96 -24.31 -26.39
C PHE G 61 -2.57 -24.44 -24.92
N PHE G 62 -3.41 -25.15 -24.16
CA PHE G 62 -3.18 -25.37 -22.74
C PHE G 62 -1.92 -26.23 -22.54
N LYS G 63 -1.68 -27.14 -23.48
CA LYS G 63 -0.53 -28.03 -23.43
C LYS G 63 0.78 -27.24 -23.55
N ARG G 64 0.87 -26.46 -24.62
CA ARG G 64 2.07 -25.64 -24.86
C ARG G 64 2.23 -24.59 -23.78
N THR G 65 1.11 -24.04 -23.31
CA THR G 65 1.14 -23.04 -22.24
C THR G 65 1.73 -23.61 -20.96
N VAL G 66 1.18 -24.72 -20.50
CA VAL G 66 1.65 -25.37 -19.28
C VAL G 66 3.10 -25.84 -19.42
N ARG G 67 3.44 -26.36 -20.59
CA ARG G 67 4.77 -26.92 -20.84
C ARG G 67 5.90 -25.92 -20.59
N LYS G 68 5.68 -24.66 -20.98
CA LYS G 68 6.72 -23.65 -20.82
C LYS G 68 6.29 -22.41 -20.02
N ASP G 69 5.46 -21.56 -20.63
CA ASP G 69 5.10 -20.27 -20.04
C ASP G 69 3.64 -20.22 -19.60
N LEU G 70 3.42 -20.10 -18.31
CA LEU G 70 2.08 -20.11 -17.74
C LEU G 70 1.48 -18.71 -17.59
N THR G 71 2.21 -17.69 -18.01
CA THR G 71 1.72 -16.31 -17.89
C THR G 71 1.92 -15.51 -19.18
N TYR G 72 0.80 -15.07 -19.76
CA TYR G 72 0.85 -14.25 -20.97
C TYR G 72 0.67 -12.77 -20.60
N THR G 73 0.64 -11.92 -21.62
CA THR G 73 0.42 -10.49 -21.41
C THR G 73 -0.67 -9.96 -22.33
N CYS G 74 -1.79 -9.53 -21.73
CA CYS G 74 -2.89 -8.93 -22.48
C CYS G 74 -2.67 -7.43 -22.56
N ARG G 75 -2.50 -6.91 -23.77
CA ARG G 75 -2.05 -5.54 -23.97
C ARG G 75 -3.04 -4.47 -23.47
N ASP G 76 -4.28 -4.52 -23.94
CA ASP G 76 -5.24 -3.49 -23.59
C ASP G 76 -5.75 -3.67 -22.16
N ASN G 77 -6.61 -4.67 -21.97
CA ASN G 77 -7.06 -5.09 -20.65
C ASN G 77 -7.63 -6.48 -20.80
N LYS G 78 -7.79 -7.22 -19.71
CA LYS G 78 -8.36 -8.55 -19.91
C LYS G 78 -9.88 -8.54 -19.75
N ASP G 79 -10.55 -8.59 -20.89
CA ASP G 79 -11.93 -9.03 -20.99
C ASP G 79 -12.01 -9.88 -22.24
N CYS G 80 -11.88 -9.17 -23.36
CA CYS G 80 -11.92 -9.73 -24.72
C CYS G 80 -13.11 -10.63 -24.96
N LEU G 81 -12.89 -11.68 -25.74
CA LEU G 81 -13.85 -12.76 -25.90
C LEU G 81 -13.12 -13.96 -26.50
N ILE G 82 -13.68 -15.15 -26.33
CA ILE G 82 -13.14 -16.33 -26.99
C ILE G 82 -14.24 -17.08 -27.72
N ASP G 83 -14.16 -17.13 -29.05
CA ASP G 83 -15.14 -17.83 -29.85
C ASP G 83 -14.48 -18.62 -30.97
N LYS G 84 -15.29 -19.20 -31.84
CA LYS G 84 -14.81 -20.02 -32.95
C LYS G 84 -13.84 -19.24 -33.86
N ARG G 85 -14.30 -18.11 -34.36
CA ARG G 85 -13.50 -17.34 -35.32
C ARG G 85 -12.28 -16.69 -34.68
N GLN G 86 -12.46 -16.06 -33.52
CA GLN G 86 -11.32 -15.57 -32.78
C GLN G 86 -11.18 -16.32 -31.46
N ARG G 87 -10.26 -17.29 -31.41
CA ARG G 87 -9.66 -17.71 -30.17
C ARG G 87 -8.20 -17.26 -30.09
N ASN G 88 -7.68 -16.77 -31.21
CA ASN G 88 -6.24 -16.50 -31.33
C ASN G 88 -5.79 -15.05 -31.18
N ARG G 89 -6.74 -14.12 -31.04
CA ARG G 89 -6.39 -12.71 -30.97
C ARG G 89 -5.89 -12.33 -29.58
N CYS G 90 -6.29 -13.10 -28.58
CA CYS G 90 -5.78 -12.90 -27.23
C CYS G 90 -5.43 -14.23 -26.57
N GLN G 91 -4.15 -14.39 -26.22
CA GLN G 91 -3.67 -15.61 -25.57
C GLN G 91 -3.96 -15.60 -24.07
N TYR G 92 -3.75 -14.44 -23.44
CA TYR G 92 -3.89 -14.30 -22.00
C TYR G 92 -5.31 -14.62 -21.52
N CYS G 93 -6.30 -13.97 -22.14
CA CYS G 93 -7.69 -14.21 -21.80
C CYS G 93 -8.11 -15.63 -22.14
N ARG G 94 -7.48 -16.21 -23.16
CA ARG G 94 -7.77 -17.58 -23.57
C ARG G 94 -7.34 -18.56 -22.49
N TYR G 95 -6.10 -18.44 -22.04
CA TYR G 95 -5.57 -19.31 -20.99
C TYR G 95 -6.28 -19.09 -19.66
N GLN G 96 -6.57 -17.83 -19.35
CA GLN G 96 -7.29 -17.49 -18.14
C GLN G 96 -8.71 -18.06 -18.19
N LYS G 97 -9.26 -18.17 -19.39
CA LYS G 97 -10.57 -18.77 -19.58
C LYS G 97 -10.45 -20.30 -19.52
N CYS G 98 -9.26 -20.81 -19.80
CA CYS G 98 -9.01 -22.24 -19.66
C CYS G 98 -8.92 -22.60 -18.19
N LEU G 99 -8.39 -21.68 -17.38
CA LEU G 99 -8.35 -21.86 -15.94
C LEU G 99 -9.70 -21.57 -15.31
N ALA G 100 -10.50 -20.75 -15.98
CA ALA G 100 -11.81 -20.35 -15.49
C ALA G 100 -12.80 -21.52 -15.57
N MET G 101 -12.68 -22.32 -16.62
CA MET G 101 -13.56 -23.47 -16.80
C MET G 101 -13.15 -24.63 -15.90
N GLY G 102 -12.03 -24.47 -15.19
CA GLY G 102 -11.59 -25.44 -14.21
C GLY G 102 -10.95 -26.72 -14.75
N MET G 103 -9.97 -26.57 -15.63
CA MET G 103 -9.19 -27.71 -16.08
C MET G 103 -8.36 -28.27 -14.93
N LYS G 104 -8.00 -29.55 -15.01
CA LYS G 104 -7.23 -30.19 -13.95
C LYS G 104 -5.77 -29.76 -13.97
N ARG G 105 -4.94 -30.38 -13.13
CA ARG G 105 -3.59 -29.89 -12.94
C ARG G 105 -2.57 -30.59 -13.84
N GLU G 106 -2.10 -29.86 -14.85
CA GLU G 106 -0.79 -30.12 -15.44
C GLU G 106 0.17 -29.13 -14.79
N ALA G 107 -0.41 -28.18 -14.06
CA ALA G 107 0.34 -27.10 -13.42
C ALA G 107 -0.48 -26.50 -12.27
N VAL G 108 0.20 -25.72 -11.43
CA VAL G 108 -0.47 -25.06 -10.30
C VAL G 108 -1.35 -23.90 -10.77
N GLN G 109 -1.97 -23.20 -9.82
CA GLN G 109 -2.95 -22.17 -10.15
C GLN G 109 -2.64 -20.82 -9.49
N GLU G 110 -2.95 -19.73 -10.20
CA GLU G 110 -2.83 -18.38 -9.65
C GLU G 110 -4.23 -17.78 -9.53
N GLU G 111 -4.71 -17.67 -8.29
CA GLU G 111 -6.14 -17.45 -8.03
C GLU G 111 -6.73 -16.03 -8.07
N ARG G 112 -6.02 -15.06 -7.51
CA ARG G 112 -6.67 -13.84 -6.99
C ARG G 112 -6.99 -12.68 -7.95
N GLN G 113 -5.96 -12.08 -8.54
CA GLN G 113 -6.01 -10.69 -9.02
C GLN G 113 -7.14 -10.32 -9.99
N ARG G 114 -7.58 -9.07 -9.89
CA ARG G 114 -8.80 -8.57 -10.53
C ARG G 114 -8.63 -8.14 -11.99
N GLY G 115 -9.64 -7.43 -12.49
CA GLY G 115 -9.67 -6.98 -13.87
C GLY G 115 -10.46 -5.70 -14.03
N LYS G 116 -10.63 -5.25 -15.27
CA LYS G 116 -11.27 -3.96 -15.56
C LYS G 116 -12.46 -4.12 -16.52
N ASP G 117 -12.98 -3.00 -17.01
CA ASP G 117 -14.27 -2.98 -17.69
C ASP G 117 -14.28 -3.69 -19.04
N ARG G 118 -15.46 -3.72 -19.67
CA ARG G 118 -15.67 -4.49 -20.88
C ARG G 118 -16.17 -3.66 -22.07
N ASN G 119 -17.45 -3.30 -22.03
CA ASN G 119 -18.05 -2.49 -23.08
C ASN G 119 -18.31 -1.08 -22.56
N GLU G 120 -18.16 -0.09 -23.44
CA GLU G 120 -18.21 1.30 -22.99
C GLU G 120 -19.50 2.03 -23.29
N ASN G 121 -20.30 2.25 -22.26
CA ASN G 121 -21.16 3.43 -22.25
C ASN G 121 -20.91 4.11 -20.92
N GLU G 122 -20.10 5.16 -20.96
CA GLU G 122 -19.88 6.02 -19.80
C GLU G 122 -19.81 7.47 -20.24
N VAL G 123 -18.77 7.73 -21.02
CA VAL G 123 -18.32 9.07 -21.34
C VAL G 123 -19.05 9.80 -22.47
N GLU G 124 -19.11 11.11 -22.34
CA GLU G 124 -19.35 12.02 -23.45
C GLU G 124 -18.02 12.77 -23.50
N SER G 125 -17.26 12.59 -24.57
CA SER G 125 -15.80 12.69 -24.40
C SER G 125 -15.22 14.10 -24.34
N THR G 126 -15.04 14.76 -25.47
CA THR G 126 -14.53 16.13 -25.40
C THR G 126 -15.18 17.15 -26.34
N SER G 127 -14.83 17.05 -27.62
CA SER G 127 -15.13 18.08 -28.59
C SER G 127 -14.76 17.62 -30.00
N SER G 128 -14.88 18.51 -30.97
CA SER G 128 -14.46 18.20 -32.33
C SER G 128 -13.19 18.96 -32.67
N ALA G 129 -12.67 18.74 -33.87
CA ALA G 129 -11.36 19.29 -34.21
C ALA G 129 -11.48 20.29 -35.34
N ASN G 130 -10.93 21.49 -35.13
CA ASN G 130 -10.92 22.47 -36.21
C ASN G 130 -9.54 22.83 -36.80
N GLU G 131 -8.78 23.69 -36.10
CA GLU G 131 -7.75 24.58 -36.68
C GLU G 131 -6.25 24.28 -36.60
N ASP G 132 -5.70 23.94 -37.76
CA ASP G 132 -4.86 24.86 -38.52
C ASP G 132 -3.63 25.54 -37.91
N MET G 133 -3.40 25.42 -36.62
CA MET G 133 -2.29 26.18 -36.06
C MET G 133 -1.05 25.33 -35.87
N PRO G 134 0.10 25.81 -36.39
CA PRO G 134 1.36 25.09 -36.28
C PRO G 134 2.15 25.48 -35.03
N VAL G 135 3.30 24.84 -34.83
CA VAL G 135 4.19 25.19 -33.73
C VAL G 135 5.29 26.13 -34.21
N GLU G 136 5.34 26.36 -35.52
CA GLU G 136 6.42 27.14 -36.12
C GLU G 136 6.21 28.65 -36.00
N ARG G 137 4.98 29.10 -36.23
CA ARG G 137 4.68 30.53 -36.18
C ARG G 137 4.81 31.07 -34.75
N ILE G 138 4.70 30.19 -33.77
CA ILE G 138 4.91 30.56 -32.38
C ILE G 138 6.40 30.78 -32.11
N LEU G 139 7.22 29.89 -32.69
CA LEU G 139 8.67 30.00 -32.60
C LEU G 139 9.13 31.30 -33.25
N GLU G 140 8.57 31.57 -34.43
CA GLU G 140 8.88 32.81 -35.14
C GLU G 140 8.39 34.02 -34.37
N ALA G 141 7.28 33.85 -33.66
CA ALA G 141 6.74 34.91 -32.81
C ALA G 141 7.68 35.23 -31.67
N GLU G 142 8.31 34.19 -31.12
CA GLU G 142 9.26 34.38 -30.03
C GLU G 142 10.58 34.95 -30.55
N LEU G 143 10.94 34.58 -31.78
CA LEU G 143 12.19 35.02 -32.37
C LEU G 143 12.15 36.48 -32.82
N ALA G 144 11.04 36.89 -33.41
CA ALA G 144 10.90 38.23 -33.97
C ALA G 144 10.98 39.32 -32.91
N VAL G 145 10.49 39.01 -31.72
CA VAL G 145 10.45 39.99 -30.63
C VAL G 145 11.73 39.94 -29.78
N GLU G 146 12.56 38.93 -30.02
CA GLU G 146 13.79 38.78 -29.24
C GLU G 146 15.08 38.69 -30.06
N PRO G 147 15.43 39.74 -30.81
CA PRO G 147 16.76 39.80 -31.41
C PRO G 147 17.69 40.58 -30.49
N LYS G 148 17.84 40.12 -29.26
CA LYS G 148 18.52 40.90 -28.23
C LYS G 148 19.76 40.22 -27.66
N THR G 149 20.67 41.04 -27.14
CA THR G 149 21.91 40.54 -26.55
C THR G 149 22.35 41.48 -25.43
N GLU G 150 23.00 40.92 -24.41
CA GLU G 150 23.50 41.71 -23.27
C GLU G 150 24.47 42.80 -23.74
N THR G 151 24.40 43.98 -23.11
CA THR G 151 23.49 44.23 -22.01
C THR G 151 22.25 44.98 -22.48
N ASN G 165 17.74 54.88 -7.20
CA ASN G 165 16.89 54.99 -6.01
C ASN G 165 15.71 54.03 -6.05
N ASP G 166 15.02 54.00 -7.18
CA ASP G 166 13.83 53.17 -7.32
C ASP G 166 13.89 52.27 -8.55
N PRO G 167 14.39 51.03 -8.37
CA PRO G 167 14.42 50.02 -9.43
C PRO G 167 13.01 49.70 -9.95
N VAL G 168 12.02 49.87 -9.08
CA VAL G 168 10.62 49.66 -9.45
C VAL G 168 10.22 50.49 -10.65
N THR G 169 10.66 51.75 -10.66
CA THR G 169 10.39 52.66 -11.77
C THR G 169 10.96 52.09 -13.06
N ASN G 170 12.16 51.53 -12.98
CA ASN G 170 12.80 50.92 -14.14
C ASN G 170 12.03 49.70 -14.63
N ILE G 171 11.53 48.91 -13.68
CA ILE G 171 10.75 47.72 -14.01
C ILE G 171 9.45 48.11 -14.72
N CYS G 172 8.77 49.12 -14.20
CA CYS G 172 7.53 49.62 -14.80
C CYS G 172 7.81 50.19 -16.18
N GLN G 173 8.96 50.83 -16.32
CA GLN G 173 9.37 51.41 -17.59
C GLN G 173 9.58 50.31 -18.63
N ALA G 174 10.23 49.23 -18.19
CA ALA G 174 10.47 48.09 -19.06
C ALA G 174 9.16 47.41 -19.45
N ALA G 175 8.24 47.35 -18.49
CA ALA G 175 6.92 46.77 -18.73
C ALA G 175 6.17 47.56 -19.80
N ASP G 176 6.04 48.86 -19.57
CA ASP G 176 5.38 49.75 -20.54
C ASP G 176 6.04 49.68 -21.91
N LYS G 177 7.37 49.65 -21.92
CA LYS G 177 8.12 49.52 -23.17
C LYS G 177 7.74 48.25 -23.91
N GLN G 178 7.65 47.15 -23.17
CA GLN G 178 7.42 45.84 -23.79
C GLN G 178 5.95 45.46 -23.94
N LEU G 179 5.05 46.36 -23.58
CA LEU G 179 3.62 46.14 -23.83
C LEU G 179 3.35 46.15 -25.33
N PHE G 180 3.93 47.13 -26.02
CA PHE G 180 3.80 47.26 -27.46
C PHE G 180 4.33 46.02 -28.16
N THR G 181 5.54 45.62 -27.78
CA THR G 181 6.18 44.44 -28.34
C THR G 181 5.41 43.18 -27.97
N LEU G 182 4.67 43.24 -26.87
CA LEU G 182 3.82 42.12 -26.46
C LEU G 182 2.61 42.03 -27.38
N VAL G 183 2.11 43.19 -27.80
CA VAL G 183 1.02 43.24 -28.77
C VAL G 183 1.50 42.68 -30.11
N GLU G 184 2.65 43.15 -30.56
CA GLU G 184 3.23 42.67 -31.81
C GLU G 184 3.51 41.17 -31.74
N TRP G 185 3.86 40.68 -30.55
CA TRP G 185 4.08 39.26 -30.34
C TRP G 185 2.76 38.51 -30.42
N ALA G 186 1.70 39.14 -29.91
CA ALA G 186 0.37 38.53 -29.89
C ALA G 186 -0.19 38.40 -31.30
N LYS G 187 0.12 39.37 -32.15
CA LYS G 187 -0.33 39.33 -33.54
C LYS G 187 0.33 38.19 -34.33
N ARG G 188 1.51 37.77 -33.88
CA ARG G 188 2.26 36.73 -34.59
C ARG G 188 1.90 35.33 -34.12
N ILE G 189 0.92 35.25 -33.22
CA ILE G 189 0.40 33.97 -32.76
C ILE G 189 -0.73 33.51 -33.68
N PRO G 190 -0.64 32.27 -34.18
CA PRO G 190 -1.60 31.70 -35.13
C PRO G 190 -3.05 31.78 -34.64
N HIS G 191 -3.95 32.23 -35.52
CA HIS G 191 -5.37 32.36 -35.22
C HIS G 191 -5.66 33.22 -33.99
N PHE G 192 -4.91 34.31 -33.84
CA PHE G 192 -5.16 35.28 -32.80
C PHE G 192 -5.89 36.49 -33.37
N SER G 193 -5.22 37.19 -34.29
CA SER G 193 -5.80 38.35 -34.94
C SER G 193 -7.12 38.05 -35.63
N GLU G 194 -7.31 36.78 -36.01
CA GLU G 194 -8.55 36.34 -36.63
C GLU G 194 -9.72 36.41 -35.66
N LEU G 195 -9.44 36.32 -34.37
CA LEU G 195 -10.45 36.50 -33.34
C LEU G 195 -10.85 37.97 -33.29
N PRO G 196 -12.08 38.26 -32.82
CA PRO G 196 -12.54 39.64 -32.71
C PRO G 196 -11.60 40.50 -31.88
N LEU G 197 -11.46 41.77 -32.25
CA LEU G 197 -10.50 42.68 -31.65
C LEU G 197 -10.72 42.83 -30.14
N ASP G 198 -11.99 42.91 -29.74
CA ASP G 198 -12.35 43.09 -28.33
C ASP G 198 -11.90 41.90 -27.49
N ASP G 199 -12.05 40.70 -28.02
CA ASP G 199 -11.60 39.50 -27.33
C ASP G 199 -10.09 39.51 -27.13
N GLN G 200 -9.37 40.03 -28.13
CA GLN G 200 -7.93 40.17 -28.06
C GLN G 200 -7.56 41.16 -26.97
N VAL G 201 -8.30 42.26 -26.91
CA VAL G 201 -8.14 43.26 -25.86
C VAL G 201 -8.30 42.60 -24.49
N ILE G 202 -9.32 41.76 -24.37
CA ILE G 202 -9.59 41.03 -23.14
C ILE G 202 -8.44 40.11 -22.74
N LEU G 203 -7.97 39.31 -23.70
CA LEU G 203 -6.89 38.36 -23.45
C LEU G 203 -5.59 39.06 -23.05
N LEU G 204 -5.25 40.12 -23.77
CA LEU G 204 -4.04 40.88 -23.47
C LEU G 204 -4.13 41.57 -22.12
N ARG G 205 -5.26 42.21 -21.85
CA ARG G 205 -5.48 42.86 -20.56
C ARG G 205 -5.46 41.86 -19.40
N ALA G 206 -5.86 40.63 -19.68
CA ALA G 206 -5.89 39.59 -18.66
C ALA G 206 -4.51 39.02 -18.38
N GLY G 207 -3.76 38.71 -19.43
CA GLY G 207 -2.51 37.97 -19.28
C GLY G 207 -1.21 38.73 -19.43
N TRP G 208 -1.27 40.03 -19.72
CA TRP G 208 -0.07 40.82 -19.99
C TRP G 208 1.01 40.70 -18.92
N ASN G 209 0.59 40.71 -17.66
CA ASN G 209 1.54 40.63 -16.54
C ASN G 209 2.30 39.30 -16.52
N GLU G 210 1.56 38.20 -16.60
CA GLU G 210 2.17 36.87 -16.62
C GLU G 210 3.06 36.68 -17.85
N LEU G 211 2.60 37.21 -18.98
CA LEU G 211 3.37 37.13 -20.23
C LEU G 211 4.71 37.83 -20.11
N LEU G 212 4.68 39.09 -19.67
CA LEU G 212 5.91 39.86 -19.49
C LEU G 212 6.82 39.21 -18.46
N ILE G 213 6.22 38.73 -17.37
CA ILE G 213 6.98 38.08 -16.30
C ILE G 213 7.74 36.85 -16.80
N ALA G 214 7.03 35.96 -17.50
CA ALA G 214 7.66 34.77 -18.06
C ALA G 214 8.70 35.15 -19.11
N SER G 215 8.42 36.20 -19.87
CA SER G 215 9.33 36.67 -20.91
C SER G 215 10.67 37.11 -20.34
N PHE G 216 10.65 38.05 -19.41
CA PHE G 216 11.88 38.54 -18.81
C PHE G 216 12.51 37.49 -17.90
N SER G 217 11.71 36.51 -17.47
CA SER G 217 12.24 35.39 -16.70
C SER G 217 13.10 34.51 -17.60
N HIS G 218 12.62 34.28 -18.82
CA HIS G 218 13.37 33.46 -19.77
C HIS G 218 14.53 34.23 -20.38
N ARG G 219 14.43 35.56 -20.39
CA ARG G 219 15.52 36.38 -20.90
C ARG G 219 16.63 36.54 -19.86
N SER G 220 16.26 36.42 -18.59
CA SER G 220 17.21 36.54 -17.48
C SER G 220 17.77 35.18 -17.09
N ILE G 221 17.42 34.17 -17.87
CA ILE G 221 17.81 32.78 -17.60
C ILE G 221 19.31 32.56 -17.46
N ALA G 222 20.10 33.50 -18.00
CA ALA G 222 21.56 33.35 -18.00
C ALA G 222 22.23 33.82 -16.72
N VAL G 223 21.48 34.55 -15.89
CA VAL G 223 22.01 35.04 -14.62
C VAL G 223 21.04 34.74 -13.47
N LYS G 224 21.54 34.05 -12.45
CA LYS G 224 20.65 33.51 -11.42
C LYS G 224 20.36 34.44 -10.23
N ASP G 225 21.13 35.49 -10.06
CA ASP G 225 20.93 36.39 -8.93
C ASP G 225 20.15 37.67 -9.25
N GLY G 226 19.78 37.85 -10.52
CA GLY G 226 19.10 39.07 -10.93
C GLY G 226 18.33 38.93 -12.23
N ILE G 227 17.71 40.03 -12.65
CA ILE G 227 16.91 40.04 -13.87
C ILE G 227 17.40 41.08 -14.88
N LEU G 228 17.15 40.82 -16.15
CA LEU G 228 17.52 41.75 -17.22
C LEU G 228 16.30 42.45 -17.80
N LEU G 229 16.23 43.76 -17.61
CA LEU G 229 15.17 44.56 -18.19
C LEU G 229 15.45 44.77 -19.68
N ALA G 230 14.40 45.02 -20.45
CA ALA G 230 14.55 45.29 -21.88
C ALA G 230 15.17 46.67 -22.10
N THR G 231 15.08 47.51 -21.07
CA THR G 231 15.63 48.86 -21.12
C THR G 231 17.15 48.85 -21.08
N GLY G 232 17.73 47.68 -20.80
CA GLY G 232 19.16 47.53 -20.74
C GLY G 232 19.69 47.48 -19.31
N LEU G 233 18.88 47.96 -18.38
CA LEU G 233 19.26 47.96 -16.97
C LEU G 233 19.10 46.58 -16.35
N HIS G 234 19.89 46.30 -15.31
CA HIS G 234 19.85 45.01 -14.63
C HIS G 234 19.43 45.20 -13.19
N VAL G 235 18.53 44.35 -12.71
CA VAL G 235 18.04 44.45 -11.33
C VAL G 235 18.46 43.25 -10.48
N HIS G 236 19.37 43.48 -9.55
CA HIS G 236 19.82 42.45 -8.62
C HIS G 236 18.83 42.31 -7.46
N ARG G 237 18.80 41.14 -6.83
CA ARG G 237 17.86 40.85 -5.76
C ARG G 237 18.04 41.74 -4.54
N ASN G 238 19.28 42.18 -4.30
CA ASN G 238 19.57 43.06 -3.17
C ASN G 238 18.84 44.39 -3.28
N SER G 239 18.85 44.95 -4.49
CA SER G 239 18.13 46.20 -4.76
C SER G 239 16.63 46.00 -4.58
N ALA G 240 16.15 44.82 -4.95
CA ALA G 240 14.73 44.49 -4.80
C ALA G 240 14.34 44.44 -3.33
N HIS G 241 15.18 43.82 -2.51
CA HIS G 241 14.94 43.76 -1.07
C HIS G 241 15.02 45.15 -0.45
N SER G 242 15.96 45.95 -0.92
CA SER G 242 16.13 47.31 -0.43
C SER G 242 14.92 48.17 -0.78
N ALA G 243 14.29 47.84 -1.91
CA ALA G 243 13.09 48.55 -2.35
C ALA G 243 11.87 48.09 -1.54
N GLY G 244 11.96 46.88 -1.00
CA GLY G 244 10.87 46.33 -0.18
C GLY G 244 10.05 45.29 -0.92
N VAL G 245 10.29 45.16 -2.21
CA VAL G 245 9.57 44.20 -3.05
C VAL G 245 10.31 42.87 -3.16
N GLY G 246 11.40 42.74 -2.41
CA GLY G 246 12.28 41.59 -2.50
C GLY G 246 11.65 40.21 -2.41
N ALA G 247 10.57 40.09 -1.65
CA ALA G 247 9.92 38.79 -1.46
C ALA G 247 9.40 38.18 -2.76
N ILE G 248 8.53 38.93 -3.44
CA ILE G 248 7.96 38.47 -4.71
C ILE G 248 9.03 38.35 -5.78
N PHE G 249 10.08 39.16 -5.66
CA PHE G 249 11.21 39.09 -6.57
C PHE G 249 11.91 37.75 -6.40
N ASP G 250 12.10 37.34 -5.16
CA ASP G 250 12.71 36.05 -4.85
C ASP G 250 11.79 34.91 -5.28
N ARG G 251 10.48 35.16 -5.27
CA ARG G 251 9.54 34.17 -5.79
C ARG G 251 9.71 33.99 -7.30
N VAL G 252 9.82 35.10 -8.01
CA VAL G 252 10.07 35.07 -9.44
C VAL G 252 11.39 34.37 -9.75
N LEU G 253 12.39 34.64 -8.92
CA LEU G 253 13.73 34.09 -9.10
C LEU G 253 13.76 32.58 -8.86
N THR G 254 13.09 32.14 -7.81
CA THR G 254 13.12 30.73 -7.42
C THR G 254 12.19 29.85 -8.26
N GLU G 255 10.99 30.35 -8.55
CA GLU G 255 9.97 29.52 -9.20
C GLU G 255 9.94 29.59 -10.73
N LEU G 256 10.70 30.51 -11.32
CA LEU G 256 10.64 30.69 -12.77
C LEU G 256 11.99 30.53 -13.47
N VAL G 257 12.85 31.54 -13.31
CA VAL G 257 14.16 31.54 -13.98
C VAL G 257 15.02 30.37 -13.51
N SER G 258 14.84 29.96 -12.25
CA SER G 258 15.54 28.79 -11.73
C SER G 258 15.09 27.53 -12.47
N LYS G 259 13.78 27.31 -12.51
CA LYS G 259 13.22 26.12 -13.13
C LYS G 259 13.40 26.12 -14.66
N MET G 260 13.57 27.31 -15.23
CA MET G 260 13.84 27.43 -16.66
C MET G 260 15.30 27.14 -16.97
N ARG G 261 16.19 27.61 -16.09
CA ARG G 261 17.62 27.33 -16.19
C ARG G 261 17.84 25.84 -16.12
N ASP G 262 17.20 25.21 -15.15
CA ASP G 262 17.17 23.75 -15.07
C ASP G 262 16.29 23.25 -16.21
N MET G 263 16.50 22.00 -16.61
CA MET G 263 15.74 21.35 -17.69
C MET G 263 16.01 21.95 -19.09
N GLN G 264 16.66 23.11 -19.11
CA GLN G 264 17.07 23.77 -20.35
C GLN G 264 15.95 23.93 -21.37
N MET G 265 14.99 24.79 -21.07
CA MET G 265 13.85 25.01 -21.96
C MET G 265 14.22 25.92 -23.13
N ASP G 266 13.70 25.60 -24.31
CA ASP G 266 13.96 26.41 -25.51
C ASP G 266 12.93 27.51 -25.69
N LYS G 267 12.99 28.20 -26.82
CA LYS G 267 12.07 29.30 -27.12
C LYS G 267 10.70 28.78 -27.58
N THR G 268 10.69 27.57 -28.13
CA THR G 268 9.46 26.97 -28.63
C THR G 268 8.49 26.68 -27.49
N GLU G 269 8.97 25.94 -26.49
CA GLU G 269 8.16 25.58 -25.34
C GLU G 269 7.73 26.81 -24.55
N LEU G 270 8.62 27.80 -24.46
CA LEU G 270 8.31 29.07 -23.82
C LEU G 270 7.17 29.77 -24.54
N GLY G 271 7.27 29.80 -25.87
CA GLY G 271 6.24 30.40 -26.69
C GLY G 271 4.91 29.68 -26.54
N CYS G 272 4.97 28.37 -26.34
CA CYS G 272 3.77 27.55 -26.15
C CYS G 272 3.12 27.84 -24.80
N LEU G 273 3.94 27.98 -23.76
CA LEU G 273 3.42 28.31 -22.44
C LEU G 273 2.78 29.69 -22.45
N ARG G 274 3.48 30.65 -23.06
CA ARG G 274 2.98 32.00 -23.21
C ARG G 274 1.73 32.03 -24.08
N ALA G 275 1.58 31.03 -24.95
CA ALA G 275 0.39 30.89 -25.76
C ALA G 275 -0.77 30.38 -24.92
N ILE G 276 -0.47 29.43 -24.03
CA ILE G 276 -1.48 28.92 -23.09
C ILE G 276 -1.98 30.04 -22.20
N VAL G 277 -1.06 30.87 -21.73
CA VAL G 277 -1.41 32.05 -20.94
C VAL G 277 -2.20 33.04 -21.80
N LEU G 278 -1.84 33.14 -23.07
CA LEU G 278 -2.45 34.09 -23.98
C LEU G 278 -3.93 33.81 -24.22
N PHE G 279 -4.27 32.56 -24.49
CA PHE G 279 -5.67 32.21 -24.69
C PHE G 279 -6.27 31.77 -23.36
N ASN G 280 -7.11 32.62 -22.79
CA ASN G 280 -7.77 32.32 -21.54
C ASN G 280 -9.30 32.31 -21.66
N PRO G 281 -9.92 31.13 -21.56
CA PRO G 281 -11.38 31.04 -21.54
C PRO G 281 -11.95 31.56 -20.23
N ASP G 282 -11.10 31.64 -19.21
CA ASP G 282 -11.54 32.01 -17.86
C ASP G 282 -11.86 33.50 -17.73
N SER G 283 -11.49 34.29 -18.73
CA SER G 283 -11.70 35.74 -18.68
C SER G 283 -13.19 36.07 -18.82
N LYS G 284 -13.51 37.35 -18.79
CA LYS G 284 -14.90 37.78 -18.84
C LYS G 284 -15.18 38.72 -20.02
N GLY G 285 -16.26 38.45 -20.73
CA GLY G 285 -16.70 39.32 -21.82
C GLY G 285 -16.33 38.82 -23.20
N LEU G 286 -15.82 37.59 -23.28
CA LEU G 286 -15.42 37.01 -24.55
C LEU G 286 -16.60 36.81 -25.49
N SER G 287 -16.35 36.84 -26.79
CA SER G 287 -17.38 36.57 -27.77
C SER G 287 -17.75 35.10 -27.74
N ASN G 288 -16.75 34.24 -27.90
CA ASN G 288 -16.94 32.80 -27.83
C ASN G 288 -15.81 32.12 -27.08
N PRO G 289 -15.91 32.05 -25.74
CA PRO G 289 -14.90 31.42 -24.87
C PRO G 289 -14.55 30.00 -25.32
N ALA G 290 -15.48 29.33 -25.99
CA ALA G 290 -15.23 27.98 -26.51
C ALA G 290 -14.14 27.99 -27.57
N GLU G 291 -14.12 29.03 -28.40
CA GLU G 291 -13.09 29.18 -29.43
C GLU G 291 -11.71 29.33 -28.78
N VAL G 292 -11.64 30.21 -27.78
CA VAL G 292 -10.40 30.49 -27.07
C VAL G 292 -9.89 29.23 -26.36
N GLU G 293 -10.78 28.54 -25.66
CA GLU G 293 -10.42 27.32 -24.95
C GLU G 293 -9.98 26.24 -25.94
N ALA G 294 -10.63 26.20 -27.10
CA ALA G 294 -10.28 25.24 -28.14
C ALA G 294 -8.88 25.50 -28.67
N LEU G 295 -8.57 26.77 -28.90
CA LEU G 295 -7.25 27.18 -29.35
C LEU G 295 -6.20 26.80 -28.30
N ARG G 296 -6.53 27.04 -27.03
CA ARG G 296 -5.66 26.66 -25.93
C ARG G 296 -5.40 25.15 -25.95
N GLU G 297 -6.44 24.38 -26.26
CA GLU G 297 -6.32 22.93 -26.37
C GLU G 297 -5.44 22.54 -27.56
N LYS G 298 -5.48 23.35 -28.61
CA LYS G 298 -4.63 23.11 -29.76
C LYS G 298 -3.17 23.42 -29.41
N VAL G 299 -2.98 24.33 -28.46
CA VAL G 299 -1.65 24.61 -27.95
C VAL G 299 -1.20 23.45 -27.04
N TYR G 300 -2.16 22.84 -26.35
CA TYR G 300 -1.89 21.64 -25.56
C TYR G 300 -1.35 20.55 -26.49
N ALA G 301 -2.12 20.24 -27.52
CA ALA G 301 -1.75 19.20 -28.48
C ALA G 301 -0.43 19.52 -29.18
N SER G 302 -0.25 20.79 -29.53
CA SER G 302 0.98 21.26 -30.16
C SER G 302 2.20 21.01 -29.28
N LEU G 303 2.11 21.44 -28.03
CA LEU G 303 3.21 21.29 -27.10
C LEU G 303 3.47 19.82 -26.76
N GLU G 304 2.40 19.03 -26.72
CA GLU G 304 2.54 17.58 -26.50
C GLU G 304 3.29 16.94 -27.65
N ALA G 305 2.95 17.35 -28.88
CA ALA G 305 3.62 16.84 -30.07
C ALA G 305 5.09 17.23 -30.06
N TYR G 306 5.37 18.48 -29.76
CA TYR G 306 6.74 18.98 -29.71
C TYR G 306 7.57 18.27 -28.64
N CYS G 307 6.96 18.05 -27.48
CA CYS G 307 7.66 17.38 -26.38
C CYS G 307 7.90 15.90 -26.68
N LYS G 308 6.95 15.28 -27.36
CA LYS G 308 7.09 13.87 -27.72
C LYS G 308 7.96 13.69 -28.96
N HIS G 309 8.30 14.80 -29.62
CA HIS G 309 9.19 14.75 -30.76
C HIS G 309 10.63 15.08 -30.41
N LYS G 310 10.87 16.32 -29.99
CA LYS G 310 12.22 16.80 -29.72
C LYS G 310 12.80 16.15 -28.46
N TYR G 311 11.94 15.74 -27.55
CA TYR G 311 12.38 15.15 -26.29
C TYR G 311 11.76 13.79 -26.00
N PRO G 312 12.18 12.75 -26.74
CA PRO G 312 11.72 11.39 -26.46
C PRO G 312 12.33 10.87 -25.17
N GLU G 313 13.42 11.50 -24.73
CA GLU G 313 14.13 11.10 -23.52
C GLU G 313 13.26 11.23 -22.27
N GLN G 314 12.71 12.42 -22.06
CA GLN G 314 11.93 12.69 -20.87
C GLN G 314 10.43 12.82 -21.17
N PRO G 315 9.65 11.81 -20.75
CA PRO G 315 8.18 11.84 -20.85
C PRO G 315 7.61 12.87 -19.89
N GLY G 316 8.40 13.26 -18.91
CA GLY G 316 7.98 14.24 -17.91
C GLY G 316 8.29 15.66 -18.33
N ARG G 317 8.44 15.87 -19.63
CA ARG G 317 8.73 17.20 -20.15
C ARG G 317 7.49 18.09 -20.09
N PHE G 318 6.47 17.72 -20.86
CA PHE G 318 5.23 18.48 -20.99
C PHE G 318 4.59 18.84 -19.64
N ALA G 319 4.46 17.84 -18.77
CA ALA G 319 3.85 18.04 -17.45
C ALA G 319 4.63 19.03 -16.61
N LYS G 320 5.94 18.81 -16.50
CA LYS G 320 6.81 19.66 -15.70
C LYS G 320 6.91 21.06 -16.29
N LEU G 321 6.58 21.19 -17.58
CA LEU G 321 6.47 22.50 -18.20
C LEU G 321 5.14 23.16 -17.81
N LEU G 322 4.11 22.33 -17.63
CA LEU G 322 2.81 22.84 -17.24
C LEU G 322 2.73 23.16 -15.75
N LEU G 323 3.68 22.65 -14.98
CA LEU G 323 3.68 22.90 -13.53
C LEU G 323 4.20 24.29 -13.19
N ARG G 324 4.72 24.99 -14.20
CA ARG G 324 5.22 26.35 -14.00
C ARG G 324 4.10 27.36 -13.98
N LEU G 325 3.01 27.06 -14.69
CA LEU G 325 1.85 27.94 -14.77
C LEU G 325 1.13 28.23 -13.44
N PRO G 326 0.94 27.21 -12.59
CA PRO G 326 0.34 27.53 -11.28
C PRO G 326 1.19 28.52 -10.47
N ALA G 327 2.50 28.32 -10.46
CA ALA G 327 3.40 29.21 -9.74
C ALA G 327 3.42 30.61 -10.36
N LEU G 328 3.15 30.67 -11.66
CA LEU G 328 3.16 31.94 -12.38
C LEU G 328 1.91 32.76 -12.07
N ARG G 329 0.77 32.08 -11.93
CA ARG G 329 -0.49 32.74 -11.62
C ARG G 329 -0.43 33.35 -10.22
N SER G 330 0.17 32.63 -9.28
CA SER G 330 0.29 33.08 -7.91
C SER G 330 1.14 34.34 -7.82
N ILE G 331 2.29 34.31 -8.49
CA ILE G 331 3.21 35.45 -8.48
C ILE G 331 2.72 36.56 -9.40
N GLY G 332 1.93 36.19 -10.40
CA GLY G 332 1.40 37.16 -11.35
C GLY G 332 0.33 38.04 -10.74
N LEU G 333 -0.50 37.45 -9.89
CA LEU G 333 -1.57 38.18 -9.22
C LEU G 333 -1.02 39.06 -8.09
N LYS G 334 0.05 38.59 -7.45
CA LYS G 334 0.66 39.32 -6.35
C LYS G 334 1.36 40.57 -6.86
N CYS G 335 1.70 40.57 -8.14
CA CYS G 335 2.36 41.70 -8.77
C CYS G 335 1.38 42.86 -9.01
N LEU G 336 0.14 42.52 -9.32
CA LEU G 336 -0.88 43.53 -9.55
C LEU G 336 -1.20 44.30 -8.27
N GLU G 337 -1.13 43.60 -7.15
CA GLU G 337 -1.39 44.21 -5.84
C GLU G 337 -0.40 45.33 -5.56
N HIS G 338 0.86 45.10 -5.90
CA HIS G 338 1.90 46.11 -5.75
C HIS G 338 1.72 47.23 -6.77
N LEU G 339 1.37 46.87 -8.00
CA LEU G 339 1.14 47.86 -9.05
C LEU G 339 -0.08 48.72 -8.74
N PHE G 340 -1.14 48.09 -8.25
CA PHE G 340 -2.34 48.81 -7.85
C PHE G 340 -2.04 49.72 -6.65
N PHE G 341 -1.11 49.28 -5.81
CA PHE G 341 -0.69 50.05 -4.66
C PHE G 341 0.09 51.28 -5.10
N PHE G 342 1.12 51.06 -5.92
CA PHE G 342 1.96 52.14 -6.42
C PHE G 342 1.18 53.10 -7.32
N LYS G 343 0.10 52.59 -7.90
CA LYS G 343 -0.76 53.40 -8.77
C LYS G 343 -1.55 54.44 -7.97
N LEU G 344 -2.14 54.00 -6.86
CA LEU G 344 -2.96 54.88 -6.04
C LEU G 344 -2.14 55.83 -5.17
N ILE G 345 -1.01 55.34 -4.65
CA ILE G 345 -0.14 56.16 -3.82
C ILE G 345 0.41 57.36 -4.60
N GLY G 346 1.07 57.09 -5.71
CA GLY G 346 1.55 58.15 -6.58
C GLY G 346 3.03 58.47 -6.44
N ASP G 347 3.76 57.64 -5.70
CA ASP G 347 5.19 57.83 -5.52
C ASP G 347 5.97 57.45 -6.78
N THR G 348 5.61 56.32 -7.37
CA THR G 348 6.30 55.84 -8.58
C THR G 348 5.55 56.25 -9.84
N PRO G 349 6.28 56.86 -10.80
CA PRO G 349 5.69 57.28 -12.07
C PRO G 349 5.29 56.11 -12.95
N ILE G 350 4.10 56.19 -13.54
CA ILE G 350 3.60 55.13 -14.42
C ILE G 350 3.21 55.71 -15.77
N ASP G 351 3.64 55.04 -16.84
CA ASP G 351 3.36 55.50 -18.20
C ASP G 351 1.90 55.27 -18.57
N THR G 352 1.44 55.99 -19.60
CA THR G 352 0.03 55.97 -20.00
C THR G 352 -0.48 54.59 -20.40
N PHE G 353 0.34 53.83 -21.10
CA PHE G 353 -0.07 52.49 -21.55
C PHE G 353 -0.18 51.53 -20.38
N LEU G 354 0.85 51.51 -19.54
CA LEU G 354 0.86 50.67 -18.35
C LEU G 354 -0.30 51.04 -17.43
N MET G 355 -0.52 52.34 -17.26
CA MET G 355 -1.63 52.85 -16.48
C MET G 355 -2.96 52.38 -17.06
N GLU G 356 -3.05 52.38 -18.39
CA GLU G 356 -4.23 51.92 -19.09
C GLU G 356 -4.49 50.43 -18.82
N MET G 357 -3.42 49.66 -18.81
CA MET G 357 -3.51 48.23 -18.51
C MET G 357 -3.93 48.00 -17.07
N LEU G 358 -3.52 48.92 -16.19
CA LEU G 358 -3.86 48.81 -14.77
C LEU G 358 -5.31 49.20 -14.48
N GLU G 359 -5.77 50.28 -15.10
CA GLU G 359 -7.12 50.78 -14.87
C GLU G 359 -8.19 49.81 -15.37
N ALA G 360 -9.27 49.71 -14.60
CA ALA G 360 -10.39 48.85 -14.95
C ALA G 360 -11.47 49.63 -15.68
N PRO G 361 -11.94 49.10 -16.82
CA PRO G 361 -12.98 49.75 -17.62
C PRO G 361 -14.33 49.77 -16.90
N LYS H 5 -7.45 -29.96 -45.81
CA LYS H 5 -8.61 -30.57 -45.16
C LYS H 5 -8.71 -30.10 -43.72
N GLY H 6 -8.46 -28.81 -43.51
CA GLY H 6 -8.60 -28.18 -42.21
C GLY H 6 -7.42 -28.05 -41.24
N PRO H 7 -6.19 -28.42 -41.65
CA PRO H 7 -5.18 -28.49 -40.58
C PRO H 7 -4.43 -27.17 -40.35
N ALA H 8 -5.15 -26.12 -39.96
CA ALA H 8 -4.55 -24.81 -39.71
C ALA H 8 -5.60 -23.81 -39.23
N PRO H 9 -5.17 -22.76 -38.51
CA PRO H 9 -6.09 -21.65 -38.25
C PRO H 9 -6.21 -20.76 -39.48
N LYS H 10 -7.09 -19.76 -39.43
CA LYS H 10 -7.30 -18.88 -40.57
C LYS H 10 -7.26 -17.41 -40.16
N MET H 11 -8.27 -17.03 -39.39
CA MET H 11 -8.47 -15.66 -38.90
C MET H 11 -8.45 -14.57 -39.98
N LEU H 12 -7.87 -13.43 -39.60
CA LEU H 12 -7.84 -12.21 -40.42
C LEU H 12 -9.16 -11.95 -41.12
N GLY H 13 -9.09 -11.66 -42.42
CA GLY H 13 -10.26 -11.40 -43.22
C GLY H 13 -9.95 -10.38 -44.29
N HIS H 14 -11.00 -9.82 -44.87
CA HIS H 14 -10.85 -8.76 -45.87
C HIS H 14 -10.93 -7.37 -45.26
N GLU H 15 -10.91 -7.30 -43.92
CA GLU H 15 -11.07 -6.02 -43.24
C GLU H 15 -9.85 -5.13 -43.49
N LEU H 16 -9.87 -3.93 -42.94
CA LEU H 16 -8.88 -2.93 -43.31
C LEU H 16 -7.91 -2.59 -42.19
N CYS H 17 -6.96 -1.74 -42.52
CA CYS H 17 -6.07 -1.14 -41.55
C CYS H 17 -6.64 0.23 -41.29
N ARG H 18 -6.82 0.62 -40.03
CA ARG H 18 -7.18 2.01 -39.83
C ARG H 18 -6.04 2.77 -39.19
N VAL H 19 -5.27 3.41 -40.07
CA VAL H 19 -4.47 4.58 -39.78
C VAL H 19 -4.75 5.42 -41.01
N CYS H 20 -4.27 4.90 -42.13
CA CYS H 20 -4.52 5.44 -43.46
C CYS H 20 -5.86 4.99 -44.01
N GLY H 21 -6.23 3.74 -43.76
CA GLY H 21 -7.43 3.16 -44.33
C GLY H 21 -7.20 2.13 -45.41
N ASP H 22 -5.94 1.81 -45.69
CA ASP H 22 -5.60 0.84 -46.72
C ASP H 22 -5.89 -0.59 -46.24
N LYS H 23 -5.66 -1.57 -47.12
CA LYS H 23 -5.89 -2.97 -46.80
C LYS H 23 -4.86 -3.48 -45.79
N ALA H 24 -5.34 -4.15 -44.74
CA ALA H 24 -4.47 -4.69 -43.72
C ALA H 24 -3.92 -6.06 -44.13
N SER H 25 -2.62 -6.25 -43.94
CA SER H 25 -1.98 -7.52 -44.27
C SER H 25 -1.94 -8.45 -43.07
N GLY H 26 -2.45 -7.98 -41.94
CA GLY H 26 -2.52 -8.78 -40.73
C GLY H 26 -2.38 -7.94 -39.48
N PHE H 27 -2.23 -8.61 -38.33
CA PHE H 27 -2.01 -7.91 -37.08
C PHE H 27 -0.53 -7.61 -36.89
N HIS H 28 -0.20 -6.33 -36.79
CA HIS H 28 1.19 -5.91 -36.62
C HIS H 28 1.32 -5.00 -35.41
N TYR H 29 2.18 -5.40 -34.48
CA TYR H 29 2.37 -4.68 -33.22
C TYR H 29 1.06 -4.60 -32.43
N ASN H 30 0.43 -5.77 -32.28
CA ASN H 30 -0.83 -5.92 -31.52
C ASN H 30 -2.00 -5.12 -32.09
N VAL H 31 -1.94 -4.80 -33.38
CA VAL H 31 -3.07 -4.17 -34.06
C VAL H 31 -3.05 -4.53 -35.55
N LEU H 32 -4.22 -4.62 -36.16
CA LEU H 32 -4.30 -4.90 -37.59
C LEU H 32 -3.96 -3.66 -38.42
N SER H 33 -2.95 -3.80 -39.27
CA SER H 33 -2.49 -2.67 -40.09
C SER H 33 -1.90 -3.15 -41.41
N CYS H 34 -1.47 -2.21 -42.24
CA CYS H 34 -0.86 -2.54 -43.51
C CYS H 34 0.67 -2.48 -43.44
N GLU H 35 1.33 -2.81 -44.55
CA GLU H 35 2.78 -2.85 -44.59
C GLU H 35 3.39 -1.45 -44.51
N GLY H 36 2.68 -0.47 -45.07
CA GLY H 36 3.13 0.91 -45.06
C GLY H 36 3.20 1.47 -43.66
N CYS H 37 2.11 1.37 -42.92
CA CYS H 37 2.05 1.86 -41.54
C CYS H 37 3.00 1.08 -40.63
N LYS H 38 3.14 -0.21 -40.92
CA LYS H 38 4.04 -1.07 -40.15
C LYS H 38 5.49 -0.63 -40.31
N GLY H 39 5.93 -0.52 -41.56
CA GLY H 39 7.28 -0.08 -41.85
C GLY H 39 7.55 1.32 -41.33
N PHE H 40 6.57 2.20 -41.51
CA PHE H 40 6.66 3.57 -41.01
C PHE H 40 6.86 3.60 -39.50
N PHE H 41 6.07 2.81 -38.79
CA PHE H 41 6.15 2.75 -37.34
C PHE H 41 7.47 2.15 -36.88
N ARG H 42 7.95 1.16 -37.63
CA ARG H 42 9.23 0.52 -37.31
C ARG H 42 10.38 1.51 -37.43
N ARG H 43 10.48 2.16 -38.58
CA ARG H 43 11.56 3.11 -38.83
C ARG H 43 11.41 4.36 -37.97
N SER H 44 10.20 4.63 -37.52
CA SER H 44 9.95 5.77 -36.63
C SER H 44 10.43 5.46 -35.22
N VAL H 45 10.08 4.30 -34.71
CA VAL H 45 10.45 3.91 -33.36
C VAL H 45 11.95 3.61 -33.23
N VAL H 46 12.47 2.79 -34.14
CA VAL H 46 13.87 2.37 -34.07
C VAL H 46 14.85 3.52 -34.31
N ARG H 47 14.67 4.23 -35.41
CA ARG H 47 15.62 5.25 -35.82
C ARG H 47 15.13 6.69 -35.64
N GLY H 48 14.06 7.04 -36.35
CA GLY H 48 13.64 8.41 -36.50
C GLY H 48 12.73 8.97 -35.41
N GLY H 49 12.77 8.36 -34.23
CA GLY H 49 11.99 8.84 -33.10
C GLY H 49 12.17 10.31 -32.82
N ALA H 50 13.42 10.76 -32.76
CA ALA H 50 13.71 12.17 -32.55
C ALA H 50 13.98 12.87 -33.88
N ARG H 51 13.98 12.12 -34.98
CA ARG H 51 14.23 12.70 -36.28
C ARG H 51 12.91 12.98 -36.99
N ARG H 52 12.57 14.26 -37.07
CA ARG H 52 11.31 14.75 -37.64
C ARG H 52 11.25 16.24 -37.42
N TYR H 53 10.21 16.89 -37.95
CA TYR H 53 9.98 18.31 -37.62
C TYR H 53 8.50 18.64 -37.42
N ALA H 54 8.20 19.93 -37.27
CA ALA H 54 6.87 20.40 -36.92
C ALA H 54 5.83 20.10 -38.01
N CYS H 55 4.56 20.11 -37.62
CA CYS H 55 3.47 19.75 -38.52
C CYS H 55 3.23 20.82 -39.59
N ARG H 56 2.27 20.54 -40.47
CA ARG H 56 1.97 21.41 -41.60
C ARG H 56 0.49 21.76 -41.61
N GLY H 57 -0.35 20.74 -41.73
CA GLY H 57 -1.79 20.91 -41.77
C GLY H 57 -2.36 21.25 -40.42
N GLY H 58 -3.65 21.00 -40.24
CA GLY H 58 -4.37 21.42 -39.06
C GLY H 58 -4.12 20.64 -37.79
N GLY H 59 -3.09 19.80 -37.80
CA GLY H 59 -2.77 18.98 -36.65
C GLY H 59 -3.54 17.68 -36.69
N THR H 60 -4.61 17.68 -37.49
CA THR H 60 -5.39 16.48 -37.76
C THR H 60 -4.75 15.79 -38.95
N CYS H 61 -4.74 16.47 -40.09
CA CYS H 61 -4.17 15.94 -41.33
C CYS H 61 -4.84 14.63 -41.71
N GLN H 62 -6.08 14.74 -42.18
CA GLN H 62 -6.94 13.59 -42.44
C GLN H 62 -6.24 12.54 -43.29
N MET H 63 -6.27 11.30 -42.82
CA MET H 63 -5.44 10.24 -43.36
C MET H 63 -6.11 9.51 -44.52
N ASP H 64 -5.31 9.22 -45.54
CA ASP H 64 -5.75 8.44 -46.69
C ASP H 64 -4.49 7.83 -47.31
N ALA H 65 -4.67 6.78 -48.11
CA ALA H 65 -3.54 6.09 -48.73
C ALA H 65 -2.63 7.05 -49.51
N PHE H 66 -3.24 8.03 -50.16
CA PHE H 66 -2.50 9.01 -50.94
C PHE H 66 -1.89 10.11 -50.07
N MET H 67 -2.66 10.59 -49.09
CA MET H 67 -2.25 11.75 -48.30
C MET H 67 -1.51 11.41 -47.02
N ARG H 68 -1.24 10.12 -46.79
CA ARG H 68 -0.53 9.69 -45.59
C ARG H 68 0.95 10.02 -45.66
N ARG H 69 1.44 10.40 -46.84
CA ARG H 69 2.85 10.68 -47.02
C ARG H 69 3.18 12.17 -46.90
N LYS H 70 2.15 12.99 -46.72
CA LYS H 70 2.34 14.43 -46.62
C LYS H 70 2.84 14.86 -45.23
N CYS H 71 2.23 14.30 -44.19
CA CYS H 71 2.59 14.64 -42.82
C CYS H 71 2.92 13.39 -42.01
N GLN H 72 4.18 13.28 -41.60
CA GLN H 72 4.65 12.09 -40.88
C GLN H 72 4.28 12.11 -39.40
N GLN H 73 4.25 13.30 -38.81
CA GLN H 73 3.95 13.44 -37.39
C GLN H 73 2.52 13.03 -37.05
N CYS H 74 1.56 13.51 -37.84
CA CYS H 74 0.16 13.15 -37.64
C CYS H 74 -0.06 11.68 -37.93
N ARG H 75 0.71 11.14 -38.87
CA ARG H 75 0.64 9.73 -39.20
C ARG H 75 1.10 8.89 -38.01
N LEU H 76 2.18 9.32 -37.39
CA LEU H 76 2.70 8.65 -36.20
C LEU H 76 1.72 8.80 -35.03
N ARG H 77 1.02 9.92 -35.00
CA ARG H 77 -0.01 10.15 -33.99
C ARG H 77 -1.14 9.15 -34.17
N LYS H 78 -1.53 8.92 -35.42
CA LYS H 78 -2.56 7.93 -35.72
C LYS H 78 -2.06 6.52 -35.40
N CYS H 79 -0.75 6.31 -35.55
CA CYS H 79 -0.14 5.05 -35.14
C CYS H 79 -0.25 4.88 -33.63
N LYS H 80 -0.14 5.99 -32.91
CA LYS H 80 -0.33 5.98 -31.46
C LYS H 80 -1.79 5.72 -31.12
N GLU H 81 -2.68 6.17 -31.99
CA GLU H 81 -4.12 5.95 -31.80
C GLU H 81 -4.51 4.57 -32.30
N ALA H 82 -3.54 3.84 -32.84
CA ALA H 82 -3.76 2.46 -33.28
C ALA H 82 -3.37 1.49 -32.17
N GLY H 83 -2.88 2.03 -31.06
CA GLY H 83 -2.50 1.21 -29.91
C GLY H 83 -1.20 0.45 -30.14
N MET H 84 -0.40 0.93 -31.08
CA MET H 84 0.90 0.32 -31.36
C MET H 84 1.88 0.63 -30.24
N ARG H 85 2.55 -0.41 -29.73
CA ARG H 85 3.49 -0.22 -28.63
C ARG H 85 4.92 -0.47 -29.07
N GLU H 86 5.85 0.28 -28.48
CA GLU H 86 7.26 0.19 -28.86
C GLU H 86 7.92 -1.08 -28.32
N GLN H 87 7.34 -1.66 -27.28
CA GLN H 87 7.89 -2.87 -26.68
C GLN H 87 7.68 -4.08 -27.58
N CYS H 88 6.81 -3.94 -28.57
CA CYS H 88 6.58 -4.99 -29.55
C CYS H 88 7.62 -4.90 -30.66
N VAL H 89 8.34 -3.79 -30.71
CA VAL H 89 9.37 -3.56 -31.72
C VAL H 89 10.75 -3.91 -31.16
N LEU H 90 11.52 -4.67 -31.94
CA LEU H 90 12.86 -5.08 -31.53
C LEU H 90 13.77 -3.89 -31.29
N SER H 91 14.49 -3.92 -30.17
CA SER H 91 15.43 -2.86 -29.83
C SER H 91 16.86 -3.30 -30.15
N GLU H 92 17.82 -2.43 -29.88
CA GLU H 92 19.22 -2.70 -30.19
C GLU H 92 19.78 -3.81 -29.29
N GLU H 93 19.16 -3.99 -28.13
CA GLU H 93 19.60 -5.00 -27.17
C GLU H 93 19.18 -6.41 -27.56
N GLN H 94 17.96 -6.52 -28.10
CA GLN H 94 17.39 -7.84 -28.39
C GLN H 94 17.78 -8.39 -29.76
N ILE H 95 18.58 -7.65 -30.50
CA ILE H 95 19.09 -8.11 -31.80
C ILE H 95 19.89 -9.41 -31.62
N ARG H 96 20.41 -9.60 -30.41
CA ARG H 96 21.15 -10.80 -30.05
C ARG H 96 20.33 -12.05 -30.29
N LYS H 97 19.00 -11.91 -30.31
CA LYS H 97 18.10 -13.02 -30.60
C LYS H 97 18.46 -13.71 -31.91
N LYS H 98 18.93 -12.92 -32.88
CA LYS H 98 19.40 -13.50 -34.14
C LYS H 98 20.49 -14.51 -33.84
N LYS H 99 21.53 -14.06 -33.15
CA LYS H 99 22.63 -14.92 -32.75
C LYS H 99 22.20 -16.01 -31.77
N ILE H 100 21.00 -15.86 -31.21
CA ILE H 100 20.47 -16.89 -30.33
C ILE H 100 20.01 -18.09 -31.16
N ARG H 101 19.48 -17.82 -32.35
CA ARG H 101 18.97 -18.91 -33.18
C ARG H 101 19.99 -19.42 -34.20
N LYS H 102 21.15 -18.77 -34.24
CA LYS H 102 22.27 -19.28 -35.03
C LYS H 102 23.24 -20.07 -34.14
N GLN H 103 22.87 -20.19 -32.86
CA GLN H 103 23.73 -20.82 -31.86
C GLN H 103 23.81 -22.33 -32.01
N GLN H 104 22.80 -22.92 -32.65
CA GLN H 104 22.69 -24.38 -32.69
C GLN H 104 23.73 -25.04 -33.59
N GLN H 105 23.67 -26.37 -33.66
CA GLN H 105 24.66 -27.14 -34.42
C GLN H 105 24.20 -27.42 -35.85
N GLN H 106 23.06 -26.85 -36.24
CA GLN H 106 22.47 -27.12 -37.55
C GLN H 106 23.01 -26.23 -38.67
N GLU H 107 22.74 -24.93 -38.58
CA GLU H 107 22.99 -24.00 -39.68
C GLU H 107 24.46 -23.65 -39.97
N SER H 108 24.70 -23.13 -41.17
CA SER H 108 26.04 -22.98 -41.74
C SER H 108 26.79 -21.66 -41.46
N GLN H 109 27.86 -21.47 -42.23
CA GLN H 109 28.93 -20.50 -41.95
C GLN H 109 28.56 -19.05 -41.65
N SER H 110 29.19 -18.53 -40.60
CA SER H 110 29.11 -17.12 -40.19
C SER H 110 29.96 -16.17 -41.05
N GLN H 111 29.67 -14.88 -40.94
CA GLN H 111 30.45 -13.83 -41.61
C GLN H 111 31.78 -13.58 -40.91
N SER H 112 32.49 -12.53 -41.34
CA SER H 112 33.77 -12.18 -40.76
C SER H 112 33.65 -11.00 -39.78
N GLN H 113 34.47 -11.01 -38.74
CA GLN H 113 34.39 -9.98 -37.71
C GLN H 113 35.27 -8.77 -38.02
N SER H 114 36.59 -8.94 -37.92
CA SER H 114 37.50 -7.82 -38.16
C SER H 114 38.69 -8.13 -39.07
N PRO H 115 38.43 -8.54 -40.34
CA PRO H 115 39.55 -8.57 -41.27
C PRO H 115 39.68 -7.20 -41.96
N VAL H 116 39.69 -6.13 -41.17
CA VAL H 116 39.64 -4.78 -41.70
C VAL H 116 40.71 -3.87 -41.11
N GLY H 117 40.56 -3.55 -39.83
CA GLY H 117 41.41 -2.56 -39.19
C GLY H 117 40.77 -1.19 -39.25
N PRO H 118 41.58 -0.13 -39.13
CA PRO H 118 41.08 1.25 -39.20
C PRO H 118 40.99 1.75 -40.64
N GLN H 119 40.28 1.01 -41.49
CA GLN H 119 40.18 1.38 -42.90
C GLN H 119 38.89 0.85 -43.54
N GLY H 120 38.74 1.09 -44.84
CA GLY H 120 37.63 0.53 -45.59
C GLY H 120 36.27 1.05 -45.20
N SER H 121 35.24 0.52 -45.84
CA SER H 121 33.86 0.88 -45.52
C SER H 121 32.96 -0.35 -45.57
N SER H 122 32.20 -0.56 -44.50
CA SER H 122 31.25 -1.68 -44.45
C SER H 122 29.87 -1.20 -44.90
N SER H 123 29.26 -0.34 -44.10
CA SER H 123 27.99 0.27 -44.45
C SER H 123 28.23 1.47 -45.36
N SER H 124 27.18 2.24 -45.62
CA SER H 124 27.29 3.37 -46.53
C SER H 124 27.79 4.64 -45.85
N ALA H 125 28.98 5.08 -46.25
CA ALA H 125 29.56 6.35 -45.80
C ALA H 125 29.52 6.56 -44.29
N SER H 126 29.14 7.78 -43.91
CA SER H 126 28.98 8.17 -42.52
C SER H 126 28.03 9.37 -42.54
N GLY H 127 27.90 10.06 -41.42
CA GLY H 127 27.19 11.32 -41.42
C GLY H 127 27.67 12.27 -40.34
N PRO H 128 27.56 13.57 -40.60
CA PRO H 128 28.05 14.59 -39.68
C PRO H 128 27.31 14.62 -38.35
N GLY H 129 25.99 14.73 -38.39
CA GLY H 129 25.24 14.95 -37.17
C GLY H 129 24.93 16.41 -36.87
N ALA H 130 25.41 17.33 -37.71
CA ALA H 130 24.97 18.74 -37.62
C ALA H 130 25.27 19.43 -36.28
N SER H 131 26.49 19.93 -36.07
CA SER H 131 27.50 20.20 -37.12
C SER H 131 28.25 19.03 -37.77
N PRO H 132 28.92 18.17 -36.98
CA PRO H 132 29.21 18.06 -35.55
C PRO H 132 30.57 18.68 -35.22
N GLY H 133 30.99 18.49 -33.97
CA GLY H 133 32.41 18.50 -33.65
C GLY H 133 33.00 19.69 -32.91
N GLY H 134 34.07 19.40 -32.18
CA GLY H 134 34.84 20.42 -31.48
C GLY H 134 34.43 20.66 -30.04
N SER H 135 33.20 20.29 -29.69
CA SER H 135 32.65 20.60 -28.38
C SER H 135 32.80 19.47 -27.36
N GLU H 136 33.35 18.34 -27.82
CA GLU H 136 33.57 17.15 -26.97
C GLU H 136 32.29 16.69 -26.26
N ALA H 137 32.45 16.22 -25.01
CA ALA H 137 31.36 15.66 -24.20
C ALA H 137 31.87 15.11 -22.87
N GLY H 138 30.95 14.58 -22.07
CA GLY H 138 31.25 14.06 -20.74
C GLY H 138 32.32 12.99 -20.53
N SER H 139 32.23 11.82 -21.17
CA SER H 139 31.21 11.51 -22.16
C SER H 139 30.62 10.09 -22.04
N GLN H 140 29.31 10.01 -21.88
CA GLN H 140 28.55 8.79 -22.17
C GLN H 140 28.94 7.52 -21.40
N GLY H 141 28.60 7.46 -20.12
CA GLY H 141 28.85 6.27 -19.32
C GLY H 141 27.79 5.18 -19.51
N SER H 142 27.63 4.33 -18.50
CA SER H 142 26.71 3.19 -18.57
C SER H 142 25.26 3.58 -18.33
N GLY H 143 24.38 2.56 -18.28
CA GLY H 143 22.97 2.78 -18.02
C GLY H 143 22.09 1.57 -18.29
N GLU H 144 20.85 1.64 -17.84
CA GLU H 144 19.86 0.59 -18.07
C GLU H 144 18.94 0.98 -19.23
N GLY H 145 18.53 -0.01 -20.04
CA GLY H 145 18.86 -1.41 -19.82
C GLY H 145 17.67 -2.21 -19.31
N GLU H 146 16.67 -1.51 -18.78
CA GLU H 146 15.43 -2.15 -18.36
C GLU H 146 14.22 -1.38 -18.87
N GLY H 147 13.02 -1.91 -18.64
CA GLY H 147 11.80 -1.24 -19.06
C GLY H 147 11.42 -0.06 -18.17
N VAL H 148 11.37 -0.32 -16.86
CA VAL H 148 11.00 0.69 -15.86
C VAL H 148 9.78 1.51 -16.25
N GLN H 149 8.73 0.84 -16.72
CA GLN H 149 7.52 1.53 -17.14
C GLN H 149 6.25 0.86 -16.62
N LEU H 150 5.25 1.67 -16.29
CA LEU H 150 3.95 1.19 -15.80
C LEU H 150 4.10 0.24 -14.62
N THR H 151 4.51 0.79 -13.48
CA THR H 151 4.79 -0.04 -12.31
C THR H 151 3.50 -0.56 -11.65
N ALA H 152 3.65 -1.38 -10.63
CA ALA H 152 2.52 -1.91 -9.88
C ALA H 152 2.28 -1.10 -8.61
N ALA H 153 3.14 -0.11 -8.39
CA ALA H 153 3.05 0.72 -7.18
C ALA H 153 2.05 1.84 -7.36
N GLN H 154 1.64 2.07 -8.61
CA GLN H 154 0.66 3.10 -8.92
C GLN H 154 -0.68 2.76 -8.29
N GLU H 155 -1.06 1.49 -8.37
CA GLU H 155 -2.30 1.01 -7.76
C GLU H 155 -2.22 1.13 -6.23
N LEU H 156 -1.05 0.85 -5.69
CA LEU H 156 -0.80 0.97 -4.26
C LEU H 156 -1.04 2.41 -3.83
N MET H 157 -0.37 3.33 -4.51
CA MET H 157 -0.48 4.75 -4.22
C MET H 157 -1.92 5.24 -4.31
N ILE H 158 -2.56 5.00 -5.46
CA ILE H 158 -3.93 5.43 -5.70
C ILE H 158 -4.90 4.87 -4.67
N GLN H 159 -4.92 3.55 -4.50
CA GLN H 159 -5.84 2.91 -3.58
C GLN H 159 -5.60 3.33 -2.13
N GLN H 160 -4.35 3.59 -1.78
CA GLN H 160 -4.02 4.06 -0.44
C GLN H 160 -4.54 5.48 -0.22
N LEU H 161 -4.44 6.31 -1.26
CA LEU H 161 -4.96 7.67 -1.18
C LEU H 161 -6.47 7.68 -1.05
N VAL H 162 -7.14 6.84 -1.85
CA VAL H 162 -8.59 6.74 -1.81
C VAL H 162 -9.07 6.20 -0.46
N ALA H 163 -8.35 5.20 0.06
CA ALA H 163 -8.68 4.61 1.36
C ALA H 163 -8.51 5.62 2.49
N ALA H 164 -7.40 6.35 2.45
CA ALA H 164 -7.12 7.38 3.45
C ALA H 164 -8.19 8.46 3.43
N GLN H 165 -8.49 8.95 2.22
CA GLN H 165 -9.52 9.96 2.03
C GLN H 165 -10.87 9.46 2.52
N LEU H 166 -11.12 8.16 2.35
CA LEU H 166 -12.36 7.54 2.81
C LEU H 166 -12.42 7.52 4.34
N GLN H 167 -11.31 7.18 4.97
CA GLN H 167 -11.22 7.16 6.43
C GLN H 167 -11.43 8.54 7.02
N CYS H 168 -10.80 9.53 6.41
CA CYS H 168 -10.92 10.91 6.88
C CYS H 168 -12.33 11.46 6.62
N ASN H 169 -12.95 10.99 5.55
CA ASN H 169 -14.32 11.37 5.23
C ASN H 169 -15.31 10.77 6.22
N LYS H 170 -15.03 9.54 6.64
CA LYS H 170 -15.88 8.84 7.60
C LYS H 170 -15.69 9.42 9.00
N ARG H 171 -14.47 9.87 9.30
CA ARG H 171 -14.18 10.51 10.57
C ARG H 171 -14.87 11.86 10.63
N SER H 172 -15.00 12.50 9.48
CA SER H 172 -15.65 13.80 9.37
C SER H 172 -17.13 13.64 9.01
N PHE H 173 -17.59 12.41 8.93
CA PHE H 173 -18.98 12.13 8.55
C PHE H 173 -19.96 12.83 9.47
N SER H 174 -20.03 12.43 10.73
CA SER H 174 -20.90 13.14 11.65
C SER H 174 -20.15 13.92 12.71
N ASP H 175 -20.01 15.22 12.48
CA ASP H 175 -19.91 16.21 13.53
C ASP H 175 -21.26 16.91 13.60
N GLN H 176 -22.15 16.49 12.70
CA GLN H 176 -23.40 17.18 12.40
C GLN H 176 -24.30 17.63 13.58
N PRO H 177 -24.48 16.77 14.60
CA PRO H 177 -25.29 17.28 15.71
C PRO H 177 -24.57 18.38 16.49
N LYS H 178 -23.25 18.37 16.44
CA LYS H 178 -22.44 19.35 17.16
C LYS H 178 -22.34 20.66 16.40
N VAL H 179 -22.58 20.62 15.10
CA VAL H 179 -22.47 21.79 14.25
C VAL H 179 -23.67 22.73 14.43
N THR H 180 -23.38 24.03 14.49
CA THR H 180 -24.41 25.06 14.67
C THR H 180 -25.54 24.93 13.65
N PRO H 181 -26.78 24.83 14.13
CA PRO H 181 -27.97 24.59 13.30
C PRO H 181 -28.26 25.70 12.29
N TRP H 182 -28.74 25.32 11.12
CA TRP H 182 -29.13 26.24 10.07
C TRP H 182 -30.47 26.89 10.42
N PRO H 183 -30.60 28.19 10.17
CA PRO H 183 -31.82 28.93 10.52
C PRO H 183 -32.99 28.58 9.59
N LEU H 184 -33.66 27.47 9.88
CA LEU H 184 -34.79 27.01 9.08
C LEU H 184 -35.97 27.98 9.15
N GLY H 185 -36.48 28.36 7.98
CA GLY H 185 -37.63 29.25 7.91
C GLY H 185 -37.33 30.68 8.30
N ALA H 186 -36.04 31.03 8.33
CA ALA H 186 -35.62 32.38 8.70
C ALA H 186 -35.72 33.33 7.53
N ASP H 187 -36.04 34.59 7.82
CA ASP H 187 -36.13 35.62 6.79
C ASP H 187 -34.73 35.98 6.29
N PRO H 188 -34.58 36.04 4.95
CA PRO H 188 -33.29 36.37 4.33
C PRO H 188 -32.88 37.81 4.59
N GLN H 189 -31.59 38.11 4.37
CA GLN H 189 -31.08 39.47 4.48
C GLN H 189 -31.23 40.09 5.87
N SER H 190 -31.32 39.25 6.90
CA SER H 190 -31.41 39.74 8.27
C SER H 190 -30.12 39.44 9.04
N ARG H 191 -29.76 40.34 9.94
CA ARG H 191 -28.49 40.27 10.67
C ARG H 191 -28.27 38.96 11.42
N ASP H 192 -29.20 38.63 12.31
CA ASP H 192 -29.08 37.45 13.16
C ASP H 192 -29.01 36.17 12.33
N ALA H 193 -29.94 36.03 11.38
CA ALA H 193 -29.99 34.86 10.52
C ALA H 193 -28.71 34.71 9.70
N ARG H 194 -28.26 35.81 9.11
CA ARG H 194 -27.04 35.82 8.31
C ARG H 194 -25.83 35.43 9.15
N GLN H 195 -25.81 35.89 10.40
CA GLN H 195 -24.76 35.54 11.33
C GLN H 195 -24.79 34.04 11.61
N GLN H 196 -25.99 33.51 11.76
CA GLN H 196 -26.18 32.08 12.00
C GLN H 196 -25.67 31.24 10.83
N ARG H 197 -26.03 31.65 9.61
CA ARG H 197 -25.61 30.97 8.40
C ARG H 197 -24.10 30.99 8.27
N PHE H 198 -23.52 32.17 8.51
CA PHE H 198 -22.08 32.33 8.41
C PHE H 198 -21.35 31.45 9.43
N ALA H 199 -21.87 31.40 10.65
CA ALA H 199 -21.30 30.56 11.69
C ALA H 199 -21.39 29.09 11.30
N HIS H 200 -22.51 28.73 10.67
CA HIS H 200 -22.74 27.37 10.19
C HIS H 200 -21.68 26.97 9.16
N PHE H 201 -21.59 27.75 8.10
CA PHE H 201 -20.62 27.52 7.04
C PHE H 201 -19.19 27.53 7.57
N THR H 202 -18.96 28.34 8.61
CA THR H 202 -17.63 28.44 9.20
C THR H 202 -17.26 27.18 9.96
N GLU H 203 -18.20 26.64 10.72
CA GLU H 203 -17.97 25.39 11.45
C GLU H 203 -17.78 24.24 10.46
N LEU H 204 -18.59 24.23 9.40
CA LEU H 204 -18.42 23.24 8.34
C LEU H 204 -17.04 23.36 7.72
N ALA H 205 -16.55 24.59 7.61
CA ALA H 205 -15.21 24.86 7.09
C ALA H 205 -14.15 24.31 8.03
N ILE H 206 -14.38 24.42 9.33
CA ILE H 206 -13.47 23.86 10.33
C ILE H 206 -13.39 22.35 10.19
N ILE H 207 -14.55 21.71 10.07
CA ILE H 207 -14.62 20.27 9.85
C ILE H 207 -13.86 19.88 8.59
N SER H 208 -14.03 20.68 7.54
CA SER H 208 -13.33 20.45 6.28
C SER H 208 -11.82 20.52 6.45
N VAL H 209 -11.36 21.54 7.18
CA VAL H 209 -9.94 21.74 7.41
C VAL H 209 -9.33 20.58 8.20
N GLN H 210 -9.98 20.19 9.28
CA GLN H 210 -9.52 19.06 10.08
C GLN H 210 -9.48 17.78 9.23
N GLU H 211 -10.47 17.63 8.37
CA GLU H 211 -10.51 16.53 7.42
C GLU H 211 -9.28 16.53 6.51
N ILE H 212 -8.95 17.71 5.99
CA ILE H 212 -7.81 17.87 5.10
C ILE H 212 -6.49 17.54 5.82
N VAL H 213 -6.33 18.06 7.03
CA VAL H 213 -5.14 17.78 7.83
C VAL H 213 -5.01 16.28 8.07
N ASP H 214 -6.11 15.65 8.46
CA ASP H 214 -6.12 14.20 8.67
C ASP H 214 -5.78 13.44 7.40
N PHE H 215 -6.15 14.02 6.25
CA PHE H 215 -5.84 13.40 4.96
C PHE H 215 -4.35 13.48 4.64
N ALA H 216 -3.79 14.68 4.75
CA ALA H 216 -2.37 14.90 4.48
C ALA H 216 -1.50 14.11 5.45
N LYS H 217 -2.02 13.87 6.65
CA LYS H 217 -1.34 13.08 7.66
C LYS H 217 -1.03 11.68 7.17
N GLN H 218 -1.96 11.08 6.44
CA GLN H 218 -1.82 9.71 5.98
C GLN H 218 -1.22 9.60 4.58
N VAL H 219 -0.82 10.75 4.02
CA VAL H 219 -0.16 10.78 2.73
C VAL H 219 1.31 10.39 2.87
N PRO H 220 1.76 9.41 2.07
CA PRO H 220 3.15 8.93 2.09
C PRO H 220 4.15 10.03 1.73
N GLY H 221 5.20 10.16 2.52
CA GLY H 221 6.22 11.16 2.26
C GLY H 221 5.99 12.47 2.98
N PHE H 222 4.73 12.70 3.37
CA PHE H 222 4.38 13.92 4.10
C PHE H 222 4.92 13.87 5.52
N LEU H 223 5.16 12.66 6.01
CA LEU H 223 5.64 12.47 7.37
C LEU H 223 7.12 12.79 7.52
N GLN H 224 7.91 12.45 6.50
CA GLN H 224 9.35 12.66 6.56
C GLN H 224 9.72 14.12 6.31
N LEU H 225 8.77 14.91 5.85
CA LEU H 225 9.00 16.33 5.60
C LEU H 225 9.16 17.10 6.89
N GLY H 226 9.81 18.25 6.82
CA GLY H 226 10.00 19.12 7.97
C GLY H 226 8.66 19.59 8.53
N ARG H 227 8.65 19.88 9.82
CA ARG H 227 7.41 20.25 10.51
C ARG H 227 6.86 21.56 9.95
N GLU H 228 7.75 22.55 9.85
CA GLU H 228 7.38 23.87 9.33
C GLU H 228 7.01 23.78 7.85
N ASP H 229 7.57 22.80 7.15
CA ASP H 229 7.22 22.55 5.76
C ASP H 229 5.79 22.02 5.66
N GLN H 230 5.45 21.09 6.56
CA GLN H 230 4.10 20.57 6.65
C GLN H 230 3.13 21.70 6.93
N ILE H 231 3.48 22.52 7.92
CA ILE H 231 2.64 23.65 8.32
C ILE H 231 2.42 24.63 7.17
N ALA H 232 3.50 24.96 6.46
CA ALA H 232 3.42 25.89 5.33
C ALA H 232 2.56 25.34 4.20
N LEU H 233 2.84 24.09 3.81
CA LEU H 233 2.11 23.43 2.74
C LEU H 233 0.62 23.31 3.06
N LEU H 234 0.30 23.04 4.32
CA LEU H 234 -1.09 22.96 4.76
C LEU H 234 -1.76 24.33 4.71
N LYS H 235 -1.10 25.32 5.30
CA LYS H 235 -1.60 26.70 5.31
C LYS H 235 -1.92 27.18 3.91
N ALA H 236 -1.03 26.87 2.96
CA ALA H 236 -1.18 27.33 1.58
C ALA H 236 -2.20 26.53 0.77
N SER H 237 -2.19 25.21 0.91
CA SER H 237 -3.00 24.35 0.06
C SER H 237 -4.40 24.02 0.63
N THR H 238 -4.65 24.41 1.88
CA THR H 238 -5.92 24.11 2.53
C THR H 238 -7.14 24.60 1.74
N ILE H 239 -7.11 25.87 1.35
CA ILE H 239 -8.23 26.47 0.62
C ILE H 239 -8.41 25.84 -0.75
N GLU H 240 -7.31 25.46 -1.39
CA GLU H 240 -7.37 24.83 -2.71
C GLU H 240 -8.00 23.45 -2.62
N ILE H 241 -7.60 22.67 -1.61
CA ILE H 241 -8.19 21.36 -1.39
C ILE H 241 -9.66 21.48 -1.00
N MET H 242 -9.99 22.52 -0.25
CA MET H 242 -11.38 22.80 0.11
C MET H 242 -12.21 23.05 -1.13
N LEU H 243 -11.70 23.88 -2.02
CA LEU H 243 -12.38 24.19 -3.28
C LEU H 243 -12.56 22.95 -4.15
N LEU H 244 -11.50 22.15 -4.25
CA LEU H 244 -11.52 20.95 -5.06
C LEU H 244 -12.56 19.95 -4.54
N GLU H 245 -12.53 19.72 -3.22
CA GLU H 245 -13.50 18.85 -2.56
C GLU H 245 -14.92 19.38 -2.75
N THR H 246 -15.06 20.70 -2.75
CA THR H 246 -16.36 21.33 -2.96
C THR H 246 -16.87 21.07 -4.38
N ALA H 247 -15.96 21.13 -5.34
CA ALA H 247 -16.30 20.88 -6.73
C ALA H 247 -16.62 19.41 -6.98
N ARG H 248 -16.00 18.53 -6.19
CA ARG H 248 -16.23 17.10 -6.34
C ARG H 248 -17.67 16.70 -5.99
N ARG H 249 -18.24 17.38 -5.00
CA ARG H 249 -19.60 17.07 -4.54
C ARG H 249 -20.65 17.97 -5.19
N TYR H 250 -20.23 18.83 -6.10
CA TYR H 250 -21.15 19.73 -6.80
C TYR H 250 -22.15 18.98 -7.67
N ASN H 251 -23.38 19.49 -7.70
CA ASN H 251 -24.43 18.89 -8.51
C ASN H 251 -24.74 19.76 -9.73
N HIS H 252 -24.74 19.15 -10.91
CA HIS H 252 -24.93 19.88 -12.15
C HIS H 252 -26.39 20.26 -12.42
N GLU H 253 -27.29 19.30 -12.25
CA GLU H 253 -28.70 19.52 -12.58
C GLU H 253 -29.43 20.39 -11.56
N THR H 254 -29.15 20.17 -10.27
CA THR H 254 -29.79 20.95 -9.22
C THR H 254 -29.02 22.22 -8.91
N GLU H 255 -27.81 22.31 -9.46
CA GLU H 255 -26.94 23.48 -9.28
C GLU H 255 -26.71 23.77 -7.80
N CYS H 256 -26.44 22.72 -7.03
CA CYS H 256 -26.24 22.86 -5.59
C CYS H 256 -24.98 22.15 -5.12
N ILE H 257 -24.58 22.45 -3.88
CA ILE H 257 -23.42 21.81 -3.28
C ILE H 257 -23.83 21.06 -2.02
N THR H 258 -23.47 19.79 -1.95
CA THR H 258 -23.83 18.94 -0.81
C THR H 258 -22.66 18.70 0.12
N PHE H 259 -22.84 19.05 1.39
CA PHE H 259 -21.79 18.88 2.39
C PHE H 259 -22.19 17.81 3.42
N LEU H 260 -21.21 17.01 3.83
CA LEU H 260 -21.37 16.09 4.97
C LEU H 260 -22.36 14.93 4.77
N LYS H 261 -23.02 14.88 3.62
CA LYS H 261 -23.95 13.78 3.32
C LYS H 261 -25.10 13.63 4.32
N ASP H 262 -26.09 14.53 4.24
CA ASP H 262 -26.14 15.57 3.22
C ASP H 262 -26.62 16.92 3.75
N PHE H 263 -25.79 17.94 3.57
CA PHE H 263 -26.23 19.31 3.75
C PHE H 263 -26.13 20.02 2.40
N THR H 264 -27.28 20.29 1.81
CA THR H 264 -27.32 20.80 0.43
C THR H 264 -27.70 22.27 0.39
N TYR H 265 -26.85 23.07 -0.27
CA TYR H 265 -27.08 24.50 -0.38
C TYR H 265 -27.03 24.96 -1.83
N SER H 266 -27.89 25.92 -2.18
CA SER H 266 -27.93 26.46 -3.53
C SER H 266 -26.99 27.64 -3.66
N LYS H 267 -26.99 28.28 -4.84
CA LYS H 267 -26.09 29.38 -5.12
C LYS H 267 -26.42 30.61 -4.27
N ASP H 268 -27.71 30.84 -4.04
CA ASP H 268 -28.15 32.01 -3.28
C ASP H 268 -27.95 31.82 -1.78
N ASP H 269 -27.93 30.56 -1.34
CA ASP H 269 -27.75 30.24 0.08
C ASP H 269 -26.39 30.72 0.59
N PHE H 270 -25.41 30.79 -0.30
CA PHE H 270 -24.11 31.32 0.05
C PHE H 270 -24.11 32.85 0.01
N HIS H 271 -25.12 33.41 -0.65
CA HIS H 271 -25.28 34.86 -0.69
C HIS H 271 -26.06 35.33 0.53
N ARG H 272 -26.69 34.38 1.22
CA ARG H 272 -27.45 34.68 2.43
C ARG H 272 -26.52 34.69 3.64
N ALA H 273 -25.31 34.19 3.46
CA ALA H 273 -24.35 34.09 4.56
C ALA H 273 -23.49 35.35 4.68
N GLY H 274 -23.65 36.25 3.73
CA GLY H 274 -22.90 37.50 3.75
C GLY H 274 -21.68 37.44 2.85
N LEU H 275 -21.41 36.28 2.28
CA LEU H 275 -20.31 36.11 1.35
C LEU H 275 -20.58 36.91 0.08
N GLN H 276 -19.60 37.72 -0.32
CA GLN H 276 -19.74 38.56 -1.51
C GLN H 276 -19.93 37.71 -2.77
N VAL H 277 -20.72 38.21 -3.70
CA VAL H 277 -21.08 37.46 -4.90
C VAL H 277 -19.87 37.22 -5.80
N GLU H 278 -18.89 38.12 -5.73
CA GLU H 278 -17.67 37.99 -6.52
C GLU H 278 -16.78 36.86 -5.98
N PHE H 279 -17.01 36.49 -4.72
CA PHE H 279 -16.38 35.32 -4.14
C PHE H 279 -17.15 34.05 -4.54
N ILE H 280 -18.46 34.17 -4.58
CA ILE H 280 -19.34 33.03 -4.82
C ILE H 280 -19.30 32.51 -6.26
N ASN H 281 -19.49 33.41 -7.22
CA ASN H 281 -19.57 33.02 -8.63
C ASN H 281 -18.39 32.20 -9.20
N PRO H 282 -17.13 32.64 -8.96
CA PRO H 282 -16.00 31.86 -9.48
C PRO H 282 -15.93 30.43 -8.93
N ILE H 283 -16.41 30.22 -7.70
CA ILE H 283 -16.43 28.88 -7.13
C ILE H 283 -17.39 27.99 -7.91
N PHE H 284 -18.57 28.53 -8.20
CA PHE H 284 -19.54 27.80 -9.00
C PHE H 284 -19.07 27.70 -10.45
N GLU H 285 -18.38 28.75 -10.92
CA GLU H 285 -17.77 28.74 -12.24
C GLU H 285 -16.73 27.63 -12.31
N PHE H 286 -16.06 27.38 -11.19
CA PHE H 286 -15.04 26.35 -11.10
C PHE H 286 -15.65 24.95 -11.00
N SER H 287 -16.77 24.85 -10.29
CA SER H 287 -17.43 23.56 -10.09
C SER H 287 -18.10 23.05 -11.36
N ARG H 288 -18.64 23.98 -12.15
CA ARG H 288 -19.29 23.62 -13.42
C ARG H 288 -18.25 23.21 -14.45
N ALA H 289 -17.03 23.69 -14.28
CA ALA H 289 -15.96 23.43 -15.24
C ALA H 289 -15.43 22.00 -15.16
N MET H 290 -15.34 21.47 -13.95
CA MET H 290 -14.82 20.12 -13.74
C MET H 290 -15.90 19.06 -13.89
N ARG H 291 -17.15 19.49 -13.91
CA ARG H 291 -18.28 18.57 -14.06
C ARG H 291 -18.24 17.91 -15.44
N ARG H 292 -17.73 18.65 -16.42
CA ARG H 292 -17.59 18.13 -17.77
C ARG H 292 -16.55 17.02 -17.83
N LEU H 293 -15.47 17.19 -17.05
CA LEU H 293 -14.40 16.22 -17.01
C LEU H 293 -14.86 14.90 -16.41
N GLY H 294 -15.60 14.98 -15.31
CA GLY H 294 -16.10 13.80 -14.63
C GLY H 294 -14.97 12.96 -14.04
N LEU H 295 -14.13 13.60 -13.24
CA LEU H 295 -13.00 12.92 -12.63
C LEU H 295 -13.47 12.02 -11.49
N ASP H 296 -12.88 10.82 -11.41
CA ASP H 296 -13.22 9.88 -10.37
C ASP H 296 -12.50 10.21 -9.06
N ASP H 297 -12.71 9.39 -8.04
CA ASP H 297 -12.07 9.60 -6.75
C ASP H 297 -10.55 9.47 -6.86
N ALA H 298 -10.10 8.63 -7.78
CA ALA H 298 -8.67 8.42 -8.01
C ALA H 298 -8.01 9.68 -8.55
N GLU H 299 -8.56 10.21 -9.65
CA GLU H 299 -8.02 11.41 -10.28
C GLU H 299 -8.11 12.62 -9.34
N TYR H 300 -9.17 12.66 -8.54
CA TYR H 300 -9.33 13.72 -7.55
C TYR H 300 -8.26 13.63 -6.46
N ALA H 301 -8.06 12.42 -5.94
CA ALA H 301 -7.05 12.20 -4.91
C ALA H 301 -5.66 12.50 -5.44
N LEU H 302 -5.44 12.24 -6.73
CA LEU H 302 -4.16 12.53 -7.37
C LEU H 302 -3.96 14.03 -7.53
N LEU H 303 -5.01 14.73 -7.97
CA LEU H 303 -4.95 16.18 -8.12
C LEU H 303 -4.69 16.85 -6.77
N ILE H 304 -5.35 16.35 -5.72
CA ILE H 304 -5.12 16.86 -4.38
C ILE H 304 -3.70 16.56 -3.94
N ALA H 305 -3.21 15.36 -4.25
CA ALA H 305 -1.86 14.95 -3.89
C ALA H 305 -0.80 15.85 -4.52
N ILE H 306 -1.00 16.19 -5.79
CA ILE H 306 -0.10 17.11 -6.48
C ILE H 306 -0.25 18.51 -5.90
N ASN H 307 -1.47 18.85 -5.51
CA ASN H 307 -1.76 20.16 -4.94
C ASN H 307 -1.05 20.40 -3.61
N ILE H 308 -0.99 19.35 -2.78
CA ILE H 308 -0.35 19.44 -1.47
C ILE H 308 1.13 19.74 -1.60
N PHE H 309 1.81 19.05 -2.51
CA PHE H 309 3.24 19.24 -2.68
C PHE H 309 3.51 20.29 -3.75
N SER H 310 3.97 21.46 -3.31
CA SER H 310 4.34 22.54 -4.21
C SER H 310 5.52 23.30 -3.65
N ALA H 311 6.50 23.60 -4.49
CA ALA H 311 7.66 24.38 -4.06
C ALA H 311 7.30 25.86 -4.02
N ASP H 312 6.30 26.25 -4.79
CA ASP H 312 5.90 27.64 -4.92
C ASP H 312 5.26 28.21 -3.65
N ARG H 313 4.95 27.33 -2.71
CA ARG H 313 4.36 27.77 -1.45
C ARG H 313 5.32 28.67 -0.69
N PRO H 314 4.79 29.68 0.01
CA PRO H 314 5.64 30.60 0.78
C PRO H 314 6.24 29.93 2.01
N ASN H 315 7.42 30.40 2.43
CA ASN H 315 8.08 29.90 3.63
C ASN H 315 8.40 28.41 3.61
N VAL H 316 8.76 27.89 2.43
CA VAL H 316 9.14 26.49 2.30
C VAL H 316 10.64 26.32 2.52
N GLN H 317 11.00 25.43 3.44
CA GLN H 317 12.39 25.20 3.79
C GLN H 317 13.14 24.41 2.74
N GLU H 318 12.72 23.17 2.51
CA GLU H 318 13.40 22.28 1.58
C GLU H 318 12.47 21.86 0.44
N PRO H 319 12.40 22.66 -0.63
CA PRO H 319 11.53 22.41 -1.78
C PRO H 319 11.98 21.20 -2.60
N GLY H 320 13.21 20.76 -2.42
CA GLY H 320 13.74 19.61 -3.14
C GLY H 320 12.93 18.36 -2.88
N ARG H 321 12.73 18.05 -1.61
CA ARG H 321 11.92 16.90 -1.21
C ARG H 321 10.46 17.07 -1.63
N VAL H 322 10.01 18.32 -1.68
CA VAL H 322 8.63 18.62 -2.04
C VAL H 322 8.37 18.32 -3.50
N GLU H 323 9.31 18.72 -4.37
CA GLU H 323 9.22 18.45 -5.79
C GLU H 323 9.43 16.97 -6.06
N ALA H 324 10.38 16.38 -5.35
CA ALA H 324 10.66 14.95 -5.46
C ALA H 324 9.44 14.12 -5.11
N LEU H 325 8.70 14.57 -4.10
CA LEU H 325 7.46 13.90 -3.69
C LEU H 325 6.32 14.24 -4.63
N GLN H 326 6.41 15.39 -5.29
CA GLN H 326 5.39 15.80 -6.25
C GLN H 326 5.50 14.97 -7.51
N GLN H 327 6.70 14.49 -7.79
CA GLN H 327 7.00 13.74 -9.01
C GLN H 327 6.17 12.46 -9.25
N PRO H 328 6.09 11.55 -8.26
CA PRO H 328 5.40 10.29 -8.55
C PRO H 328 3.90 10.43 -8.84
N TYR H 329 3.24 11.36 -8.15
CA TYR H 329 1.80 11.53 -8.29
C TYR H 329 1.41 12.08 -9.67
N VAL H 330 2.26 12.93 -10.23
CA VAL H 330 2.02 13.47 -11.56
C VAL H 330 2.18 12.36 -12.60
N GLU H 331 3.25 11.59 -12.46
CA GLU H 331 3.51 10.47 -13.36
C GLU H 331 2.45 9.38 -13.19
N ALA H 332 1.93 9.26 -11.97
CA ALA H 332 0.84 8.33 -11.70
C ALA H 332 -0.44 8.82 -12.37
N LEU H 333 -0.61 10.14 -12.41
CA LEU H 333 -1.76 10.74 -13.07
C LEU H 333 -1.64 10.60 -14.58
N LEU H 334 -0.41 10.54 -15.06
CA LEU H 334 -0.13 10.35 -16.48
C LEU H 334 -0.65 9.00 -16.97
N SER H 335 -0.29 7.95 -16.27
CA SER H 335 -0.65 6.59 -16.66
C SER H 335 -2.14 6.29 -16.45
N TYR H 336 -2.66 6.71 -15.30
CA TYR H 336 -4.06 6.46 -14.95
C TYR H 336 -5.02 7.10 -15.94
N THR H 337 -4.65 8.28 -16.43
CA THR H 337 -5.45 8.98 -17.42
C THR H 337 -5.29 8.32 -18.78
N ARG H 338 -4.08 7.82 -19.04
CA ARG H 338 -3.76 7.17 -20.30
C ARG H 338 -4.44 5.81 -20.44
N ILE H 339 -4.38 5.02 -19.38
CA ILE H 339 -4.95 3.67 -19.40
C ILE H 339 -6.48 3.68 -19.43
N LYS H 340 -7.09 4.40 -18.49
CA LYS H 340 -8.54 4.44 -18.36
C LYS H 340 -9.20 5.11 -19.56
N ARG H 341 -8.75 6.32 -19.88
CA ARG H 341 -9.33 7.09 -20.98
C ARG H 341 -8.28 7.48 -22.01
N PRO H 342 -7.90 6.53 -22.89
CA PRO H 342 -6.90 6.79 -23.94
C PRO H 342 -7.43 7.75 -25.00
N GLN H 343 -8.75 7.87 -25.09
CA GLN H 343 -9.38 8.73 -26.09
C GLN H 343 -9.02 10.20 -25.87
N ASP H 344 -8.98 10.61 -24.60
CA ASP H 344 -8.70 12.00 -24.27
C ASP H 344 -7.22 12.23 -23.97
N GLN H 345 -6.55 12.95 -24.86
CA GLN H 345 -5.17 13.35 -24.63
C GLN H 345 -5.13 14.73 -23.99
N LEU H 346 -6.29 15.40 -23.96
CA LEU H 346 -6.39 16.75 -23.43
C LEU H 346 -6.87 16.78 -21.98
N ARG H 347 -7.16 15.61 -21.42
CA ARG H 347 -7.66 15.51 -20.05
C ARG H 347 -6.56 15.87 -19.05
N PHE H 348 -5.35 15.41 -19.31
CA PHE H 348 -4.20 15.66 -18.44
C PHE H 348 -3.79 17.14 -18.34
N PRO H 349 -3.60 17.83 -19.48
CA PRO H 349 -3.24 19.25 -19.37
C PRO H 349 -4.34 20.08 -18.74
N ARG H 350 -5.60 19.69 -18.94
CA ARG H 350 -6.72 20.37 -18.30
C ARG H 350 -6.66 20.16 -16.79
N MET H 351 -6.45 18.91 -16.37
CA MET H 351 -6.32 18.58 -14.96
C MET H 351 -5.19 19.35 -14.30
N LEU H 352 -4.13 19.60 -15.07
CA LEU H 352 -3.02 20.42 -14.56
C LEU H 352 -3.37 21.91 -14.57
N MET H 353 -4.31 22.29 -15.44
CA MET H 353 -4.70 23.69 -15.59
C MET H 353 -5.64 24.14 -14.47
N LYS H 354 -6.46 23.21 -13.99
CA LYS H 354 -7.37 23.50 -12.89
C LYS H 354 -6.59 23.90 -11.65
N LEU H 355 -5.37 23.41 -11.56
CA LEU H 355 -4.46 23.79 -10.47
C LEU H 355 -4.10 25.27 -10.56
N VAL H 356 -3.95 25.76 -11.80
CA VAL H 356 -3.65 27.17 -12.01
C VAL H 356 -4.92 28.00 -11.81
N SER H 357 -6.08 27.36 -11.97
CA SER H 357 -7.34 28.02 -11.66
C SER H 357 -7.48 28.21 -10.16
N LEU H 358 -7.02 27.21 -9.40
CA LEU H 358 -7.11 27.24 -7.94
C LEU H 358 -6.32 28.39 -7.32
N ARG H 359 -5.34 28.91 -8.06
CA ARG H 359 -4.54 30.03 -7.58
C ARG H 359 -5.39 31.31 -7.58
N THR H 360 -6.07 31.54 -8.70
CA THR H 360 -6.98 32.68 -8.83
C THR H 360 -8.10 32.55 -7.82
N LEU H 361 -8.66 31.34 -7.72
CA LEU H 361 -9.72 31.06 -6.76
C LEU H 361 -9.28 31.36 -5.33
N SER H 362 -8.04 31.00 -5.01
CA SER H 362 -7.48 31.26 -3.68
C SER H 362 -7.25 32.76 -3.46
N SER H 363 -6.92 33.47 -4.53
CA SER H 363 -6.76 34.91 -4.46
C SER H 363 -8.09 35.58 -4.12
N VAL H 364 -9.14 35.16 -4.83
CA VAL H 364 -10.48 35.67 -4.58
C VAL H 364 -10.92 35.33 -3.15
N HIS H 365 -10.58 34.12 -2.70
CA HIS H 365 -10.86 33.72 -1.33
C HIS H 365 -10.18 34.64 -0.33
N SER H 366 -8.92 34.97 -0.59
CA SER H 366 -8.16 35.88 0.26
C SER H 366 -8.83 37.25 0.28
N GLU H 367 -9.36 37.65 -0.88
CA GLU H 367 -10.09 38.91 -0.98
C GLU H 367 -11.33 38.89 -0.12
N GLN H 368 -11.99 37.73 -0.06
CA GLN H 368 -13.17 37.54 0.78
C GLN H 368 -12.80 37.63 2.25
N VAL H 369 -11.67 37.02 2.61
CA VAL H 369 -11.16 37.07 3.98
C VAL H 369 -10.87 38.52 4.37
N PHE H 370 -10.34 39.29 3.41
CA PHE H 370 -10.11 40.71 3.65
C PHE H 370 -11.43 41.46 3.81
N ALA H 371 -12.44 41.03 3.06
CA ALA H 371 -13.77 41.62 3.18
C ALA H 371 -14.33 41.38 4.57
N LEU H 372 -13.99 40.24 5.15
CA LEU H 372 -14.36 39.93 6.52
C LEU H 372 -13.56 40.79 7.49
N ARG H 373 -12.29 41.03 7.14
CA ARG H 373 -11.39 41.82 7.96
C ARG H 373 -11.87 43.27 8.08
N LEU H 374 -12.37 43.80 6.97
CA LEU H 374 -12.87 45.17 6.94
C LEU H 374 -14.12 45.29 7.80
N GLN H 375 -14.98 44.29 7.73
CA GLN H 375 -16.19 44.25 8.54
C GLN H 375 -15.86 43.88 9.98
N ASP H 376 -14.60 43.50 10.20
CA ASP H 376 -14.10 43.11 11.52
C ASP H 376 -14.92 41.97 12.12
N LYS H 377 -15.23 40.98 11.28
CA LYS H 377 -15.96 39.79 11.73
C LYS H 377 -14.97 38.71 12.15
N LYS H 378 -14.98 38.37 13.43
CA LYS H 378 -14.01 37.43 13.99
C LYS H 378 -14.20 36.01 13.43
N LEU H 379 -13.09 35.30 13.25
CA LEU H 379 -13.13 33.93 12.79
C LEU H 379 -12.60 33.00 13.89
N PRO H 380 -13.09 31.76 13.92
CA PRO H 380 -12.63 30.73 14.85
C PRO H 380 -11.11 30.57 14.79
N PRO H 381 -10.48 30.22 15.93
CA PRO H 381 -9.03 30.20 16.09
C PRO H 381 -8.28 29.47 14.97
N LEU H 382 -8.82 28.35 14.51
CA LEU H 382 -8.19 27.58 13.43
C LEU H 382 -8.14 28.35 12.11
N LEU H 383 -9.31 28.75 11.61
CA LEU H 383 -9.38 29.47 10.34
C LEU H 383 -8.68 30.81 10.44
N SER H 384 -8.79 31.44 11.61
CA SER H 384 -8.14 32.71 11.87
C SER H 384 -6.61 32.55 11.85
N GLU H 385 -6.12 31.40 12.30
CA GLU H 385 -4.68 31.17 12.33
C GLU H 385 -4.15 30.82 10.95
N ILE H 386 -4.96 30.09 10.16
CA ILE H 386 -4.51 29.68 8.84
C ILE H 386 -4.59 30.78 7.78
N TRP H 387 -5.73 31.46 7.72
CA TRP H 387 -6.01 32.36 6.61
C TRP H 387 -5.65 33.84 6.80
N ASP H 388 -5.26 34.23 8.01
CA ASP H 388 -4.94 35.63 8.27
C ASP H 388 -3.48 35.98 8.06
N VAL H 389 -3.24 37.16 7.48
CA VAL H 389 -1.89 37.63 7.24
C VAL H 389 -1.45 38.66 8.28
N HIS I 2 -7.99 51.29 -23.02
CA HIS I 2 -9.24 51.43 -23.75
C HIS I 2 -8.99 51.85 -25.20
N LYS I 3 -8.21 52.92 -25.37
CA LYS I 3 -7.92 53.45 -26.70
C LYS I 3 -6.66 52.84 -27.31
N ILE I 4 -5.52 53.09 -26.68
CA ILE I 4 -4.20 52.72 -27.21
C ILE I 4 -4.11 51.27 -27.69
N LEU I 5 -4.54 50.34 -26.86
CA LEU I 5 -4.50 48.92 -27.20
C LEU I 5 -5.34 48.62 -28.45
N HIS I 6 -6.54 49.20 -28.49
CA HIS I 6 -7.44 49.01 -29.63
C HIS I 6 -6.85 49.62 -30.89
N ARG I 7 -6.06 50.68 -30.73
CA ARG I 7 -5.39 51.32 -31.86
C ARG I 7 -4.28 50.42 -32.39
N LEU I 8 -3.46 49.90 -31.48
CA LEU I 8 -2.32 49.07 -31.84
C LEU I 8 -2.74 47.73 -32.44
N LEU I 9 -3.88 47.22 -32.00
CA LEU I 9 -4.38 45.93 -32.49
C LEU I 9 -4.94 46.02 -33.91
N GLN I 10 -5.24 47.23 -34.36
CA GLN I 10 -5.82 47.44 -35.68
C GLN I 10 -4.74 47.65 -36.75
N ASP I 11 -3.49 47.54 -36.33
CA ASP I 11 -2.30 47.67 -37.17
C ASP I 11 -2.27 48.92 -38.05
N SER I 12 -1.78 48.76 -39.28
CA SER I 12 -1.62 49.90 -40.19
C SER I 12 -1.69 49.46 -41.65
N SER I 13 -2.19 50.35 -42.51
CA SER I 13 -2.28 50.07 -43.94
C SER I 13 -2.49 51.37 -44.73
N LYS J 1 -1.61 31.22 15.97
CA LYS J 1 -0.64 31.33 14.88
C LYS J 1 -0.40 29.99 14.18
N HIS J 2 0.72 29.35 14.48
CA HIS J 2 0.99 28.02 13.92
C HIS J 2 0.68 26.89 14.90
N LYS J 3 0.18 27.24 16.08
CA LYS J 3 -0.01 26.28 17.17
C LYS J 3 -1.00 25.15 16.86
N ILE J 4 -2.24 25.54 16.53
CA ILE J 4 -3.33 24.57 16.38
C ILE J 4 -3.05 23.53 15.31
N LEU J 5 -2.42 23.96 14.22
CA LEU J 5 -2.09 23.06 13.13
C LEU J 5 -1.14 21.97 13.60
N HIS J 6 -0.14 22.35 14.40
CA HIS J 6 0.81 21.40 14.97
C HIS J 6 0.11 20.48 15.96
N ARG J 7 -0.75 21.06 16.79
CA ARG J 7 -1.50 20.31 17.79
C ARG J 7 -2.35 19.23 17.13
N LEU J 8 -2.92 19.55 15.98
CA LEU J 8 -3.73 18.60 15.22
C LEU J 8 -2.82 17.60 14.52
N LEU J 9 -1.63 18.04 14.11
CA LEU J 9 -0.67 17.17 13.45
C LEU J 9 -0.11 16.12 14.40
N GLN J 10 -0.12 16.41 15.70
CA GLN J 10 0.30 15.43 16.68
C GLN J 10 -0.79 14.41 16.94
N ASP J 11 -1.87 14.87 17.58
CA ASP J 11 -3.03 14.03 17.88
C ASP J 11 -2.66 12.74 18.61
#